data_5TKA
# 
_entry.id   5TKA 
# 
_audit_conform.dict_name       mmcif_pdbx.dic 
_audit_conform.dict_version    5.379 
_audit_conform.dict_location   http://mmcif.pdb.org/dictionaries/ascii/mmcif_pdbx.dic 
# 
loop_
_database_2.database_id 
_database_2.database_code 
_database_2.pdbx_database_accession 
_database_2.pdbx_DOI 
PDB   5TKA         pdb_00005tka 10.2210/pdb5tka/pdb 
WWPDB D_1000224389 ?            ?                   
# 
loop_
_pdbx_database_related.db_name 
_pdbx_database_related.details 
_pdbx_database_related.db_id 
_pdbx_database_related.content_type 
PDB 'Same protein complexed with oxetanocin A diphosphate'   5TK6 unspecified 
PDB 'Same protein complexed with oxetanocin A triphosphate'  5TK7 unspecified 
PDB 'Same protein complexed with oxetanocin A monophosphate' 5TK8 unspecified 
PDB 'Same protein complexed with oxetanocin A'               5TK9 unspecified 
# 
_pdbx_database_status.status_code                     REL 
_pdbx_database_status.status_code_sf                  REL 
_pdbx_database_status.status_code_mr                  ? 
_pdbx_database_status.entry_id                        5TKA 
_pdbx_database_status.recvd_initial_deposition_date   2016-10-06 
_pdbx_database_status.SG_entry                        N 
_pdbx_database_status.deposit_site                    RCSB 
_pdbx_database_status.process_site                    RCSB 
_pdbx_database_status.status_code_cs                  ? 
_pdbx_database_status.methods_development_category    ? 
_pdbx_database_status.pdb_format_compatible           Y 
_pdbx_database_status.status_code_nmr_data            ? 
# 
loop_
_audit_author.name 
_audit_author.pdbx_ordinal 
'Bridwell-Rabb, J.' 1 
'Drennan, C.L.'     2 
# 
_citation.abstract                  ? 
_citation.abstract_id_CAS           ? 
_citation.book_id_ISBN              ? 
_citation.book_publisher            ? 
_citation.book_publisher_city       ? 
_citation.book_title                ? 
_citation.coordinate_linkage        ? 
_citation.country                   US 
_citation.database_id_Medline       ? 
_citation.details                   ? 
_citation.id                        primary 
_citation.journal_abbrev            'Proc. Natl. Acad. Sci. U.S.A.' 
_citation.journal_id_ASTM           PNASA6 
_citation.journal_id_CSD            0040 
_citation.journal_id_ISSN           1091-6490 
_citation.journal_full              ? 
_citation.journal_issue             ? 
_citation.journal_volume            113 
_citation.language                  ? 
_citation.page_first                13750 
_citation.page_last                 13755 
_citation.title                     'An HD domain phosphohydrolase active site tailored for oxetanocin-A biosynthesis.' 
_citation.year                      2016 
_citation.database_id_CSD           ? 
_citation.pdbx_database_id_DOI      10.1073/pnas.1613610113 
_citation.pdbx_database_id_PubMed   27849620 
_citation.unpublished_flag          ? 
# 
loop_
_citation_author.citation_id 
_citation_author.name 
_citation_author.ordinal 
_citation_author.identifier_ORCID 
primary 'Bridwell-Rabb, J.' 1 ? 
primary 'Kang, G.'          2 ? 
primary 'Zhong, A.'         3 ? 
primary 'Liu, H.W.'         4 ? 
primary 'Drennan, C.L.'     5 ? 
# 
_cell.entry_id           5TKA 
_cell.length_a           143.031 
_cell.length_b           143.031 
_cell.length_c           53.786 
_cell.angle_alpha        90.00 
_cell.angle_beta         90.00 
_cell.angle_gamma        120.00 
_cell.Z_PDB              18 
_cell.pdbx_unique_axis   ? 
# 
_symmetry.entry_id                         5TKA 
_symmetry.space_group_name_H-M             'H 3 2' 
_symmetry.pdbx_full_space_group_name_H-M   ? 
_symmetry.cell_setting                     ? 
_symmetry.Int_Tables_number                155 
# 
loop_
_entity.id 
_entity.type 
_entity.src_method 
_entity.pdbx_description 
_entity.formula_weight 
_entity.pdbx_number_of_molecules 
_entity.pdbx_ec 
_entity.pdbx_mutation 
_entity.pdbx_fragment 
_entity.details 
1 polymer     man 'OxsA protein'  22709.844 1  ? ? ? ? 
2 non-polymer syn 'MAGNESIUM ION' 24.305    1  ? ? ? ? 
3 non-polymer syn 1,2-ETHANEDIOL  62.068    1  ? ? ? ? 
4 water       nat water           18.015    54 ? ? ? ? 
# 
_entity_poly.entity_id                      1 
_entity_poly.type                           'polypeptide(L)' 
_entity_poly.nstd_linkage                   no 
_entity_poly.nstd_monomer                   no 
_entity_poly.pdbx_seq_one_letter_code       
;MSSLLDIIYQLRQVPRWDGSFQFEKEDVSQHSFSVIAISHILCELKETLEGKKINKEKLLLYALYHDVTEVVSTHIISPV
KKNSILKDPFNAFREQIKNSLFDNLPITLSDTLSTILNNNDLEIQEIVEHADHVDAYCKSCIEVHRGNKDFISIQRSLGD
KLDNLTKEYPYLKEFQNLFLKDFPLENKNYRYLN
;
_entity_poly.pdbx_seq_one_letter_code_can   
;MSSLLDIIYQLRQVPRWDGSFQFEKEDVSQHSFSVIAISHILCELKETLEGKKINKEKLLLYALYHDVTEVVSTHIISPV
KKNSILKDPFNAFREQIKNSLFDNLPITLSDTLSTILNNNDLEIQEIVEHADHVDAYCKSCIEVHRGNKDFISIQRSLGD
KLDNLTKEYPYLKEFQNLFLKDFPLENKNYRYLN
;
_entity_poly.pdbx_strand_id                 A 
_entity_poly.pdbx_target_identifier         ? 
# 
loop_
_entity_poly_seq.entity_id 
_entity_poly_seq.num 
_entity_poly_seq.mon_id 
_entity_poly_seq.hetero 
1 1   MET n 
1 2   SER n 
1 3   SER n 
1 4   LEU n 
1 5   LEU n 
1 6   ASP n 
1 7   ILE n 
1 8   ILE n 
1 9   TYR n 
1 10  GLN n 
1 11  LEU n 
1 12  ARG n 
1 13  GLN n 
1 14  VAL n 
1 15  PRO n 
1 16  ARG n 
1 17  TRP n 
1 18  ASP n 
1 19  GLY n 
1 20  SER n 
1 21  PHE n 
1 22  GLN n 
1 23  PHE n 
1 24  GLU n 
1 25  LYS n 
1 26  GLU n 
1 27  ASP n 
1 28  VAL n 
1 29  SER n 
1 30  GLN n 
1 31  HIS n 
1 32  SER n 
1 33  PHE n 
1 34  SER n 
1 35  VAL n 
1 36  ILE n 
1 37  ALA n 
1 38  ILE n 
1 39  SER n 
1 40  HIS n 
1 41  ILE n 
1 42  LEU n 
1 43  CYS n 
1 44  GLU n 
1 45  LEU n 
1 46  LYS n 
1 47  GLU n 
1 48  THR n 
1 49  LEU n 
1 50  GLU n 
1 51  GLY n 
1 52  LYS n 
1 53  LYS n 
1 54  ILE n 
1 55  ASN n 
1 56  LYS n 
1 57  GLU n 
1 58  LYS n 
1 59  LEU n 
1 60  LEU n 
1 61  LEU n 
1 62  TYR n 
1 63  ALA n 
1 64  LEU n 
1 65  TYR n 
1 66  HIS n 
1 67  ASP n 
1 68  VAL n 
1 69  THR n 
1 70  GLU n 
1 71  VAL n 
1 72  VAL n 
1 73  SER n 
1 74  THR n 
1 75  HIS n 
1 76  ILE n 
1 77  ILE n 
1 78  SER n 
1 79  PRO n 
1 80  VAL n 
1 81  LYS n 
1 82  LYS n 
1 83  ASN n 
1 84  SER n 
1 85  ILE n 
1 86  LEU n 
1 87  LYS n 
1 88  ASP n 
1 89  PRO n 
1 90  PHE n 
1 91  ASN n 
1 92  ALA n 
1 93  PHE n 
1 94  ARG n 
1 95  GLU n 
1 96  GLN n 
1 97  ILE n 
1 98  LYS n 
1 99  ASN n 
1 100 SER n 
1 101 LEU n 
1 102 PHE n 
1 103 ASP n 
1 104 ASN n 
1 105 LEU n 
1 106 PRO n 
1 107 ILE n 
1 108 THR n 
1 109 LEU n 
1 110 SER n 
1 111 ASP n 
1 112 THR n 
1 113 LEU n 
1 114 SER n 
1 115 THR n 
1 116 ILE n 
1 117 LEU n 
1 118 ASN n 
1 119 ASN n 
1 120 ASN n 
1 121 ASP n 
1 122 LEU n 
1 123 GLU n 
1 124 ILE n 
1 125 GLN n 
1 126 GLU n 
1 127 ILE n 
1 128 VAL n 
1 129 GLU n 
1 130 HIS n 
1 131 ALA n 
1 132 ASP n 
1 133 HIS n 
1 134 VAL n 
1 135 ASP n 
1 136 ALA n 
1 137 TYR n 
1 138 CYS n 
1 139 LYS n 
1 140 SER n 
1 141 CYS n 
1 142 ILE n 
1 143 GLU n 
1 144 VAL n 
1 145 HIS n 
1 146 ARG n 
1 147 GLY n 
1 148 ASN n 
1 149 LYS n 
1 150 ASP n 
1 151 PHE n 
1 152 ILE n 
1 153 SER n 
1 154 ILE n 
1 155 GLN n 
1 156 ARG n 
1 157 SER n 
1 158 LEU n 
1 159 GLY n 
1 160 ASP n 
1 161 LYS n 
1 162 LEU n 
1 163 ASP n 
1 164 ASN n 
1 165 LEU n 
1 166 THR n 
1 167 LYS n 
1 168 GLU n 
1 169 TYR n 
1 170 PRO n 
1 171 TYR n 
1 172 LEU n 
1 173 LYS n 
1 174 GLU n 
1 175 PHE n 
1 176 GLN n 
1 177 ASN n 
1 178 LEU n 
1 179 PHE n 
1 180 LEU n 
1 181 LYS n 
1 182 ASP n 
1 183 PHE n 
1 184 PRO n 
1 185 LEU n 
1 186 GLU n 
1 187 ASN n 
1 188 LYS n 
1 189 ASN n 
1 190 TYR n 
1 191 ARG n 
1 192 TYR n 
1 193 LEU n 
1 194 ASN n 
# 
_entity_src_gen.entity_id                          1 
_entity_src_gen.pdbx_src_id                        1 
_entity_src_gen.pdbx_alt_source_flag               sample 
_entity_src_gen.pdbx_seq_type                      'Biological sequence' 
_entity_src_gen.pdbx_beg_seq_num                   1 
_entity_src_gen.pdbx_end_seq_num                   194 
_entity_src_gen.gene_src_common_name               ? 
_entity_src_gen.gene_src_genus                     ? 
_entity_src_gen.pdbx_gene_src_gene                 oxsA 
_entity_src_gen.gene_src_species                   ? 
_entity_src_gen.gene_src_strain                    ? 
_entity_src_gen.gene_src_tissue                    ? 
_entity_src_gen.gene_src_tissue_fraction           ? 
_entity_src_gen.gene_src_details                   ? 
_entity_src_gen.pdbx_gene_src_fragment             ? 
_entity_src_gen.pdbx_gene_src_scientific_name      'Bacillus megaterium' 
_entity_src_gen.pdbx_gene_src_ncbi_taxonomy_id     1404 
_entity_src_gen.pdbx_gene_src_variant              ? 
_entity_src_gen.pdbx_gene_src_cell_line            ? 
_entity_src_gen.pdbx_gene_src_atcc                 ? 
_entity_src_gen.pdbx_gene_src_organ                ? 
_entity_src_gen.pdbx_gene_src_organelle            ? 
_entity_src_gen.pdbx_gene_src_cell                 ? 
_entity_src_gen.pdbx_gene_src_cellular_location    ? 
_entity_src_gen.host_org_common_name               ? 
_entity_src_gen.pdbx_host_org_scientific_name      'Escherichia coli' 
_entity_src_gen.pdbx_host_org_ncbi_taxonomy_id     469008 
_entity_src_gen.host_org_genus                     ? 
_entity_src_gen.pdbx_host_org_gene                 ? 
_entity_src_gen.pdbx_host_org_organ                ? 
_entity_src_gen.host_org_species                   ? 
_entity_src_gen.pdbx_host_org_tissue               ? 
_entity_src_gen.pdbx_host_org_tissue_fraction      ? 
_entity_src_gen.pdbx_host_org_strain               'BL21 STAR (DE3)' 
_entity_src_gen.pdbx_host_org_variant              ? 
_entity_src_gen.pdbx_host_org_cell_line            ? 
_entity_src_gen.pdbx_host_org_atcc                 ? 
_entity_src_gen.pdbx_host_org_culture_collection   ? 
_entity_src_gen.pdbx_host_org_cell                 'E. coli BL21 star (DE3)' 
_entity_src_gen.pdbx_host_org_organelle            ? 
_entity_src_gen.pdbx_host_org_cellular_location    ? 
_entity_src_gen.pdbx_host_org_vector_type          'pET24b(+)' 
_entity_src_gen.pdbx_host_org_vector               ? 
_entity_src_gen.host_org_details                   ? 
_entity_src_gen.expression_system_id               ? 
_entity_src_gen.plasmid_name                       ? 
_entity_src_gen.plasmid_details                    ? 
_entity_src_gen.pdbx_description                   ? 
# 
_struct_ref.id                         1 
_struct_ref.db_name                    UNP 
_struct_ref.db_code                    O24769_BACME 
_struct_ref.pdbx_db_accession          O24769 
_struct_ref.pdbx_db_isoform            ? 
_struct_ref.entity_id                  1 
_struct_ref.pdbx_seq_one_letter_code   
;MSSLLDIIYQLRQVPRWDGSFQFEKEDVSQHSFSVIAISHILCELKETLEGKKINKEKLLLYALYHDVTEVVSTHIISPV
KKNSILKDPFNAFREQIKNSLFDNLPITLSDTLSTILNNNDLEIQEIVEHADHVDAYCKSCIEVHRGNKDFISIQRSLGD
KLDNLTKEYPYLKEFQNLFLKDFPLENKNYRYLN
;
_struct_ref.pdbx_align_begin           1 
# 
_struct_ref_seq.align_id                      1 
_struct_ref_seq.ref_id                        1 
_struct_ref_seq.pdbx_PDB_id_code              5TKA 
_struct_ref_seq.pdbx_strand_id                A 
_struct_ref_seq.seq_align_beg                 1 
_struct_ref_seq.pdbx_seq_align_beg_ins_code   ? 
_struct_ref_seq.seq_align_end                 194 
_struct_ref_seq.pdbx_seq_align_end_ins_code   ? 
_struct_ref_seq.pdbx_db_accession             O24769 
_struct_ref_seq.db_align_beg                  1 
_struct_ref_seq.pdbx_db_align_beg_ins_code    ? 
_struct_ref_seq.db_align_end                  194 
_struct_ref_seq.pdbx_db_align_end_ins_code    ? 
_struct_ref_seq.pdbx_auth_seq_align_beg       1 
_struct_ref_seq.pdbx_auth_seq_align_end       194 
# 
loop_
_chem_comp.id 
_chem_comp.type 
_chem_comp.mon_nstd_flag 
_chem_comp.name 
_chem_comp.pdbx_synonyms 
_chem_comp.formula 
_chem_comp.formula_weight 
ALA 'L-peptide linking' y ALANINE         ?                 'C3 H7 N O2'     89.093  
ARG 'L-peptide linking' y ARGININE        ?                 'C6 H15 N4 O2 1' 175.209 
ASN 'L-peptide linking' y ASPARAGINE      ?                 'C4 H8 N2 O3'    132.118 
ASP 'L-peptide linking' y 'ASPARTIC ACID' ?                 'C4 H7 N O4'     133.103 
CYS 'L-peptide linking' y CYSTEINE        ?                 'C3 H7 N O2 S'   121.158 
EDO non-polymer         . 1,2-ETHANEDIOL  'ETHYLENE GLYCOL' 'C2 H6 O2'       62.068  
GLN 'L-peptide linking' y GLUTAMINE       ?                 'C5 H10 N2 O3'   146.144 
GLU 'L-peptide linking' y 'GLUTAMIC ACID' ?                 'C5 H9 N O4'     147.129 
GLY 'peptide linking'   y GLYCINE         ?                 'C2 H5 N O2'     75.067  
HIS 'L-peptide linking' y HISTIDINE       ?                 'C6 H10 N3 O2 1' 156.162 
HOH non-polymer         . WATER           ?                 'H2 O'           18.015  
ILE 'L-peptide linking' y ISOLEUCINE      ?                 'C6 H13 N O2'    131.173 
LEU 'L-peptide linking' y LEUCINE         ?                 'C6 H13 N O2'    131.173 
LYS 'L-peptide linking' y LYSINE          ?                 'C6 H15 N2 O2 1' 147.195 
MET 'L-peptide linking' y METHIONINE      ?                 'C5 H11 N O2 S'  149.211 
MG  non-polymer         . 'MAGNESIUM ION' ?                 'Mg 2'           24.305  
PHE 'L-peptide linking' y PHENYLALANINE   ?                 'C9 H11 N O2'    165.189 
PRO 'L-peptide linking' y PROLINE         ?                 'C5 H9 N O2'     115.130 
SER 'L-peptide linking' y SERINE          ?                 'C3 H7 N O3'     105.093 
THR 'L-peptide linking' y THREONINE       ?                 'C4 H9 N O3'     119.119 
TRP 'L-peptide linking' y TRYPTOPHAN      ?                 'C11 H12 N2 O2'  204.225 
TYR 'L-peptide linking' y TYROSINE        ?                 'C9 H11 N O3'    181.189 
VAL 'L-peptide linking' y VALINE          ?                 'C5 H11 N O2'    117.146 
# 
_exptl.absorpt_coefficient_mu     ? 
_exptl.absorpt_correction_T_max   ? 
_exptl.absorpt_correction_T_min   ? 
_exptl.absorpt_correction_type    ? 
_exptl.absorpt_process_details    ? 
_exptl.entry_id                   5TKA 
_exptl.crystals_number            1 
_exptl.details                    ? 
_exptl.method                     'X-RAY DIFFRACTION' 
_exptl.method_details             ? 
# 
_exptl_crystal.colour                      ? 
_exptl_crystal.density_diffrn              ? 
_exptl_crystal.density_Matthews            2.33 
_exptl_crystal.density_method              ? 
_exptl_crystal.density_percent_sol         47.24 
_exptl_crystal.description                 ? 
_exptl_crystal.F_000                       ? 
_exptl_crystal.id                          1 
_exptl_crystal.preparation                 ? 
_exptl_crystal.size_max                    ? 
_exptl_crystal.size_mid                    ? 
_exptl_crystal.size_min                    ? 
_exptl_crystal.size_rad                    ? 
_exptl_crystal.colour_lustre               ? 
_exptl_crystal.colour_modifier             ? 
_exptl_crystal.colour_primary              ? 
_exptl_crystal.density_meas                ? 
_exptl_crystal.density_meas_esd            ? 
_exptl_crystal.density_meas_gt             ? 
_exptl_crystal.density_meas_lt             ? 
_exptl_crystal.density_meas_temp           ? 
_exptl_crystal.density_meas_temp_esd       ? 
_exptl_crystal.density_meas_temp_gt        ? 
_exptl_crystal.density_meas_temp_lt        ? 
_exptl_crystal.pdbx_crystal_image_url      ? 
_exptl_crystal.pdbx_crystal_image_format   ? 
_exptl_crystal.pdbx_mosaicity              ? 
_exptl_crystal.pdbx_mosaicity_esd          ? 
# 
_exptl_crystal_grow.apparatus       ? 
_exptl_crystal_grow.atmosphere      ? 
_exptl_crystal_grow.crystal_id      1 
_exptl_crystal_grow.details         ? 
_exptl_crystal_grow.method          'VAPOR DIFFUSION, HANGING DROP' 
_exptl_crystal_grow.method_ref      ? 
_exptl_crystal_grow.pH              8.0 
_exptl_crystal_grow.pressure        ? 
_exptl_crystal_grow.pressure_esd    ? 
_exptl_crystal_grow.seeding         ? 
_exptl_crystal_grow.seeding_ref     ? 
_exptl_crystal_grow.temp            298 
_exptl_crystal_grow.temp_details    'room temperature' 
_exptl_crystal_grow.temp_esd        ? 
_exptl_crystal_grow.time            ? 
_exptl_crystal_grow.pdbx_details    '0.1 M TRIS hydrochloride (pH 8.5), 0.2 M magnesium chloride hexahydrate, 15% w/v PEG 4000' 
_exptl_crystal_grow.pdbx_pH_range   ? 
# 
_diffrn.ambient_environment    ? 
_diffrn.ambient_temp           100 
_diffrn.ambient_temp_details   ? 
_diffrn.ambient_temp_esd       ? 
_diffrn.crystal_id             1 
_diffrn.crystal_support        ? 
_diffrn.crystal_treatment      ? 
_diffrn.details                ? 
_diffrn.id                     1 
_diffrn.ambient_pressure       ? 
_diffrn.ambient_pressure_esd   ? 
_diffrn.ambient_pressure_gt    ? 
_diffrn.ambient_pressure_lt    ? 
_diffrn.ambient_temp_gt        ? 
_diffrn.ambient_temp_lt        ? 
# 
_diffrn_detector.details                      ? 
_diffrn_detector.detector                     PIXEL 
_diffrn_detector.diffrn_id                    1 
_diffrn_detector.type                         'DECTRIS PILATUS 6M' 
_diffrn_detector.area_resol_mean              ? 
_diffrn_detector.dtime                        ? 
_diffrn_detector.pdbx_frames_total            ? 
_diffrn_detector.pdbx_collection_time_total   ? 
_diffrn_detector.pdbx_collection_date         2014-06-25 
# 
_diffrn_radiation.collimation                      ? 
_diffrn_radiation.diffrn_id                        1 
_diffrn_radiation.filter_edge                      ? 
_diffrn_radiation.inhomogeneity                    ? 
_diffrn_radiation.monochromator                    ? 
_diffrn_radiation.polarisn_norm                    ? 
_diffrn_radiation.polarisn_ratio                   ? 
_diffrn_radiation.probe                            ? 
_diffrn_radiation.type                             ? 
_diffrn_radiation.xray_symbol                      ? 
_diffrn_radiation.wavelength_id                    1 
_diffrn_radiation.pdbx_monochromatic_or_laue_m_l   M 
_diffrn_radiation.pdbx_wavelength_list             ? 
_diffrn_radiation.pdbx_wavelength                  ? 
_diffrn_radiation.pdbx_diffrn_protocol             'SINGLE WAVELENGTH' 
_diffrn_radiation.pdbx_analyzer                    ? 
_diffrn_radiation.pdbx_scattering_type             x-ray 
# 
_diffrn_radiation_wavelength.id           1 
_diffrn_radiation_wavelength.wavelength   0.9795 
_diffrn_radiation_wavelength.wt           1.0 
# 
_diffrn_source.current                     ? 
_diffrn_source.details                     ? 
_diffrn_source.diffrn_id                   1 
_diffrn_source.power                       ? 
_diffrn_source.size                        ? 
_diffrn_source.source                      SYNCHROTRON 
_diffrn_source.target                      ? 
_diffrn_source.type                        'SSRL BEAMLINE BL12-2' 
_diffrn_source.voltage                     ? 
_diffrn_source.take-off_angle              ? 
_diffrn_source.pdbx_wavelength_list        0.9795 
_diffrn_source.pdbx_wavelength             ? 
_diffrn_source.pdbx_synchrotron_beamline   BL12-2 
_diffrn_source.pdbx_synchrotron_site       SSRL 
# 
_reflns.B_iso_Wilson_estimate            ? 
_reflns.entry_id                         5TKA 
_reflns.data_reduction_details           ? 
_reflns.data_reduction_method            ? 
_reflns.d_resolution_high                2.048 
_reflns.d_resolution_low                 28.953 
_reflns.details                          ? 
_reflns.limit_h_max                      ? 
_reflns.limit_h_min                      ? 
_reflns.limit_k_max                      ? 
_reflns.limit_k_min                      ? 
_reflns.limit_l_max                      ? 
_reflns.limit_l_min                      ? 
_reflns.number_all                       ? 
_reflns.number_obs                       13290 
_reflns.observed_criterion               ? 
_reflns.observed_criterion_F_max         ? 
_reflns.observed_criterion_F_min         ? 
_reflns.observed_criterion_I_max         ? 
_reflns.observed_criterion_I_min         ? 
_reflns.observed_criterion_sigma_F       ? 
_reflns.observed_criterion_sigma_I       ? 
_reflns.percent_possible_obs             99.7 
_reflns.R_free_details                   ? 
_reflns.Rmerge_F_all                     ? 
_reflns.Rmerge_F_obs                     ? 
_reflns.Friedel_coverage                 ? 
_reflns.number_gt                        ? 
_reflns.threshold_expression             ? 
_reflns.pdbx_redundancy                  8.9 
_reflns.pdbx_Rmerge_I_obs                0.055 
_reflns.pdbx_Rmerge_I_all                ? 
_reflns.pdbx_Rsym_value                  ? 
_reflns.pdbx_netI_over_av_sigmaI         ? 
_reflns.pdbx_netI_over_sigmaI            40 
_reflns.pdbx_res_netI_over_av_sigmaI_2   ? 
_reflns.pdbx_res_netI_over_sigmaI_2      ? 
_reflns.pdbx_chi_squared                 ? 
_reflns.pdbx_scaling_rejects             ? 
_reflns.pdbx_d_res_high_opt              ? 
_reflns.pdbx_d_res_low_opt               ? 
_reflns.pdbx_d_res_opt_method            ? 
_reflns.phase_calculation_details        ? 
_reflns.pdbx_Rrim_I_all                  ? 
_reflns.pdbx_Rpim_I_all                  ? 
_reflns.pdbx_d_opt                       ? 
_reflns.pdbx_number_measured_all         ? 
_reflns.pdbx_diffrn_id                   1 
_reflns.pdbx_ordinal                     1 
_reflns.pdbx_CC_half                     ? 
_reflns.pdbx_R_split                     ? 
# 
_reflns_shell.d_res_high                  2.048 
_reflns_shell.d_res_low                   2.12 
_reflns_shell.meanI_over_sigI_all         ? 
_reflns_shell.meanI_over_sigI_obs         1.9 
_reflns_shell.number_measured_all         ? 
_reflns_shell.number_measured_obs         ? 
_reflns_shell.number_possible             ? 
_reflns_shell.number_unique_all           ? 
_reflns_shell.number_unique_obs           ? 
_reflns_shell.percent_possible_all        97.0 
_reflns_shell.percent_possible_obs        ? 
_reflns_shell.Rmerge_F_all                ? 
_reflns_shell.Rmerge_F_obs                ? 
_reflns_shell.Rmerge_I_all                ? 
_reflns_shell.Rmerge_I_obs                0.61 
_reflns_shell.meanI_over_sigI_gt          ? 
_reflns_shell.meanI_over_uI_all           ? 
_reflns_shell.meanI_over_uI_gt            ? 
_reflns_shell.number_measured_gt          ? 
_reflns_shell.number_unique_gt            ? 
_reflns_shell.percent_possible_gt         ? 
_reflns_shell.Rmerge_F_gt                 ? 
_reflns_shell.Rmerge_I_gt                 ? 
_reflns_shell.pdbx_redundancy             4.7 
_reflns_shell.pdbx_Rsym_value             ? 
_reflns_shell.pdbx_chi_squared            ? 
_reflns_shell.pdbx_netI_over_sigmaI_all   ? 
_reflns_shell.pdbx_netI_over_sigmaI_obs   ? 
_reflns_shell.pdbx_Rrim_I_all             ? 
_reflns_shell.pdbx_Rpim_I_all             ? 
_reflns_shell.pdbx_rejects                ? 
_reflns_shell.pdbx_ordinal                1 
_reflns_shell.pdbx_diffrn_id              1 
_reflns_shell.pdbx_CC_half                0.724 
_reflns_shell.pdbx_R_split                ? 
# 
_refine.pdbx_refine_id                           'X-RAY DIFFRACTION' 
_refine.entry_id                                 5TKA 
_refine.pdbx_diffrn_id                           1 
_refine.pdbx_TLS_residual_ADP_flag               ? 
_refine.ls_number_reflns_obs                     13276 
_refine.ls_number_reflns_all                     ? 
_refine.pdbx_ls_sigma_I                          ? 
_refine.pdbx_ls_sigma_F                          1.38 
_refine.pdbx_data_cutoff_high_absF               ? 
_refine.pdbx_data_cutoff_low_absF                ? 
_refine.pdbx_data_cutoff_high_rms_absF           ? 
_refine.ls_d_res_low                             28.953 
_refine.ls_d_res_high                            2.048 
_refine.ls_percent_reflns_obs                    99.51 
_refine.ls_R_factor_obs                          0.2087 
_refine.ls_R_factor_all                          ? 
_refine.ls_R_factor_R_work                       0.2063 
_refine.ls_R_factor_R_free                       0.2539 
_refine.ls_R_factor_R_free_error                 ? 
_refine.ls_R_factor_R_free_error_details         ? 
_refine.ls_percent_reflns_R_free                 5.01 
_refine.ls_number_reflns_R_free                  665 
_refine.ls_number_parameters                     ? 
_refine.ls_number_restraints                     ? 
_refine.occupancy_min                            ? 
_refine.occupancy_max                            ? 
_refine.correlation_coeff_Fo_to_Fc               ? 
_refine.correlation_coeff_Fo_to_Fc_free          ? 
_refine.B_iso_mean                               ? 
_refine.aniso_B[1][1]                            ? 
_refine.aniso_B[2][2]                            ? 
_refine.aniso_B[3][3]                            ? 
_refine.aniso_B[1][2]                            ? 
_refine.aniso_B[1][3]                            ? 
_refine.aniso_B[2][3]                            ? 
_refine.solvent_model_details                    'FLAT BULK SOLVENT MODEL' 
_refine.solvent_model_param_ksol                 ? 
_refine.solvent_model_param_bsol                 ? 
_refine.pdbx_solvent_vdw_probe_radii             1.11 
_refine.pdbx_solvent_ion_probe_radii             ? 
_refine.pdbx_solvent_shrinkage_radii             0.90 
_refine.pdbx_ls_cross_valid_method               'FREE R-VALUE' 
_refine.details                                  ? 
_refine.pdbx_starting_model                      2PAR 
_refine.pdbx_method_to_determine_struct          'MOLECULAR REPLACEMENT' 
_refine.pdbx_isotropic_thermal_model             ? 
_refine.pdbx_stereochemistry_target_values       ML 
_refine.pdbx_stereochem_target_val_spec_case     ? 
_refine.pdbx_R_Free_selection_details            ? 
_refine.pdbx_overall_ESU_R                       ? 
_refine.pdbx_overall_ESU_R_Free                  ? 
_refine.overall_SU_ML                            0.25 
_refine.pdbx_overall_phase_error                 28.34 
_refine.overall_SU_B                             ? 
_refine.overall_SU_R_Cruickshank_DPI             ? 
_refine.pdbx_overall_SU_R_free_Cruickshank_DPI   ? 
_refine.pdbx_overall_SU_R_Blow_DPI               ? 
_refine.pdbx_overall_SU_R_free_Blow_DPI          ? 
# 
_refine_hist.pdbx_refine_id                   'X-RAY DIFFRACTION' 
_refine_hist.cycle_id                         LAST 
_refine_hist.pdbx_number_atoms_protein        1373 
_refine_hist.pdbx_number_atoms_nucleic_acid   0 
_refine_hist.pdbx_number_atoms_ligand         5 
_refine_hist.number_atoms_solvent             54 
_refine_hist.number_atoms_total               1432 
_refine_hist.d_res_high                       2.048 
_refine_hist.d_res_low                        28.953 
# 
loop_
_refine_ls_restr.type 
_refine_ls_restr.dev_ideal 
_refine_ls_restr.dev_ideal_target 
_refine_ls_restr.weight 
_refine_ls_restr.number 
_refine_ls_restr.pdbx_refine_id 
_refine_ls_restr.pdbx_restraint_function 
f_bond_d           0.004  ? ? 1408 'X-RAY DIFFRACTION' ? 
f_angle_d          0.428  ? ? 1895 'X-RAY DIFFRACTION' ? 
f_dihedral_angle_d 12.099 ? ? 849  'X-RAY DIFFRACTION' ? 
f_chiral_restr     0.034  ? ? 215  'X-RAY DIFFRACTION' ? 
f_plane_restr      0.002  ? ? 241  'X-RAY DIFFRACTION' ? 
# 
loop_
_refine_ls_shell.pdbx_refine_id 
_refine_ls_shell.pdbx_total_number_of_bins_used 
_refine_ls_shell.d_res_high 
_refine_ls_shell.d_res_low 
_refine_ls_shell.number_reflns_R_work 
_refine_ls_shell.R_factor_R_work 
_refine_ls_shell.percent_reflns_obs 
_refine_ls_shell.R_factor_R_free 
_refine_ls_shell.R_factor_R_free_error 
_refine_ls_shell.percent_reflns_R_free 
_refine_ls_shell.number_reflns_R_free 
_refine_ls_shell.number_reflns_all 
_refine_ls_shell.R_factor_all 
_refine_ls_shell.R_factor_obs 
_refine_ls_shell.number_reflns_obs 
'X-RAY DIFFRACTION' . 2.0479 2.2060  2458 0.2579 98.00  0.3146 . . 130 . . . . 
'X-RAY DIFFRACTION' . 2.2060 2.4279  2515 0.2213 100.00 0.2858 . . 132 . . . . 
'X-RAY DIFFRACTION' . 2.4279 2.7790  2513 0.2132 100.00 0.2402 . . 132 . . . . 
'X-RAY DIFFRACTION' . 2.7790 3.5003  2534 0.2255 100.00 0.2665 . . 133 . . . . 
'X-RAY DIFFRACTION' . 3.5003 28.9557 2591 0.1891 100.00 0.2410 . . 138 . . . . 
# 
_struct.entry_id                     5TKA 
_struct.title                        'Structure of the HD-domain phosphohydrolase OxsA' 
_struct.pdbx_model_details           ? 
_struct.pdbx_formula_weight          ? 
_struct.pdbx_formula_weight_method   ? 
_struct.pdbx_model_type_details      ? 
_struct.pdbx_CASP_flag               N 
# 
_struct_keywords.entry_id        5TKA 
_struct_keywords.text            'Oxetanocin, HD-domain phosphohydrolase, metalloprotein, METAL BINDING PROTEIN' 
_struct_keywords.pdbx_keywords   'METAL BINDING PROTEIN' 
# 
loop_
_struct_asym.id 
_struct_asym.pdbx_blank_PDB_chainid_flag 
_struct_asym.pdbx_modified 
_struct_asym.entity_id 
_struct_asym.details 
A N N 1 ? 
B N N 2 ? 
C N N 3 ? 
D N N 4 ? 
# 
loop_
_struct_conf.conf_type_id 
_struct_conf.id 
_struct_conf.pdbx_PDB_helix_id 
_struct_conf.beg_label_comp_id 
_struct_conf.beg_label_asym_id 
_struct_conf.beg_label_seq_id 
_struct_conf.pdbx_beg_PDB_ins_code 
_struct_conf.end_label_comp_id 
_struct_conf.end_label_asym_id 
_struct_conf.end_label_seq_id 
_struct_conf.pdbx_end_PDB_ins_code 
_struct_conf.beg_auth_comp_id 
_struct_conf.beg_auth_asym_id 
_struct_conf.beg_auth_seq_id 
_struct_conf.end_auth_comp_id 
_struct_conf.end_auth_asym_id 
_struct_conf.end_auth_seq_id 
_struct_conf.pdbx_PDB_helix_class 
_struct_conf.details 
_struct_conf.pdbx_PDB_helix_length 
HELX_P HELX_P1  AA1 SER A 3   ? LEU A 11  ? SER A 3   LEU A 11  1 ? 9  
HELX_P HELX_P2  AA2 ARG A 12  ? VAL A 14  ? ARG A 12  VAL A 14  5 ? 3  
HELX_P HELX_P3  AA3 ASP A 27  ? GLY A 51  ? ASP A 27  GLY A 51  1 ? 25 
HELX_P HELX_P4  AA4 ASN A 55  ? TYR A 65  ? ASN A 55  TYR A 65  1 ? 11 
HELX_P HELX_P5  AA5 THR A 69  ? THR A 74  ? THR A 69  THR A 74  1 ? 6  
HELX_P HELX_P6  AA6 PRO A 106 ? ASN A 118 ? PRO A 106 ASN A 118 1 ? 13 
HELX_P HELX_P7  AA7 ASP A 121 ? GLY A 147 ? ASP A 121 GLY A 147 1 ? 27 
HELX_P HELX_P8  AA8 ASN A 148 ? ASP A 150 ? ASN A 148 ASP A 150 5 ? 3  
HELX_P HELX_P9  AA9 PHE A 151 ? TYR A 169 ? PHE A 151 TYR A 169 1 ? 19 
HELX_P HELX_P10 AB1 TYR A 169 ? PHE A 179 ? TYR A 169 PHE A 179 1 ? 11 
# 
_struct_conf_type.id          HELX_P 
_struct_conf_type.criteria    ? 
_struct_conf_type.reference   ? 
# 
loop_
_struct_conn.id 
_struct_conn.conn_type_id 
_struct_conn.pdbx_leaving_atom_flag 
_struct_conn.pdbx_PDB_id 
_struct_conn.ptnr1_label_asym_id 
_struct_conn.ptnr1_label_comp_id 
_struct_conn.ptnr1_label_seq_id 
_struct_conn.ptnr1_label_atom_id 
_struct_conn.pdbx_ptnr1_label_alt_id 
_struct_conn.pdbx_ptnr1_PDB_ins_code 
_struct_conn.pdbx_ptnr1_standard_comp_id 
_struct_conn.ptnr1_symmetry 
_struct_conn.ptnr2_label_asym_id 
_struct_conn.ptnr2_label_comp_id 
_struct_conn.ptnr2_label_seq_id 
_struct_conn.ptnr2_label_atom_id 
_struct_conn.pdbx_ptnr2_label_alt_id 
_struct_conn.pdbx_ptnr2_PDB_ins_code 
_struct_conn.ptnr1_auth_asym_id 
_struct_conn.ptnr1_auth_comp_id 
_struct_conn.ptnr1_auth_seq_id 
_struct_conn.ptnr2_auth_asym_id 
_struct_conn.ptnr2_auth_comp_id 
_struct_conn.ptnr2_auth_seq_id 
_struct_conn.ptnr2_symmetry 
_struct_conn.pdbx_ptnr3_label_atom_id 
_struct_conn.pdbx_ptnr3_label_seq_id 
_struct_conn.pdbx_ptnr3_label_comp_id 
_struct_conn.pdbx_ptnr3_label_asym_id 
_struct_conn.pdbx_ptnr3_label_alt_id 
_struct_conn.pdbx_ptnr3_PDB_ins_code 
_struct_conn.details 
_struct_conn.pdbx_dist_value 
_struct_conn.pdbx_value_order 
_struct_conn.pdbx_role 
metalc1 metalc ? ? A HIS 31  NE2 ? ? ? 1_555 B MG  . MG ? ? A HIS 31  A MG  201 1_555 ? ? ? ? ? ? ? 2.238 ? ? 
metalc2 metalc ? ? A HIS 66  NE2 ? ? ? 1_555 B MG  . MG ? ? A HIS 66  A MG  201 1_555 ? ? ? ? ? ? ? 2.206 ? ? 
metalc3 metalc ? ? A ASP 67  OD2 ? ? ? 1_555 B MG  . MG ? ? A ASP 67  A MG  201 1_555 ? ? ? ? ? ? ? 2.089 ? ? 
metalc4 metalc ? ? A ASP 132 OD1 ? ? ? 1_555 B MG  . MG ? ? A ASP 132 A MG  201 1_555 ? ? ? ? ? ? ? 2.123 ? ? 
metalc5 metalc ? ? B MG  .   MG  ? ? ? 1_555 D HOH . O  ? ? A MG  201 A HOH 306 1_555 ? ? ? ? ? ? ? 1.935 ? ? 
metalc6 metalc ? ? B MG  .   MG  ? ? ? 1_555 D HOH . O  ? ? A MG  201 A HOH 311 1_555 ? ? ? ? ? ? ? 1.921 ? ? 
# 
_struct_conn_type.id          metalc 
_struct_conn_type.criteria    ? 
_struct_conn_type.reference   ? 
# 
_struct_mon_prot_cis.pdbx_id                1 
_struct_mon_prot_cis.label_comp_id          PHE 
_struct_mon_prot_cis.label_seq_id           183 
_struct_mon_prot_cis.label_asym_id          A 
_struct_mon_prot_cis.label_alt_id           . 
_struct_mon_prot_cis.pdbx_PDB_ins_code      ? 
_struct_mon_prot_cis.auth_comp_id           PHE 
_struct_mon_prot_cis.auth_seq_id            183 
_struct_mon_prot_cis.auth_asym_id           A 
_struct_mon_prot_cis.pdbx_label_comp_id_2   PRO 
_struct_mon_prot_cis.pdbx_label_seq_id_2    184 
_struct_mon_prot_cis.pdbx_label_asym_id_2   A 
_struct_mon_prot_cis.pdbx_PDB_ins_code_2    ? 
_struct_mon_prot_cis.pdbx_auth_comp_id_2    PRO 
_struct_mon_prot_cis.pdbx_auth_seq_id_2     184 
_struct_mon_prot_cis.pdbx_auth_asym_id_2    A 
_struct_mon_prot_cis.pdbx_PDB_model_num     1 
_struct_mon_prot_cis.pdbx_omega_angle       -2.31 
# 
loop_
_struct_site.id 
_struct_site.pdbx_evidence_code 
_struct_site.pdbx_auth_asym_id 
_struct_site.pdbx_auth_comp_id 
_struct_site.pdbx_auth_seq_id 
_struct_site.pdbx_auth_ins_code 
_struct_site.pdbx_num_residues 
_struct_site.details 
AC1 Software A MG  201 ? 6 'binding site for residue MG A 201'  
AC2 Software A EDO 202 ? 5 'binding site for residue EDO A 202' 
# 
loop_
_struct_site_gen.id 
_struct_site_gen.site_id 
_struct_site_gen.pdbx_num_res 
_struct_site_gen.label_comp_id 
_struct_site_gen.label_asym_id 
_struct_site_gen.label_seq_id 
_struct_site_gen.pdbx_auth_ins_code 
_struct_site_gen.auth_comp_id 
_struct_site_gen.auth_asym_id 
_struct_site_gen.auth_seq_id 
_struct_site_gen.label_atom_id 
_struct_site_gen.label_alt_id 
_struct_site_gen.symmetry 
_struct_site_gen.details 
1  AC1 6 HIS A 31  ? HIS A 31  . ? 1_555 ? 
2  AC1 6 HIS A 66  ? HIS A 66  . ? 1_555 ? 
3  AC1 6 ASP A 67  ? ASP A 67  . ? 1_555 ? 
4  AC1 6 ASP A 132 ? ASP A 132 . ? 1_555 ? 
5  AC1 6 HOH D .   ? HOH A 306 . ? 1_555 ? 
6  AC1 6 HOH D .   ? HOH A 311 . ? 1_555 ? 
7  AC2 5 TYR A 137 ? TYR A 137 . ? 1_555 ? 
8  AC2 5 GLY A 159 ? GLY A 159 . ? 1_555 ? 
9  AC2 5 ASP A 163 ? ASP A 163 . ? 1_555 ? 
10 AC2 5 GLN A 176 ? GLN A 176 . ? 1_555 ? 
11 AC2 5 HOH D .   ? HOH A 310 . ? 1_555 ? 
# 
_atom_sites.entry_id                    5TKA 
_atom_sites.fract_transf_matrix[1][1]   0.00294299 
_atom_sites.fract_transf_matrix[1][2]   0.00039021 
_atom_sites.fract_transf_matrix[1][3]   -0.00750720 
_atom_sites.fract_transf_matrix[2][1]   0.00242513 
_atom_sites.fract_transf_matrix[2][2]   -0.00673064 
_atom_sites.fract_transf_matrix[2][3]   -0.00374040 
_atom_sites.fract_transf_matrix[3][1]   -0.01712588 
_atom_sites.fract_transf_matrix[3][2]   -0.00237116 
_atom_sites.fract_transf_matrix[3][3]   -0.00683698 
_atom_sites.fract_transf_vector[1]      -0.056226 
_atom_sites.fract_transf_vector[2]      -0.191048 
_atom_sites.fract_transf_vector[3]      -0.380743 
# 
loop_
_atom_type.symbol 
C  
MG 
N  
O  
S  
# 
loop_
_atom_site.group_PDB 
_atom_site.id 
_atom_site.type_symbol 
_atom_site.label_atom_id 
_atom_site.label_alt_id 
_atom_site.label_comp_id 
_atom_site.label_asym_id 
_atom_site.label_entity_id 
_atom_site.label_seq_id 
_atom_site.pdbx_PDB_ins_code 
_atom_site.Cartn_x 
_atom_site.Cartn_y 
_atom_site.Cartn_z 
_atom_site.occupancy 
_atom_site.B_iso_or_equiv 
_atom_site.pdbx_formal_charge 
_atom_site.auth_seq_id 
_atom_site.auth_comp_id 
_atom_site.auth_asym_id 
_atom_site.auth_atom_id 
_atom_site.pdbx_PDB_model_num 
ATOM   1    N  N   . SER A 1 2   ? 23.894  4.799   10.527  1.00 50.73 ? 2   SER A N   1 
ATOM   2    C  CA  . SER A 1 2   ? 22.450  4.696   10.353  1.00 51.11 ? 2   SER A CA  1 
ATOM   3    C  C   . SER A 1 2   ? 22.057  3.352   9.756   1.00 47.64 ? 2   SER A C   1 
ATOM   4    O  O   . SER A 1 2   ? 22.694  2.866   8.823   1.00 49.18 ? 2   SER A O   1 
ATOM   5    C  CB  . SER A 1 2   ? 21.931  5.827   9.464   1.00 50.86 ? 2   SER A CB  1 
ATOM   6    O  OG  . SER A 1 2   ? 20.536  5.699   9.243   1.00 52.43 ? 2   SER A OG  1 
ATOM   7    N  N   . SER A 1 3   ? 21.002  2.758   10.301  1.00 48.57 ? 3   SER A N   1 
ATOM   8    C  CA  . SER A 1 3   ? 20.487  1.489   9.811   1.00 48.43 ? 3   SER A CA  1 
ATOM   9    C  C   . SER A 1 3   ? 19.398  1.666   8.760   1.00 42.97 ? 3   SER A C   1 
ATOM   10   O  O   . SER A 1 3   ? 18.714  0.693   8.428   1.00 43.74 ? 3   SER A O   1 
ATOM   11   C  CB  . SER A 1 3   ? 19.948  0.659   10.976  1.00 49.51 ? 3   SER A CB  1 
ATOM   12   O  OG  . SER A 1 3   ? 18.872  1.331   11.606  1.00 56.85 ? 3   SER A OG  1 
ATOM   13   N  N   . LEU A 1 4   ? 19.230  2.879   8.229   1.00 40.89 ? 4   LEU A N   1 
ATOM   14   C  CA  . LEU A 1 4   ? 18.118  3.150   7.323   1.00 44.99 ? 4   LEU A CA  1 
ATOM   15   C  C   . LEU A 1 4   ? 18.220  2.314   6.053   1.00 41.58 ? 4   LEU A C   1 
ATOM   16   O  O   . LEU A 1 4   ? 17.243  1.684   5.632   1.00 38.52 ? 4   LEU A O   1 
ATOM   17   C  CB  . LEU A 1 4   ? 18.068  4.640   6.982   1.00 41.93 ? 4   LEU A CB  1 
ATOM   18   C  CG  . LEU A 1 4   ? 16.955  5.047   6.014   1.00 44.48 ? 4   LEU A CG  1 
ATOM   19   C  CD1 . LEU A 1 4   ? 15.596  4.643   6.565   1.00 43.59 ? 4   LEU A CD1 1 
ATOM   20   C  CD2 . LEU A 1 4   ? 17.000  6.542   5.739   1.00 47.33 ? 4   LEU A CD2 1 
ATOM   21   N  N   . LEU A 1 5   ? 19.397  2.302   5.425   1.00 37.77 ? 5   LEU A N   1 
ATOM   22   C  CA  . LEU A 1 5   ? 19.552  1.549   4.185   1.00 40.73 ? 5   LEU A CA  1 
ATOM   23   C  C   . LEU A 1 5   ? 19.434  0.052   4.433   1.00 40.75 ? 5   LEU A C   1 
ATOM   24   O  O   . LEU A 1 5   ? 18.829  -0.671  3.632   1.00 36.08 ? 5   LEU A O   1 
ATOM   25   C  CB  . LEU A 1 5   ? 20.889  1.885   3.527   1.00 37.33 ? 5   LEU A CB  1 
ATOM   26   C  CG  . LEU A 1 5   ? 21.095  1.345   2.110   1.00 37.48 ? 5   LEU A CG  1 
ATOM   27   C  CD1 . LEU A 1 5   ? 20.091  1.962   1.147   1.00 35.47 ? 5   LEU A CD1 1 
ATOM   28   C  CD2 . LEU A 1 5   ? 22.520  1.597   1.637   1.00 37.76 ? 5   LEU A CD2 1 
ATOM   29   N  N   . ASP A 1 6   ? 20.002  -0.431  5.541   1.00 39.00 ? 6   ASP A N   1 
ATOM   30   C  CA  . ASP A 1 6   ? 19.855  -1.840  5.894   1.00 37.37 ? 6   ASP A CA  1 
ATOM   31   C  C   . ASP A 1 6   ? 18.386  -2.214  6.051   1.00 38.38 ? 6   ASP A C   1 
ATOM   32   O  O   . ASP A 1 6   ? 17.955  -3.278  5.591   1.00 38.91 ? 6   ASP A O   1 
ATOM   33   C  CB  . ASP A 1 6   ? 20.624  -2.139  7.180   1.00 38.80 ? 6   ASP A CB  1 
ATOM   34   C  CG  . ASP A 1 6   ? 20.821  -3.622  7.407   1.00 44.68 ? 6   ASP A CG  1 
ATOM   35   O  OD1 . ASP A 1 6   ? 21.737  -4.195  6.785   1.00 43.85 ? 6   ASP A OD1 1 
ATOM   36   O  OD2 . ASP A 1 6   ? 20.064  -4.213  8.205   1.00 45.91 ? 6   ASP A OD2 1 
ATOM   37   N  N   . ILE A 1 7   ? 17.603  -1.342  6.686   1.00 38.44 ? 7   ILE A N   1 
ATOM   38   C  CA  . ILE A 1 7   ? 16.186  -1.618  6.903   1.00 38.15 ? 7   ILE A CA  1 
ATOM   39   C  C   . ILE A 1 7   ? 15.431  -1.649  5.579   1.00 36.18 ? 7   ILE A C   1 
ATOM   40   O  O   . ILE A 1 7   ? 14.518  -2.463  5.391   1.00 38.22 ? 7   ILE A O   1 
ATOM   41   C  CB  . ILE A 1 7   ? 15.603  -0.582  7.883   1.00 40.13 ? 7   ILE A CB  1 
ATOM   42   C  CG1 . ILE A 1 7   ? 15.988  -0.948  9.320   1.00 45.63 ? 7   ILE A CG1 1 
ATOM   43   C  CG2 . ILE A 1 7   ? 14.093  -0.459  7.727   1.00 39.35 ? 7   ILE A CG2 1 
ATOM   44   C  CD1 . ILE A 1 7   ? 15.469  0.013   10.362  1.00 50.28 ? 7   ILE A CD1 1 
ATOM   45   N  N   . ILE A 1 8   ? 15.802  -0.774  4.640   1.00 37.82 ? 8   ILE A N   1 
ATOM   46   C  CA  . ILE A 1 8   ? 15.151  -0.747  3.331   1.00 34.65 ? 8   ILE A CA  1 
ATOM   47   C  C   . ILE A 1 8   ? 15.260  -2.105  2.646   1.00 36.20 ? 8   ILE A C   1 
ATOM   48   O  O   . ILE A 1 8   ? 14.286  -2.608  2.071   1.00 32.66 ? 8   ILE A O   1 
ATOM   49   C  CB  . ILE A 1 8   ? 15.753  0.375   2.462   1.00 37.99 ? 8   ILE A CB  1 
ATOM   50   C  CG1 . ILE A 1 8   ? 15.249  1.745   2.926   1.00 35.09 ? 8   ILE A CG1 1 
ATOM   51   C  CG2 . ILE A 1 8   ? 15.449  0.144   0.982   1.00 34.62 ? 8   ILE A CG2 1 
ATOM   52   C  CD1 . ILE A 1 8   ? 16.147  2.890   2.508   1.00 39.03 ? 8   ILE A CD1 1 
ATOM   53   N  N   . TYR A 1 9   ? 16.439  -2.726  2.703   1.00 34.00 ? 9   TYR A N   1 
ATOM   54   C  CA  . TYR A 1 9   ? 16.611  -4.036  2.083   1.00 36.60 ? 9   TYR A CA  1 
ATOM   55   C  C   . TYR A 1 9   ? 16.114  -5.167  2.977   1.00 34.33 ? 9   TYR A C   1 
ATOM   56   O  O   . TYR A 1 9   ? 15.660  -6.196  2.465   1.00 36.53 ? 9   TYR A O   1 
ATOM   57   C  CB  . TYR A 1 9   ? 18.080  -4.251  1.709   1.00 36.02 ? 9   TYR A CB  1 
ATOM   58   C  CG  . TYR A 1 9   ? 18.494  -3.463  0.485   1.00 38.99 ? 9   TYR A CG  1 
ATOM   59   C  CD1 . TYR A 1 9   ? 18.999  -2.175  0.600   1.00 37.29 ? 9   TYR A CD1 1 
ATOM   60   C  CD2 . TYR A 1 9   ? 18.357  -4.000  -0.789  1.00 37.69 ? 9   TYR A CD2 1 
ATOM   61   C  CE1 . TYR A 1 9   ? 19.369  -1.450  -0.520  1.00 36.95 ? 9   TYR A CE1 1 
ATOM   62   C  CE2 . TYR A 1 9   ? 18.726  -3.285  -1.913  1.00 36.00 ? 9   TYR A CE2 1 
ATOM   63   C  CZ  . TYR A 1 9   ? 19.228  -2.009  -1.772  1.00 37.74 ? 9   TYR A CZ  1 
ATOM   64   O  OH  . TYR A 1 9   ? 19.593  -1.294  -2.887  1.00 36.73 ? 9   TYR A OH  1 
ATOM   65   N  N   . GLN A 1 10  ? 16.175  -4.994  4.300   1.00 34.16 ? 10  GLN A N   1 
ATOM   66   C  CA  . GLN A 1 10  ? 15.678  -6.018  5.213   1.00 35.68 ? 10  GLN A CA  1 
ATOM   67   C  C   . GLN A 1 10  ? 14.176  -6.237  5.078   1.00 37.72 ? 10  GLN A C   1 
ATOM   68   O  O   . GLN A 1 10  ? 13.684  -7.314  5.435   1.00 39.62 ? 10  GLN A O   1 
ATOM   69   C  CB  . GLN A 1 10  ? 16.023  -5.646  6.658   1.00 38.82 ? 10  GLN A CB  1 
ATOM   70   C  CG  . GLN A 1 10  ? 15.833  -6.777  7.664   1.00 44.36 ? 10  GLN A CG  1 
ATOM   71   C  CD  . GLN A 1 10  ? 16.787  -7.934  7.435   1.00 43.00 ? 10  GLN A CD  1 
ATOM   72   O  OE1 . GLN A 1 10  ? 17.830  -7.780  6.799   1.00 39.28 ? 10  GLN A OE1 1 
ATOM   73   N  NE2 . GLN A 1 10  ? 16.432  -9.104  7.952   1.00 41.04 ? 10  GLN A NE2 1 
ATOM   74   N  N   . LEU A 1 11  ? 13.439  -5.249  4.565   1.00 35.34 ? 11  LEU A N   1 
ATOM   75   C  CA  . LEU A 1 11  ? 12.004  -5.413  4.358   1.00 34.83 ? 11  LEU A CA  1 
ATOM   76   C  C   . LEU A 1 11  ? 11.683  -6.560  3.408   1.00 34.72 ? 11  LEU A C   1 
ATOM   77   O  O   . LEU A 1 11  ? 10.570  -7.098  3.453   1.00 36.24 ? 11  LEU A O   1 
ATOM   78   C  CB  . LEU A 1 11  ? 11.403  -4.109  3.834   1.00 38.83 ? 11  LEU A CB  1 
ATOM   79   C  CG  . LEU A 1 11  ? 11.201  -3.034  4.902   1.00 36.94 ? 11  LEU A CG  1 
ATOM   80   C  CD1 . LEU A 1 11  ? 10.969  -1.676  4.267   1.00 41.03 ? 11  LEU A CD1 1 
ATOM   81   C  CD2 . LEU A 1 11  ? 10.019  -3.417  5.779   1.00 41.22 ? 11  LEU A CD2 1 
ATOM   82   N  N   . ARG A 1 12  ? 12.632  -6.948  2.555   1.00 34.63 ? 12  ARG A N   1 
ATOM   83   C  CA  . ARG A 1 12  ? 12.446  -8.102  1.686   1.00 37.83 ? 12  ARG A CA  1 
ATOM   84   C  C   . ARG A 1 12  ? 12.308  -9.401  2.467   1.00 39.34 ? 12  ARG A C   1 
ATOM   85   O  O   . ARG A 1 12  ? 11.757  -10.370 1.938   1.00 39.37 ? 12  ARG A O   1 
ATOM   86   C  CB  . ARG A 1 12  ? 13.616  -8.211  0.708   1.00 35.60 ? 12  ARG A CB  1 
ATOM   87   C  CG  . ARG A 1 12  ? 13.825  -6.971  -0.136  1.00 37.64 ? 12  ARG A CG  1 
ATOM   88   C  CD  . ARG A 1 12  ? 14.971  -7.154  -1.115  1.00 35.93 ? 12  ARG A CD  1 
ATOM   89   N  NE  . ARG A 1 12  ? 15.179  -5.955  -1.921  1.00 36.45 ? 12  ARG A NE  1 
ATOM   90   C  CZ  . ARG A 1 12  ? 15.933  -5.910  -3.014  1.00 38.16 ? 12  ARG A CZ  1 
ATOM   91   N  NH1 . ARG A 1 12  ? 16.556  -7.001  -3.440  1.00 35.18 ? 12  ARG A NH1 1 
ATOM   92   N  NH2 . ARG A 1 12  ? 16.061  -4.773  -3.682  1.00 38.51 ? 12  ARG A NH2 1 
ATOM   93   N  N   . GLN A 1 13  ? 12.790  -9.442  3.709   1.00 35.53 ? 13  GLN A N   1 
ATOM   94   C  CA  . GLN A 1 13  ? 12.756  -10.648 4.523   1.00 36.27 ? 13  GLN A CA  1 
ATOM   95   C  C   . GLN A 1 13  ? 11.491  -10.772 5.361   1.00 41.24 ? 13  GLN A C   1 
ATOM   96   O  O   . GLN A 1 13  ? 11.330  -11.774 6.065   1.00 39.90 ? 13  GLN A O   1 
ATOM   97   C  CB  . GLN A 1 13  ? 13.982  -10.696 5.443   1.00 37.01 ? 13  GLN A CB  1 
ATOM   98   C  CG  . GLN A 1 13  ? 15.304  -10.497 4.723   1.00 36.43 ? 13  GLN A CG  1 
ATOM   99   C  CD  . GLN A 1 13  ? 15.535  -11.527 3.636   1.00 36.57 ? 13  GLN A CD  1 
ATOM   100  O  OE1 . GLN A 1 13  ? 15.137  -12.684 3.767   1.00 37.16 ? 13  GLN A OE1 1 
ATOM   101  N  NE2 . GLN A 1 13  ? 16.181  -11.110 2.554   1.00 37.08 ? 13  GLN A NE2 1 
ATOM   102  N  N   . VAL A 1 14  ? 10.599  -9.788  5.312   1.00 39.25 ? 14  VAL A N   1 
ATOM   103  C  CA  . VAL A 1 14  ? 9.378   -9.792  6.115   1.00 38.43 ? 14  VAL A CA  1 
ATOM   104  C  C   . VAL A 1 14  ? 8.250   -10.331 5.238   1.00 39.06 ? 14  VAL A C   1 
ATOM   105  O  O   . VAL A 1 14  ? 7.859   -9.661  4.268   1.00 36.68 ? 14  VAL A O   1 
ATOM   106  C  CB  . VAL A 1 14  ? 9.047   -8.395  6.651   1.00 39.53 ? 14  VAL A CB  1 
ATOM   107  C  CG1 . VAL A 1 14  ? 7.845   -8.461  7.589   1.00 41.64 ? 14  VAL A CG1 1 
ATOM   108  C  CG2 . VAL A 1 14  ? 10.256  -7.803  7.359   1.00 39.90 ? 14  VAL A CG2 1 
ATOM   109  N  N   . PRO A 1 15  ? 7.710   -11.510 5.527   1.00 37.77 ? 15  PRO A N   1 
ATOM   110  C  CA  . PRO A 1 15  ? 6.640   -12.065 4.697   1.00 41.72 ? 15  PRO A CA  1 
ATOM   111  C  C   . PRO A 1 15  ? 5.286   -11.473 5.064   1.00 42.28 ? 15  PRO A C   1 
ATOM   112  O  O   . PRO A 1 15  ? 5.116   -10.799 6.080   1.00 42.06 ? 15  PRO A O   1 
ATOM   113  C  CB  . PRO A 1 15  ? 6.694   -13.561 5.019   1.00 41.82 ? 15  PRO A CB  1 
ATOM   114  C  CG  . PRO A 1 15  ? 7.164   -13.598 6.435   1.00 45.49 ? 15  PRO A CG  1 
ATOM   115  C  CD  . PRO A 1 15  ? 8.125   -12.441 6.592   1.00 41.32 ? 15  PRO A CD  1 
ATOM   116  N  N   . ARG A 1 16  ? 4.314   -11.742 4.199   1.00 42.20 ? 16  ARG A N   1 
ATOM   117  C  CA  . ARG A 1 16  ? 2.934   -11.344 4.417   1.00 41.61 ? 16  ARG A CA  1 
ATOM   118  C  C   . ARG A 1 16  ? 2.038   -12.564 4.255   1.00 40.71 ? 16  ARG A C   1 
ATOM   119  O  O   . ARG A 1 16  ? 2.455   -13.597 3.724   1.00 41.35 ? 16  ARG A O   1 
ATOM   120  C  CB  . ARG A 1 16  ? 2.513   -10.229 3.448   1.00 40.83 ? 16  ARG A CB  1 
ATOM   121  C  CG  . ARG A 1 16  ? 3.096   -8.868  3.794   1.00 41.43 ? 16  ARG A CG  1 
ATOM   122  C  CD  . ARG A 1 16  ? 2.903   -7.866  2.667   1.00 40.23 ? 16  ARG A CD  1 
ATOM   123  N  NE  . ARG A 1 16  ? 1.514   -7.770  2.224   1.00 43.21 ? 16  ARG A NE  1 
ATOM   124  C  CZ  . ARG A 1 16  ? 0.593   -6.999  2.796   1.00 40.98 ? 16  ARG A CZ  1 
ATOM   125  N  NH1 . ARG A 1 16  ? 0.906   -6.254  3.847   1.00 39.74 ? 16  ARG A NH1 1 
ATOM   126  N  NH2 . ARG A 1 16  ? -0.644  -6.975  2.319   1.00 38.49 ? 16  ARG A NH2 1 
ATOM   127  N  N   . TRP A 1 17  ? 0.804   -12.437 4.744   1.00 39.45 ? 17  TRP A N   1 
ATOM   128  C  CA  . TRP A 1 17  ? -0.216  -13.479 4.608   1.00 43.93 ? 17  TRP A CA  1 
ATOM   129  C  C   . TRP A 1 17  ? 0.208   -14.783 5.282   1.00 48.16 ? 17  TRP A C   1 
ATOM   130  O  O   . TRP A 1 17  ? -0.052  -15.876 4.775   1.00 41.85 ? 17  TRP A O   1 
ATOM   131  C  CB  . TRP A 1 17  ? -0.559  -13.723 3.135   1.00 41.02 ? 17  TRP A CB  1 
ATOM   132  C  CG  . TRP A 1 17  ? -0.994  -12.489 2.415   1.00 42.53 ? 17  TRP A CG  1 
ATOM   133  C  CD1 . TRP A 1 17  ? -0.218  -11.670 1.649   1.00 43.31 ? 17  TRP A CD1 1 
ATOM   134  C  CD2 . TRP A 1 17  ? -2.310  -11.928 2.397   1.00 40.31 ? 17  TRP A CD2 1 
ATOM   135  N  NE1 . TRP A 1 17  ? -0.970  -10.633 1.155   1.00 43.60 ? 17  TRP A NE1 1 
ATOM   136  C  CE2 . TRP A 1 17  ? -2.259  -10.767 1.600   1.00 41.59 ? 17  TRP A CE2 1 
ATOM   137  C  CE3 . TRP A 1 17  ? -3.528  -12.293 2.981   1.00 41.92 ? 17  TRP A CE3 1 
ATOM   138  C  CZ2 . TRP A 1 17  ? -3.377  -9.970  1.369   1.00 41.08 ? 17  TRP A CZ2 1 
ATOM   139  C  CZ3 . TRP A 1 17  ? -4.638  -11.501 2.750   1.00 41.55 ? 17  TRP A CZ3 1 
ATOM   140  C  CH2 . TRP A 1 17  ? -4.554  -10.352 1.951   1.00 45.37 ? 17  TRP A CH2 1 
ATOM   141  N  N   . ASP A 1 18  ? 0.861   -14.675 6.438   1.00 45.04 ? 18  ASP A N   1 
ATOM   142  C  CA  . ASP A 1 18  ? 1.318   -15.871 7.133   1.00 44.89 ? 18  ASP A CA  1 
ATOM   143  C  C   . ASP A 1 18  ? 0.133   -16.710 7.596   1.00 48.48 ? 18  ASP A C   1 
ATOM   144  O  O   . ASP A 1 18  ? -0.883  -16.184 8.063   1.00 43.64 ? 18  ASP A O   1 
ATOM   145  C  CB  . ASP A 1 18  ? 2.205   -15.502 8.324   1.00 55.90 ? 18  ASP A CB  1 
ATOM   146  C  CG  . ASP A 1 18  ? 1.676   -14.321 9.107   1.00 63.62 ? 18  ASP A CG  1 
ATOM   147  O  OD1 . ASP A 1 18  ? 0.513   -13.924 8.884   1.00 64.69 ? 18  ASP A OD1 1 
ATOM   148  O  OD2 . ASP A 1 18  ? 2.426   -13.792 9.954   1.00 71.46 ? 18  ASP A OD2 1 
ATOM   149  N  N   . GLY A 1 19  ? 0.264   -18.027 7.449   1.00 44.23 ? 19  GLY A N   1 
ATOM   150  C  CA  . GLY A 1 19  ? -0.806  -18.946 7.751   1.00 39.71 ? 19  GLY A CA  1 
ATOM   151  C  C   . GLY A 1 19  ? -1.680  -19.317 6.572   1.00 40.22 ? 19  GLY A C   1 
ATOM   152  O  O   . GLY A 1 19  ? -2.428  -20.295 6.659   1.00 40.63 ? 19  GLY A O   1 
ATOM   153  N  N   . SER A 1 20  ? -1.606  -18.571 5.474   1.00 40.49 ? 20  SER A N   1 
ATOM   154  C  CA  . SER A 1 20  ? -2.380  -18.852 4.274   1.00 43.25 ? 20  SER A CA  1 
ATOM   155  C  C   . SER A 1 20  ? -1.452  -19.335 3.167   1.00 40.61 ? 20  SER A C   1 
ATOM   156  O  O   . SER A 1 20  ? -0.357  -18.795 2.986   1.00 34.18 ? 20  SER A O   1 
ATOM   157  C  CB  . SER A 1 20  ? -3.141  -17.607 3.805   1.00 45.58 ? 20  SER A CB  1 
ATOM   158  O  OG  . SER A 1 20  ? -4.032  -17.140 4.804   1.00 47.32 ? 20  SER A OG  1 
ATOM   159  N  N   . PHE A 1 21  ? -1.886  -20.354 2.430   1.00 40.15 ? 21  PHE A N   1 
ATOM   160  C  CA  . PHE A 1 21  ? -1.103  -20.809 1.289   1.00 37.87 ? 21  PHE A CA  1 
ATOM   161  C  C   . PHE A 1 21  ? -1.108  -19.756 0.187   1.00 36.68 ? 21  PHE A C   1 
ATOM   162  O  O   . PHE A 1 21  ? -2.148  -19.179 -0.140  1.00 36.18 ? 21  PHE A O   1 
ATOM   163  C  CB  . PHE A 1 21  ? -1.641  -22.129 0.739   1.00 34.67 ? 21  PHE A CB  1 
ATOM   164  C  CG  . PHE A 1 21  ? -1.010  -22.530 -0.567  1.00 37.85 ? 21  PHE A CG  1 
ATOM   165  C  CD1 . PHE A 1 21  ? 0.231   -23.144 -0.594  1.00 38.52 ? 21  PHE A CD1 1 
ATOM   166  C  CD2 . PHE A 1 21  ? -1.646  -22.264 -1.770  1.00 36.90 ? 21  PHE A CD2 1 
ATOM   167  C  CE1 . PHE A 1 21  ? 0.819   -23.497 -1.794  1.00 38.16 ? 21  PHE A CE1 1 
ATOM   168  C  CE2 . PHE A 1 21  ? -1.060  -22.613 -2.973  1.00 36.39 ? 21  PHE A CE2 1 
ATOM   169  C  CZ  . PHE A 1 21  ? 0.170   -23.235 -2.983  1.00 38.47 ? 21  PHE A CZ  1 
ATOM   170  N  N   . GLN A 1 22  ? 0.068   -19.515 -0.390  1.00 37.41 ? 22  GLN A N   1 
ATOM   171  C  CA  . GLN A 1 22  ? 0.238   -18.585 -1.500  1.00 37.78 ? 22  GLN A CA  1 
ATOM   172  C  C   . GLN A 1 22  ? 1.012   -19.278 -2.610  1.00 35.45 ? 22  GLN A C   1 
ATOM   173  O  O   . GLN A 1 22  ? 2.038   -19.912 -2.345  1.00 33.12 ? 22  GLN A O   1 
ATOM   174  C  CB  . GLN A 1 22  ? 1.000   -17.323 -1.072  1.00 36.83 ? 22  GLN A CB  1 
ATOM   175  C  CG  . GLN A 1 22  ? 0.457   -16.600 0.150   1.00 35.11 ? 22  GLN A CG  1 
ATOM   176  C  CD  . GLN A 1 22  ? 1.408   -15.520 0.633   1.00 40.38 ? 22  GLN A CD  1 
ATOM   177  O  OE1 . GLN A 1 22  ? 1.657   -14.540 -0.068  1.00 39.84 ? 22  GLN A OE1 1 
ATOM   178  N  NE2 . GLN A 1 22  ? 1.960   -15.705 1.827   1.00 44.74 ? 22  GLN A NE2 1 
ATOM   179  N  N   . PHE A 1 23  ? 0.531   -19.154 -3.850  1.00 33.97 ? 23  PHE A N   1 
ATOM   180  C  CA  . PHE A 1 23  ? 1.347   -19.584 -4.981  1.00 39.05 ? 23  PHE A CA  1 
ATOM   181  C  C   . PHE A 1 23  ? 2.565   -18.684 -5.154  1.00 36.43 ? 23  PHE A C   1 
ATOM   182  O  O   . PHE A 1 23  ? 3.589   -19.123 -5.686  1.00 38.54 ? 23  PHE A O   1 
ATOM   183  C  CB  . PHE A 1 23  ? 0.519   -19.606 -6.268  1.00 35.22 ? 23  PHE A CB  1 
ATOM   184  C  CG  . PHE A 1 23  ? -0.357  -20.822 -6.414  1.00 38.60 ? 23  PHE A CG  1 
ATOM   185  C  CD1 . PHE A 1 23  ? 0.198   -22.091 -6.462  1.00 36.35 ? 23  PHE A CD1 1 
ATOM   186  C  CD2 . PHE A 1 23  ? -1.734  -20.694 -6.520  1.00 34.48 ? 23  PHE A CD2 1 
ATOM   187  C  CE1 . PHE A 1 23  ? -0.605  -23.212 -6.600  1.00 35.98 ? 23  PHE A CE1 1 
ATOM   188  C  CE2 . PHE A 1 23  ? -2.543  -21.810 -6.660  1.00 36.68 ? 23  PHE A CE2 1 
ATOM   189  C  CZ  . PHE A 1 23  ? -1.978  -23.069 -6.703  1.00 38.44 ? 23  PHE A CZ  1 
ATOM   190  N  N   . GLU A 1 24  ? 2.472   -17.432 -4.707  1.00 36.32 ? 24  GLU A N   1 
ATOM   191  C  CA  . GLU A 1 24  ? 3.571   -16.475 -4.763  1.00 41.04 ? 24  GLU A CA  1 
ATOM   192  C  C   . GLU A 1 24  ? 3.673   -15.792 -3.407  1.00 39.29 ? 24  GLU A C   1 
ATOM   193  O  O   . GLU A 1 24  ? 2.809   -14.985 -3.051  1.00 39.53 ? 24  GLU A O   1 
ATOM   194  C  CB  . GLU A 1 24  ? 3.352   -15.443 -5.868  1.00 40.55 ? 24  GLU A CB  1 
ATOM   195  C  CG  . GLU A 1 24  ? 3.380   -16.009 -7.270  1.00 42.95 ? 24  GLU A CG  1 
ATOM   196  C  CD  . GLU A 1 24  ? 3.109   -14.953 -8.323  1.00 45.39 ? 24  GLU A CD  1 
ATOM   197  O  OE1 . GLU A 1 24  ? 1.922   -14.634 -8.561  1.00 43.48 ? 24  GLU A OE1 1 
ATOM   198  O  OE2 . GLU A 1 24  ? 4.085   -14.436 -8.906  1.00 42.07 ? 24  GLU A OE2 1 
ATOM   199  N  N   . LYS A 1 25  ? 4.717   -16.112 -2.651  1.00 35.56 ? 25  LYS A N   1 
ATOM   200  C  CA  . LYS A 1 25  ? 4.923   -15.471 -1.360  1.00 42.10 ? 25  LYS A CA  1 
ATOM   201  C  C   . LYS A 1 25  ? 5.433   -14.051 -1.575  1.00 43.66 ? 25  LYS A C   1 
ATOM   202  O  O   . LYS A 1 25  ? 6.482   -13.849 -2.193  1.00 45.33 ? 25  LYS A O   1 
ATOM   203  C  CB  . LYS A 1 25  ? 5.908   -16.275 -0.516  1.00 47.65 ? 25  LYS A CB  1 
ATOM   204  C  CG  . LYS A 1 25  ? 5.366   -17.614 -0.041  1.00 49.86 ? 25  LYS A CG  1 
ATOM   205  C  CD  . LYS A 1 25  ? 6.316   -18.268 0.952   1.00 56.11 ? 25  LYS A CD  1 
ATOM   206  C  CE  . LYS A 1 25  ? 5.720   -19.539 1.532   1.00 58.54 ? 25  LYS A CE  1 
ATOM   207  N  NZ  . LYS A 1 25  ? 5.384   -20.521 0.466   1.00 60.74 ? 25  LYS A NZ  1 
ATOM   208  N  N   . GLU A 1 26  ? 4.694   -13.066 -1.076  1.00 40.71 ? 26  GLU A N   1 
ATOM   209  C  CA  . GLU A 1 26  ? 5.094   -11.677 -1.236  1.00 41.25 ? 26  GLU A CA  1 
ATOM   210  C  C   . GLU A 1 26  ? 5.710   -11.149 0.053   1.00 40.52 ? 26  GLU A C   1 
ATOM   211  O  O   . GLU A 1 26  ? 5.398   -11.614 1.154   1.00 38.09 ? 26  GLU A O   1 
ATOM   212  C  CB  . GLU A 1 26  ? 3.909   -10.800 -1.648  1.00 41.75 ? 26  GLU A CB  1 
ATOM   213  C  CG  . GLU A 1 26  ? 2.932   -10.519 -0.530  1.00 41.73 ? 26  GLU A CG  1 
ATOM   214  C  CD  . GLU A 1 26  ? 1.826   -9.565  -0.940  1.00 41.11 ? 26  GLU A CD  1 
ATOM   215  O  OE1 . GLU A 1 26  ? 1.747   -9.215  -2.136  1.00 41.74 ? 26  GLU A OE1 1 
ATOM   216  O  OE2 . GLU A 1 26  ? 1.035   -9.169  -0.061  1.00 35.90 ? 26  GLU A OE2 1 
ATOM   217  N  N   . ASP A 1 27  ? 6.598   -10.175 -0.097  1.00 39.50 ? 27  ASP A N   1 
ATOM   218  C  CA  . ASP A 1 27  ? 7.265   -9.524  1.018   1.00 38.59 ? 27  ASP A CA  1 
ATOM   219  C  C   . ASP A 1 27  ? 6.816   -8.067  1.106   1.00 38.55 ? 27  ASP A C   1 
ATOM   220  O  O   . ASP A 1 27  ? 6.064   -7.569  0.262   1.00 37.38 ? 27  ASP A O   1 
ATOM   221  C  CB  . ASP A 1 27  ? 8.785   -9.628  0.870   1.00 37.31 ? 27  ASP A CB  1 
ATOM   222  C  CG  . ASP A 1 27  ? 9.299   -8.930  -0.372  1.00 35.48 ? 27  ASP A CG  1 
ATOM   223  O  OD1 . ASP A 1 27  ? 9.381   -7.684  -0.363  1.00 37.08 ? 27  ASP A OD1 1 
ATOM   224  O  OD2 . ASP A 1 27  ? 9.629   -9.626  -1.355  1.00 35.90 ? 27  ASP A OD2 1 
ATOM   225  N  N   . VAL A 1 28  ? 7.305   -7.375  2.137   1.00 36.95 ? 28  VAL A N   1 
ATOM   226  C  CA  . VAL A 1 28  ? 6.841   -6.017  2.408   1.00 36.06 ? 28  VAL A CA  1 
ATOM   227  C  C   . VAL A 1 28  ? 7.367   -5.033  1.366   1.00 36.68 ? 28  VAL A C   1 
ATOM   228  O  O   . VAL A 1 28  ? 6.708   -4.028  1.068   1.00 39.72 ? 28  VAL A O   1 
ATOM   229  C  CB  . VAL A 1 28  ? 7.226   -5.610  3.844   1.00 38.33 ? 28  VAL A CB  1 
ATOM   230  C  CG1 . VAL A 1 28  ? 6.902   -4.145  4.110   1.00 38.25 ? 28  VAL A CG1 1 
ATOM   231  C  CG2 . VAL A 1 28  ? 6.495   -6.495  4.843   1.00 36.45 ? 28  VAL A CG2 1 
ATOM   232  N  N   . SER A 1 29  ? 8.535   -5.298  0.777   1.00 35.68 ? 29  SER A N   1 
ATOM   233  C  CA  . SER A 1 29  ? 9.042   -4.385  -0.246  1.00 38.85 ? 29  SER A CA  1 
ATOM   234  C  C   . SER A 1 29  ? 8.175   -4.428  -1.500  1.00 36.35 ? 29  SER A C   1 
ATOM   235  O  O   . SER A 1 29  ? 7.871   -3.383  -2.085  1.00 35.22 ? 29  SER A O   1 
ATOM   236  C  CB  . SER A 1 29  ? 10.501  -4.706  -0.580  1.00 35.51 ? 29  SER A CB  1 
ATOM   237  O  OG  . SER A 1 29  ? 10.611  -5.904  -1.328  1.00 36.96 ? 29  SER A OG  1 
ATOM   238  N  N   . GLN A 1 30  ? 7.765   -5.628  -1.926  1.00 34.36 ? 30  GLN A N   1 
ATOM   239  C  CA  . GLN A 1 30  ? 6.843   -5.735  -3.053  1.00 34.56 ? 30  GLN A CA  1 
ATOM   240  C  C   . GLN A 1 30  ? 5.507   -5.077  -2.731  1.00 35.12 ? 30  GLN A C   1 
ATOM   241  O  O   . GLN A 1 30  ? 4.952   -4.339  -3.553  1.00 34.67 ? 30  GLN A O   1 
ATOM   242  C  CB  . GLN A 1 30  ? 6.632   -7.204  -3.426  1.00 34.96 ? 30  GLN A CB  1 
ATOM   243  C  CG  . GLN A 1 30  ? 7.888   -7.943  -3.871  1.00 34.13 ? 30  GLN A CG  1 
ATOM   244  C  CD  . GLN A 1 30  ? 7.658   -9.438  -4.023  1.00 39.48 ? 30  GLN A CD  1 
ATOM   245  O  OE1 . GLN A 1 30  ? 6.937   -10.046 -3.234  1.00 36.86 ? 30  GLN A OE1 1 
ATOM   246  N  NE2 . GLN A 1 30  ? 8.268   -10.034 -5.042  1.00 40.11 ? 30  GLN A NE2 1 
ATOM   247  N  N   . HIS A 1 31  ? 4.979   -5.340  -1.534  1.00 35.30 ? 31  HIS A N   1 
ATOM   248  C  CA  . HIS A 1 31  ? 3.720   -4.736  -1.107  1.00 33.05 ? 31  HIS A CA  1 
ATOM   249  C  C   . HIS A 1 31  ? 3.821   -3.217  -1.049  1.00 35.02 ? 31  HIS A C   1 
ATOM   250  O  O   . HIS A 1 31  ? 2.918   -2.509  -1.508  1.00 34.68 ? 31  HIS A O   1 
ATOM   251  C  CB  . HIS A 1 31  ? 3.321   -5.317  0.252   1.00 35.95 ? 31  HIS A CB  1 
ATOM   252  C  CG  . HIS A 1 31  ? 2.378   -4.462  1.041   1.00 38.62 ? 31  HIS A CG  1 
ATOM   253  N  ND1 . HIS A 1 31  ? 1.030   -4.381  0.762   1.00 35.79 ? 31  HIS A ND1 1 
ATOM   254  C  CD2 . HIS A 1 31  ? 2.585   -3.673  2.122   1.00 39.29 ? 31  HIS A CD2 1 
ATOM   255  C  CE1 . HIS A 1 31  ? 0.451   -3.569  1.629   1.00 39.69 ? 31  HIS A CE1 1 
ATOM   256  N  NE2 . HIS A 1 31  ? 1.373   -3.124  2.464   1.00 41.85 ? 31  HIS A NE2 1 
ATOM   257  N  N   . SER A 1 32  ? 4.924   -2.694  -0.504  1.00 32.40 ? 32  SER A N   1 
ATOM   258  C  CA  . SER A 1 32  ? 5.063   -1.248  -0.379  1.00 35.80 ? 32  SER A CA  1 
ATOM   259  C  C   . SER A 1 32  ? 5.249   -0.583  -1.736  1.00 36.34 ? 32  SER A C   1 
ATOM   260  O  O   . SER A 1 32  ? 4.796   0.549   -1.936  1.00 33.89 ? 32  SER A O   1 
ATOM   261  C  CB  . SER A 1 32  ? 6.229   -0.908  0.547   1.00 35.75 ? 32  SER A CB  1 
ATOM   262  O  OG  . SER A 1 32  ? 6.062   -1.517  1.816   1.00 38.52 ? 32  SER A OG  1 
ATOM   263  N  N   . PHE A 1 33  ? 5.912   -1.264  -2.673  1.00 33.29 ? 33  PHE A N   1 
ATOM   264  C  CA  . PHE A 1 33  ? 6.005   -0.748  -4.032  1.00 30.56 ? 33  PHE A CA  1 
ATOM   265  C  C   . PHE A 1 33  ? 4.620   -0.549  -4.637  1.00 34.95 ? 33  PHE A C   1 
ATOM   266  O  O   . PHE A 1 33  ? 4.342   0.491   -5.246  1.00 32.81 ? 33  PHE A O   1 
ATOM   267  C  CB  . PHE A 1 33  ? 6.840   -1.696  -4.893  1.00 30.97 ? 33  PHE A CB  1 
ATOM   268  C  CG  . PHE A 1 33  ? 6.896   -1.307  -6.339  1.00 34.71 ? 33  PHE A CG  1 
ATOM   269  C  CD1 . PHE A 1 33  ? 7.762   -0.317  -6.771  1.00 38.18 ? 33  PHE A CD1 1 
ATOM   270  C  CD2 . PHE A 1 33  ? 6.081   -1.929  -7.269  1.00 33.66 ? 33  PHE A CD2 1 
ATOM   271  C  CE1 . PHE A 1 33  ? 7.812   0.045   -8.103  1.00 40.00 ? 33  PHE A CE1 1 
ATOM   272  C  CE2 . PHE A 1 33  ? 6.128   -1.572  -8.602  1.00 39.15 ? 33  PHE A CE2 1 
ATOM   273  C  CZ  . PHE A 1 33  ? 6.994   -0.583  -9.020  1.00 39.34 ? 33  PHE A CZ  1 
ATOM   274  N  N   . SER A 1 34  ? 3.732   -1.530  -4.472  1.00 32.92 ? 34  SER A N   1 
ATOM   275  C  CA  . SER A 1 34  ? 2.390   -1.393  -5.030  1.00 36.03 ? 34  SER A CA  1 
ATOM   276  C  C   . SER A 1 34  ? 1.599   -0.310  -4.306  1.00 35.39 ? 34  SER A C   1 
ATOM   277  O  O   . SER A 1 34  ? 0.851   0.445   -4.937  1.00 35.03 ? 34  SER A O   1 
ATOM   278  C  CB  . SER A 1 34  ? 1.656   -2.733  -4.971  1.00 36.36 ? 34  SER A CB  1 
ATOM   279  O  OG  . SER A 1 34  ? 2.330   -3.717  -5.739  1.00 37.84 ? 34  SER A OG  1 
ATOM   280  N  N   . VAL A 1 35  ? 1.769   -0.204  -2.986  1.00 32.90 ? 35  VAL A N   1 
ATOM   281  C  CA  . VAL A 1 35  ? 1.017   0.784   -2.217  1.00 33.49 ? 35  VAL A CA  1 
ATOM   282  C  C   . VAL A 1 35  ? 1.423   2.198   -2.612  1.00 37.06 ? 35  VAL A C   1 
ATOM   283  O  O   . VAL A 1 35  ? 0.578   3.098   -2.690  1.00 33.31 ? 35  VAL A O   1 
ATOM   284  C  CB  . VAL A 1 35  ? 1.203   0.535   -0.708  1.00 31.60 ? 35  VAL A CB  1 
ATOM   285  C  CG1 . VAL A 1 35  ? 0.660   1.701   0.100   1.00 35.53 ? 35  VAL A CG1 1 
ATOM   286  C  CG2 . VAL A 1 35  ? 0.504   -0.747  -0.307  1.00 33.88 ? 35  VAL A CG2 1 
ATOM   287  N  N   . ILE A 1 36  ? 2.715   2.418   -2.873  1.00 31.68 ? 36  ILE A N   1 
ATOM   288  C  CA  . ILE A 1 36  ? 3.169   3.717   -3.366  1.00 33.94 ? 36  ILE A CA  1 
ATOM   289  C  C   . ILE A 1 36  ? 2.454   4.066   -4.664  1.00 35.93 ? 36  ILE A C   1 
ATOM   290  O  O   . ILE A 1 36  ? 1.891   5.157   -4.812  1.00 33.63 ? 36  ILE A O   1 
ATOM   291  C  CB  . ILE A 1 36  ? 4.694   3.723   -3.565  1.00 33.42 ? 36  ILE A CB  1 
ATOM   292  C  CG1 . ILE A 1 36  ? 5.432   3.566   -2.240  1.00 37.60 ? 36  ILE A CG1 1 
ATOM   293  C  CG2 . ILE A 1 36  ? 5.130   5.002   -4.258  1.00 39.35 ? 36  ILE A CG2 1 
ATOM   294  C  CD1 . ILE A 1 36  ? 6.898   3.240   -2.434  1.00 37.53 ? 36  ILE A CD1 1 
ATOM   295  N  N   . ALA A 1 37  ? 2.481   3.145   -5.630  1.00 34.12 ? 37  ALA A N   1 
ATOM   296  C  CA  . ALA A 1 37  ? 1.880   3.417   -6.930  1.00 39.32 ? 37  ALA A CA  1 
ATOM   297  C  C   . ALA A 1 37  ? 0.375   3.621   -6.812  1.00 37.79 ? 37  ALA A C   1 
ATOM   298  O  O   . ALA A 1 37  ? -0.186  4.532   -7.431  1.00 35.14 ? 37  ALA A O   1 
ATOM   299  C  CB  . ALA A 1 37  ? 2.198   2.280   -7.901  1.00 36.45 ? 37  ALA A CB  1 
ATOM   300  N  N   . ILE A 1 38  ? -0.293  2.788   -6.011  1.00 33.98 ? 38  ILE A N   1 
ATOM   301  C  CA  . ILE A 1 38  ? -1.733  2.934   -5.825  1.00 36.61 ? 38  ILE A CA  1 
ATOM   302  C  C   . ILE A 1 38  ? -2.052  4.230   -5.088  1.00 34.85 ? 38  ILE A C   1 
ATOM   303  O  O   . ILE A 1 38  ? -3.030  4.915   -5.411  1.00 35.08 ? 38  ILE A O   1 
ATOM   304  C  CB  . ILE A 1 38  ? -2.304  1.706   -5.092  1.00 34.67 ? 38  ILE A CB  1 
ATOM   305  C  CG1 . ILE A 1 38  ? -2.110  0.443   -5.935  1.00 35.38 ? 38  ILE A CG1 1 
ATOM   306  C  CG2 . ILE A 1 38  ? -3.778  1.909   -4.777  1.00 36.88 ? 38  ILE A CG2 1 
ATOM   307  C  CD1 . ILE A 1 38  ? -2.475  -0.835  -5.211  1.00 37.41 ? 38  ILE A CD1 1 
ATOM   308  N  N   . SER A 1 39  ? -1.239  4.588   -4.086  1.00 33.64 ? 39  SER A N   1 
ATOM   309  C  CA  . SER A 1 39  ? -1.476  5.830   -3.354  1.00 35.20 ? 39  SER A CA  1 
ATOM   310  C  C   . SER A 1 39  ? -1.424  7.035   -4.282  1.00 36.86 ? 39  SER A C   1 
ATOM   311  O  O   . SER A 1 39  ? -2.251  7.949   -4.175  1.00 35.25 ? 39  SER A O   1 
ATOM   312  C  CB  . SER A 1 39  ? -0.457  5.993   -2.225  1.00 32.26 ? 39  SER A CB  1 
ATOM   313  O  OG  . SER A 1 39  ? -0.613  4.994   -1.234  1.00 34.12 ? 39  SER A OG  1 
ATOM   314  N  N   . HIS A 1 40  ? -0.457  7.055   -5.202  1.00 35.31 ? 40  HIS A N   1 
ATOM   315  C  CA  . HIS A 1 40  ? -0.354  8.169   -6.137  1.00 38.60 ? 40  HIS A CA  1 
ATOM   316  C  C   . HIS A 1 40  ? -1.553  8.222   -7.075  1.00 38.60 ? 40  HIS A C   1 
ATOM   317  O  O   . HIS A 1 40  ? -2.084  9.304   -7.347  1.00 38.95 ? 40  HIS A O   1 
ATOM   318  C  CB  . HIS A 1 40  ? 0.944   8.070   -6.936  1.00 38.46 ? 40  HIS A CB  1 
ATOM   319  C  CG  . HIS A 1 40  ? 0.966   8.943   -8.150  1.00 46.23 ? 40  HIS A CG  1 
ATOM   320  N  ND1 . HIS A 1 40  ? 1.011   8.437   -9.431  1.00 51.66 ? 40  HIS A ND1 1 
ATOM   321  C  CD2 . HIS A 1 40  ? 0.931   10.290  -8.279  1.00 47.37 ? 40  HIS A CD2 1 
ATOM   322  C  CE1 . HIS A 1 40  ? 1.010   9.435   -10.297 1.00 54.87 ? 40  HIS A CE1 1 
ATOM   323  N  NE2 . HIS A 1 40  ? 0.962   10.570  -9.623  1.00 52.31 ? 40  HIS A NE2 1 
ATOM   324  N  N   . ILE A 1 41  ? -1.989  7.067   -7.583  1.00 37.39 ? 41  ILE A N   1 
ATOM   325  C  CA  . ILE A 1 41  ? -3.131  7.038   -8.493  1.00 38.65 ? 41  ILE A CA  1 
ATOM   326  C  C   . ILE A 1 41  ? -4.395  7.490   -7.774  1.00 38.29 ? 41  ILE A C   1 
ATOM   327  O  O   . ILE A 1 41  ? -5.154  8.324   -8.283  1.00 40.23 ? 41  ILE A O   1 
ATOM   328  C  CB  . ILE A 1 41  ? -3.301  5.635   -9.102  1.00 38.71 ? 41  ILE A CB  1 
ATOM   329  C  CG1 . ILE A 1 41  ? -2.111  5.298   -10.006 1.00 40.64 ? 41  ILE A CG1 1 
ATOM   330  C  CG2 . ILE A 1 41  ? -4.614  5.544   -9.871  1.00 39.20 ? 41  ILE A CG2 1 
ATOM   331  C  CD1 . ILE A 1 41  ? -2.075  3.848   -10.451 1.00 41.20 ? 41  ILE A CD1 1 
ATOM   332  N  N   . LEU A 1 42  ? -4.638  6.948   -6.577  1.00 35.95 ? 42  LEU A N   1 
ATOM   333  C  CA  . LEU A 1 42  ? -5.793  7.373   -5.791  1.00 36.71 ? 42  LEU A CA  1 
ATOM   334  C  C   . LEU A 1 42  ? -5.759  8.872   -5.527  1.00 38.04 ? 42  LEU A C   1 
ATOM   335  O  O   . LEU A 1 42  ? -6.797  9.541   -5.570  1.00 37.30 ? 42  LEU A O   1 
ATOM   336  C  CB  . LEU A 1 42  ? -5.843  6.602   -4.470  1.00 36.24 ? 42  LEU A CB  1 
ATOM   337  C  CG  . LEU A 1 42  ? -6.259  5.132   -4.554  1.00 37.47 ? 42  LEU A CG  1 
ATOM   338  C  CD1 . LEU A 1 42  ? -6.215  4.470   -3.185  1.00 35.28 ? 42  LEU A CD1 1 
ATOM   339  C  CD2 . LEU A 1 42  ? -7.650  5.023   -5.160  1.00 36.98 ? 42  LEU A CD2 1 
ATOM   340  N  N   . CYS A 1 43  ? -4.570  9.416   -5.266  1.00 35.84 ? 43  CYS A N   1 
ATOM   341  C  CA  . CYS A 1 43  ? -4.456  10.830  -4.934  1.00 37.45 ? 43  CYS A CA  1 
ATOM   342  C  C   . CYS A 1 43  ? -4.785  11.713  -6.130  1.00 40.18 ? 43  CYS A C   1 
ATOM   343  O  O   . CYS A 1 43  ? -5.467  12.732  -5.984  1.00 43.95 ? 43  CYS A O   1 
ATOM   344  C  CB  . CYS A 1 43  ? -3.051  11.129  -4.420  1.00 40.54 ? 43  CYS A CB  1 
ATOM   345  S  SG  . CYS A 1 43  ? -2.812  12.817  -3.860  1.00 45.81 ? 43  CYS A SG  1 
ATOM   346  N  N   . GLU A 1 44  ? -4.295  11.345  -7.319  1.00 37.74 ? 44  GLU A N   1 
ATOM   347  C  CA  . GLU A 1 44  ? -4.639  12.094  -8.524  1.00 42.58 ? 44  GLU A CA  1 
ATOM   348  C  C   . GLU A 1 44  ? -6.144  12.088  -8.763  1.00 42.76 ? 44  GLU A C   1 
ATOM   349  O  O   . GLU A 1 44  ? -6.732  13.127  -9.084  1.00 44.47 ? 44  GLU A O   1 
ATOM   350  C  CB  . GLU A 1 44  ? -3.906  11.510  -9.733  1.00 45.08 ? 44  GLU A CB  1 
ATOM   351  C  CG  . GLU A 1 44  ? -2.392  11.652  -9.694  1.00 53.56 ? 44  GLU A CG  1 
ATOM   352  C  CD  . GLU A 1 44  ? -1.908  12.946  -10.323 1.00 54.89 ? 44  GLU A CD  1 
ATOM   353  O  OE1 . GLU A 1 44  ? -2.758  13.766  -10.728 1.00 61.82 ? 44  GLU A OE1 1 
ATOM   354  O  OE2 . GLU A 1 44  ? -0.680  13.141  -10.415 1.00 58.22 ? 44  GLU A OE2 1 
ATOM   355  N  N   . LEU A 1 45  ? -6.784  10.926  -8.608  1.00 39.43 ? 45  LEU A N   1 
ATOM   356  C  CA  . LEU A 1 45  ? -8.232  10.848  -8.780  1.00 41.80 ? 45  LEU A CA  1 
ATOM   357  C  C   . LEU A 1 45  ? -8.957  11.689  -7.738  1.00 45.02 ? 45  LEU A C   1 
ATOM   358  O  O   . LEU A 1 45  ? -9.916  12.401  -8.063  1.00 39.67 ? 45  LEU A O   1 
ATOM   359  C  CB  . LEU A 1 45  ? -8.689  9.391   -8.704  1.00 37.61 ? 45  LEU A CB  1 
ATOM   360  C  CG  . LEU A 1 45  ? -8.120  8.445   -9.763  1.00 43.60 ? 45  LEU A CG  1 
ATOM   361  C  CD1 . LEU A 1 45  ? -8.538  7.013   -9.474  1.00 37.55 ? 45  LEU A CD1 1 
ATOM   362  C  CD2 . LEU A 1 45  ? -8.571  8.867   -11.156 1.00 44.59 ? 45  LEU A CD2 1 
ATOM   363  N  N   . LYS A 1 46  ? -8.514  11.618  -6.481  1.00 41.31 ? 46  LYS A N   1 
ATOM   364  C  CA  . LYS A 1 46  ? -9.129  12.410  -5.421  1.00 44.61 ? 46  LYS A CA  1 
ATOM   365  C  C   . LYS A 1 46  ? -8.956  13.903  -5.672  1.00 44.54 ? 46  LYS A C   1 
ATOM   366  O  O   . LYS A 1 46  ? -9.860  14.695  -5.380  1.00 51.68 ? 46  LYS A O   1 
ATOM   367  C  CB  . LYS A 1 46  ? -8.533  12.017  -4.068  1.00 44.98 ? 46  LYS A CB  1 
ATOM   368  C  CG  . LYS A 1 46  ? -9.164  12.710  -2.872  1.00 47.22 ? 46  LYS A CG  1 
ATOM   369  C  CD  . LYS A 1 46  ? -8.545  12.225  -1.570  1.00 50.04 ? 46  LYS A CD  1 
ATOM   370  C  CE  . LYS A 1 46  ? -9.245  12.838  -0.367  1.00 54.43 ? 46  LYS A CE  1 
ATOM   371  N  NZ  . LYS A 1 46  ? -9.155  14.323  -0.379  1.00 62.12 ? 46  LYS A NZ  1 
ATOM   372  N  N   . GLU A 1 47  ? -7.803  14.308  -6.213  1.00 41.64 ? 47  GLU A N   1 
ATOM   373  C  CA  . GLU A 1 47  ? -7.566  15.722  -6.490  1.00 45.70 ? 47  GLU A CA  1 
ATOM   374  C  C   . GLU A 1 47  ? -8.575  16.262  -7.496  1.00 50.34 ? 47  GLU A C   1 
ATOM   375  O  O   . GLU A 1 47  ? -9.152  17.338  -7.298  1.00 49.03 ? 47  GLU A O   1 
ATOM   376  C  CB  . GLU A 1 47  ? -6.138  15.924  -7.002  1.00 43.84 ? 47  GLU A CB  1 
ATOM   377  C  CG  . GLU A 1 47  ? -5.069  15.883  -5.919  1.00 46.98 ? 47  GLU A CG  1 
ATOM   378  C  CD  . GLU A 1 47  ? -3.668  16.065  -6.477  1.00 48.13 ? 47  GLU A CD  1 
ATOM   379  O  OE1 . GLU A 1 47  ? -3.500  15.993  -7.712  1.00 52.94 ? 47  GLU A OE1 1 
ATOM   380  O  OE2 . GLU A 1 47  ? -2.736  16.284  -5.679  1.00 53.40 ? 47  GLU A OE2 1 
ATOM   381  N  N   . THR A 1 48  ? -8.803  15.523  -8.582  1.00 45.88 ? 48  THR A N   1 
ATOM   382  C  CA  . THR A 1 48  ? -9.741  15.979  -9.602  1.00 49.09 ? 48  THR A CA  1 
ATOM   383  C  C   . THR A 1 48  ? -11.178 15.939  -9.095  1.00 51.03 ? 48  THR A C   1 
ATOM   384  O  O   . THR A 1 48  ? -11.953 16.870  -9.343  1.00 53.45 ? 48  THR A O   1 
ATOM   385  C  CB  . THR A 1 48  ? -9.595  15.126  -10.863 1.00 50.75 ? 48  THR A CB  1 
ATOM   386  O  OG1 . THR A 1 48  ? -8.248  15.210  -11.343 1.00 51.51 ? 48  THR A OG1 1 
ATOM   387  C  CG2 . THR A 1 48  ? -10.543 15.610  -11.950 1.00 51.85 ? 48  THR A CG2 1 
ATOM   388  N  N   . LEU A 1 49  ? -11.548 14.879  -8.372  1.00 48.42 ? 49  LEU A N   1 
ATOM   389  C  CA  . LEU A 1 49  ? -12.936 14.721  -7.946  1.00 51.58 ? 49  LEU A CA  1 
ATOM   390  C  C   . LEU A 1 49  ? -13.308 15.712  -6.849  1.00 55.98 ? 49  LEU A C   1 
ATOM   391  O  O   . LEU A 1 49  ? -14.420 16.254  -6.848  1.00 54.40 ? 49  LEU A O   1 
ATOM   392  C  CB  . LEU A 1 49  ? -13.183 13.290  -7.473  1.00 52.65 ? 49  LEU A CB  1 
ATOM   393  C  CG  . LEU A 1 49  ? -13.267 12.231  -8.571  1.00 51.91 ? 49  LEU A CG  1 
ATOM   394  C  CD1 . LEU A 1 49  ? -13.600 10.879  -7.973  1.00 52.37 ? 49  LEU A CD1 1 
ATOM   395  C  CD2 . LEU A 1 49  ? -14.303 12.629  -9.610  1.00 55.19 ? 49  LEU A CD2 1 
ATOM   396  N  N   . GLU A 1 50  ? -12.406 15.951  -5.903  1.00 49.36 ? 50  GLU A N   1 
ATOM   397  C  CA  . GLU A 1 50  ? -12.689 16.823  -4.773  1.00 53.48 ? 50  GLU A CA  1 
ATOM   398  C  C   . GLU A 1 50  ? -12.165 18.239  -4.966  1.00 52.60 ? 50  GLU A C   1 
ATOM   399  O  O   . GLU A 1 50  ? -12.297 19.060  -4.054  1.00 54.14 ? 50  GLU A O   1 
ATOM   400  C  CB  . GLU A 1 50  ? -12.112 16.219  -3.487  1.00 55.24 ? 50  GLU A CB  1 
ATOM   401  C  CG  . GLU A 1 50  ? -12.919 15.036  -2.966  1.00 58.23 ? 50  GLU A CG  1 
ATOM   402  C  CD  . GLU A 1 50  ? -12.251 14.331  -1.801  1.00 62.98 ? 50  GLU A CD  1 
ATOM   403  O  OE1 . GLU A 1 50  ? -12.240 13.082  -1.793  1.00 63.94 ? 50  GLU A OE1 1 
ATOM   404  O  OE2 . GLU A 1 50  ? -11.736 15.022  -0.897  1.00 65.02 ? 50  GLU A OE2 1 
ATOM   405  N  N   . GLY A 1 51  ? -11.593 18.545  -6.128  1.00 51.21 ? 51  GLY A N   1 
ATOM   406  C  CA  . GLY A 1 51  ? -11.113 19.883  -6.419  1.00 47.48 ? 51  GLY A CA  1 
ATOM   407  C  C   . GLY A 1 51  ? -10.058 20.365  -5.446  1.00 58.16 ? 51  GLY A C   1 
ATOM   408  O  O   . GLY A 1 51  ? -10.305 21.287  -4.661  1.00 57.47 ? 51  GLY A O   1 
ATOM   409  N  N   . LYS A 1 52  ? -8.879  19.753  -5.486  1.00 53.47 ? 52  LYS A N   1 
ATOM   410  C  CA  . LYS A 1 52  ? -7.823  20.105  -4.549  1.00 50.59 ? 52  LYS A CA  1 
ATOM   411  C  C   . LYS A 1 52  ? -6.483  19.680  -5.131  1.00 55.04 ? 52  LYS A C   1 
ATOM   412  O  O   . LYS A 1 52  ? -6.410  19.031  -6.177  1.00 55.62 ? 52  LYS A O   1 
ATOM   413  C  CB  . LYS A 1 52  ? -8.054  19.452  -3.182  1.00 52.95 ? 52  LYS A CB  1 
ATOM   414  C  CG  . LYS A 1 52  ? -7.965  17.937  -3.190  1.00 51.78 ? 52  LYS A CG  1 
ATOM   415  C  CD  . LYS A 1 52  ? -8.012  17.373  -1.779  1.00 53.60 ? 52  LYS A CD  1 
ATOM   416  C  CE  . LYS A 1 52  ? -9.308  17.743  -1.078  1.00 59.84 ? 52  LYS A CE  1 
ATOM   417  N  NZ  . LYS A 1 52  ? -9.349  17.237  0.322   1.00 63.46 ? 52  LYS A NZ  1 
ATOM   418  N  N   . LYS A 1 53  ? -5.420  20.071  -4.435  1.00 56.21 ? 53  LYS A N   1 
ATOM   419  C  CA  . LYS A 1 53  ? -4.064  19.640  -4.738  1.00 56.80 ? 53  LYS A CA  1 
ATOM   420  C  C   . LYS A 1 53  ? -3.436  19.132  -3.451  1.00 54.97 ? 53  LYS A C   1 
ATOM   421  O  O   . LYS A 1 53  ? -3.449  19.831  -2.434  1.00 54.07 ? 53  LYS A O   1 
ATOM   422  C  CB  . LYS A 1 53  ? -3.226  20.780  -5.327  1.00 58.77 ? 53  LYS A CB  1 
ATOM   423  C  CG  . LYS A 1 53  ? -3.752  21.335  -6.641  1.00 60.07 ? 53  LYS A CG  1 
ATOM   424  C  CD  . LYS A 1 53  ? -3.665  20.304  -7.754  1.00 67.63 ? 53  LYS A CD  1 
ATOM   425  C  CE  . LYS A 1 53  ? -4.142  20.879  -9.077  1.00 65.00 ? 53  LYS A CE  1 
ATOM   426  N  NZ  . LYS A 1 53  ? -4.073  19.876  -10.176 1.00 71.69 ? 53  LYS A NZ  1 
ATOM   427  N  N   . ILE A 1 54  ? -2.906  17.915  -3.492  1.00 53.43 ? 54  ILE A N   1 
ATOM   428  C  CA  . ILE A 1 54  ? -2.289  17.281  -2.334  1.00 52.49 ? 54  ILE A CA  1 
ATOM   429  C  C   . ILE A 1 54  ? -0.785  17.227  -2.560  1.00 53.63 ? 54  ILE A C   1 
ATOM   430  O  O   . ILE A 1 54  ? -0.325  16.993  -3.684  1.00 54.82 ? 54  ILE A O   1 
ATOM   431  C  CB  . ILE A 1 54  ? -2.873  15.875  -2.094  1.00 55.37 ? 54  ILE A CB  1 
ATOM   432  C  CG1 . ILE A 1 54  ? -4.380  15.967  -1.838  1.00 53.11 ? 54  ILE A CG1 1 
ATOM   433  C  CG2 . ILE A 1 54  ? -2.171  15.178  -0.936  1.00 54.48 ? 54  ILE A CG2 1 
ATOM   434  C  CD1 . ILE A 1 54  ? -5.062  14.625  -1.689  1.00 52.73 ? 54  ILE A CD1 1 
ATOM   435  N  N   . ASN A 1 55  ? -0.020  17.467  -1.496  1.00 48.96 ? 55  ASN A N   1 
ATOM   436  C  CA  . ASN A 1 55  ? 1.438   17.396  -1.560  1.00 50.73 ? 55  ASN A CA  1 
ATOM   437  C  C   . ASN A 1 55  ? 1.843   15.939  -1.732  1.00 47.66 ? 55  ASN A C   1 
ATOM   438  O  O   . ASN A 1 55  ? 1.898   15.175  -0.766  1.00 47.30 ? 55  ASN A O   1 
ATOM   439  C  CB  . ASN A 1 55  ? 2.061   18.004  -0.309  1.00 52.74 ? 55  ASN A CB  1 
ATOM   440  C  CG  . ASN A 1 55  ? 3.580   18.016  -0.357  1.00 55.50 ? 55  ASN A CG  1 
ATOM   441  O  OD1 . ASN A 1 55  ? 4.187   17.747  -1.395  1.00 55.93 ? 55  ASN A OD1 1 
ATOM   442  N  ND2 . ASN A 1 55  ? 4.202   18.338  0.770   1.00 60.35 ? 55  ASN A ND2 1 
ATOM   443  N  N   . LYS A 1 56  ? 2.129   15.549  -2.974  1.00 48.04 ? 56  LYS A N   1 
ATOM   444  C  CA  . LYS A 1 56  ? 2.410   14.153  -3.280  1.00 50.00 ? 56  LYS A CA  1 
ATOM   445  C  C   . LYS A 1 56  ? 3.777   13.704  -2.788  1.00 46.17 ? 56  LYS A C   1 
ATOM   446  O  O   . LYS A 1 56  ? 3.998   12.499  -2.640  1.00 47.42 ? 56  LYS A O   1 
ATOM   447  C  CB  . LYS A 1 56  ? 2.286   13.916  -4.785  1.00 50.16 ? 56  LYS A CB  1 
ATOM   448  C  CG  . LYS A 1 56  ? 0.916   14.279  -5.328  1.00 54.35 ? 56  LYS A CG  1 
ATOM   449  C  CD  . LYS A 1 56  ? 0.828   14.086  -6.832  1.00 60.94 ? 56  LYS A CD  1 
ATOM   450  C  CE  . LYS A 1 56  ? -0.425  14.738  -7.379  1.00 52.07 ? 56  LYS A CE  1 
ATOM   451  N  NZ  . LYS A 1 56  ? -0.472  16.184  -7.032  1.00 58.16 ? 56  LYS A NZ  1 
ATOM   452  N  N   . GLU A 1 57  ? 4.695   14.637  -2.522  1.00 44.40 ? 57  GLU A N   1 
ATOM   453  C  CA  . GLU A 1 57  ? 5.979   14.255  -1.942  1.00 45.83 ? 57  GLU A CA  1 
ATOM   454  C  C   . GLU A 1 57  ? 5.788   13.607  -0.577  1.00 47.79 ? 57  GLU A C   1 
ATOM   455  O  O   . GLU A 1 57  ? 6.290   12.506  -0.322  1.00 43.46 ? 57  GLU A O   1 
ATOM   456  C  CB  . GLU A 1 57  ? 6.894   15.473  -1.828  1.00 50.52 ? 57  GLU A CB  1 
ATOM   457  C  CG  . GLU A 1 57  ? 8.133   15.203  -0.997  1.00 53.28 ? 57  GLU A CG  1 
ATOM   458  C  CD  . GLU A 1 57  ? 8.878   16.469  -0.619  1.00 58.09 ? 57  GLU A CD  1 
ATOM   459  O  OE1 . GLU A 1 57  ? 8.671   17.509  -1.278  1.00 63.69 ? 57  GLU A OE1 1 
ATOM   460  O  OE2 . GLU A 1 57  ? 9.672   16.418  0.344   1.00 58.31 ? 57  GLU A OE2 1 
ATOM   461  N  N   . LYS A 1 58  ? 5.056   14.277  0.315   1.00 46.50 ? 58  LYS A N   1 
ATOM   462  C  CA  . LYS A 1 58  ? 4.806   13.713  1.638   1.00 47.23 ? 58  LYS A CA  1 
ATOM   463  C  C   . LYS A 1 58  ? 3.977   12.438  1.555   1.00 39.00 ? 58  LYS A C   1 
ATOM   464  O  O   . LYS A 1 58  ? 4.168   11.520  2.360   1.00 40.61 ? 58  LYS A O   1 
ATOM   465  C  CB  . LYS A 1 58  ? 4.109   14.748  2.524   1.00 46.42 ? 58  LYS A CB  1 
ATOM   466  C  CG  . LYS A 1 58  ? 4.079   14.394  4.006   1.00 55.14 ? 58  LYS A CG  1 
ATOM   467  C  CD  . LYS A 1 58  ? 3.424   15.505  4.818   1.00 57.28 ? 58  LYS A CD  1 
ATOM   468  C  CE  . LYS A 1 58  ? 3.383   15.167  6.300   1.00 60.79 ? 58  LYS A CE  1 
ATOM   469  N  NZ  . LYS A 1 58  ? 2.684   16.218  7.095   1.00 63.42 ? 58  LYS A NZ  1 
ATOM   470  N  N   . LEU A 1 59  ? 3.060   12.359  0.590   1.00 40.25 ? 59  LEU A N   1 
ATOM   471  C  CA  . LEU A 1 59  ? 2.242   11.162  0.442   1.00 40.52 ? 59  LEU A CA  1 
ATOM   472  C  C   . LEU A 1 59  ? 3.083   9.971   0.002   1.00 39.08 ? 59  LEU A C   1 
ATOM   473  O  O   . LEU A 1 59  ? 3.019   8.896   0.609   1.00 41.91 ? 59  LEU A O   1 
ATOM   474  C  CB  . LEU A 1 59  ? 1.116   11.412  -0.559  1.00 40.86 ? 59  LEU A CB  1 
ATOM   475  C  CG  . LEU A 1 59  ? 0.395   10.141  -1.008  1.00 40.17 ? 59  LEU A CG  1 
ATOM   476  C  CD1 . LEU A 1 59  ? -0.511  9.601   0.093   1.00 38.82 ? 59  LEU A CD1 1 
ATOM   477  C  CD2 . LEU A 1 59  ? -0.387  10.400  -2.275  1.00 40.44 ? 59  LEU A CD2 1 
ATOM   478  N  N   . LEU A 1 60  ? 3.873   10.142  -1.060  1.00 39.45 ? 60  LEU A N   1 
ATOM   479  C  CA  . LEU A 1 60  ? 4.667   9.031   -1.575  1.00 44.72 ? 60  LEU A CA  1 
ATOM   480  C  C   . LEU A 1 60  ? 5.683   8.559   -0.545  1.00 42.95 ? 60  LEU A C   1 
ATOM   481  O  O   . LEU A 1 60  ? 5.896   7.351   -0.379  1.00 40.95 ? 60  LEU A O   1 
ATOM   482  C  CB  . LEU A 1 60  ? 5.361   9.442   -2.874  1.00 43.96 ? 60  LEU A CB  1 
ATOM   483  C  CG  . LEU A 1 60  ? 4.447   9.744   -4.066  1.00 44.32 ? 60  LEU A CG  1 
ATOM   484  C  CD1 . LEU A 1 60  ? 5.251   10.331  -5.216  1.00 45.11 ? 60  LEU A CD1 1 
ATOM   485  C  CD2 . LEU A 1 60  ? 3.701   8.497   -4.513  1.00 43.22 ? 60  LEU A CD2 1 
ATOM   486  N  N   . LEU A 1 61  ? 6.309   9.497   0.169   1.00 43.79 ? 61  LEU A N   1 
ATOM   487  C  CA  . LEU A 1 61  ? 7.267   9.127   1.206   1.00 42.50 ? 61  LEU A CA  1 
ATOM   488  C  C   . LEU A 1 61  ? 6.586   8.385   2.350   1.00 45.18 ? 61  LEU A C   1 
ATOM   489  O  O   . LEU A 1 61  ? 7.147   7.426   2.893   1.00 45.33 ? 61  LEU A O   1 
ATOM   490  C  CB  . LEU A 1 61  ? 7.987   10.373  1.720   1.00 44.89 ? 61  LEU A CB  1 
ATOM   491  C  CG  . LEU A 1 61  ? 8.971   11.019  0.745   1.00 47.26 ? 61  LEU A CG  1 
ATOM   492  C  CD1 . LEU A 1 61  ? 9.527   12.315  1.313   1.00 53.79 ? 61  LEU A CD1 1 
ATOM   493  C  CD2 . LEU A 1 61  ? 10.099  10.049  0.411   1.00 49.08 ? 61  LEU A CD2 1 
ATOM   494  N  N   . TYR A 1 62  ? 5.375   8.806   2.726   1.00 43.98 ? 62  TYR A N   1 
ATOM   495  C  CA  . TYR A 1 62  ? 4.654   8.103   3.783   1.00 44.64 ? 62  TYR A CA  1 
ATOM   496  C  C   . TYR A 1 62  ? 4.262   6.697   3.342   1.00 42.29 ? 62  TYR A C   1 
ATOM   497  O  O   . TYR A 1 62  ? 4.386   5.742   4.117   1.00 43.65 ? 62  TYR A O   1 
ATOM   498  C  CB  . TYR A 1 62  ? 3.416   8.895   4.202   1.00 43.80 ? 62  TYR A CB  1 
ATOM   499  C  CG  . TYR A 1 62  ? 2.644   8.248   5.330   1.00 43.69 ? 62  TYR A CG  1 
ATOM   500  C  CD1 . TYR A 1 62  ? 3.021   8.438   6.653   1.00 50.97 ? 62  TYR A CD1 1 
ATOM   501  C  CD2 . TYR A 1 62  ? 1.537   7.449   5.073   1.00 46.51 ? 62  TYR A CD2 1 
ATOM   502  C  CE1 . TYR A 1 62  ? 2.320   7.849   7.688   1.00 49.55 ? 62  TYR A CE1 1 
ATOM   503  C  CE2 . TYR A 1 62  ? 0.830   6.855   6.104   1.00 48.97 ? 62  TYR A CE2 1 
ATOM   504  C  CZ  . TYR A 1 62  ? 1.227   7.059   7.408   1.00 50.61 ? 62  TYR A CZ  1 
ATOM   505  O  OH  . TYR A 1 62  ? 0.528   6.474   8.437   1.00 57.35 ? 62  TYR A OH  1 
ATOM   506  N  N   . ALA A 1 63  ? 3.771   6.552   2.109   1.00 41.34 ? 63  ALA A N   1 
ATOM   507  C  CA  . ALA A 1 63  ? 3.473   5.220   1.596   1.00 42.45 ? 63  ALA A CA  1 
ATOM   508  C  C   . ALA A 1 63  ? 4.736   4.379   1.472   1.00 39.22 ? 63  ALA A C   1 
ATOM   509  O  O   . ALA A 1 63  ? 4.687   3.159   1.657   1.00 41.93 ? 63  ALA A O   1 
ATOM   510  C  CB  . ALA A 1 63  ? 2.766   5.318   0.245   1.00 41.10 ? 63  ALA A CB  1 
ATOM   511  N  N   . LEU A 1 64  ? 5.868   5.015   1.162   1.00 43.08 ? 64  LEU A N   1 
ATOM   512  C  CA  . LEU A 1 64  ? 7.127   4.289   1.039   1.00 45.91 ? 64  LEU A CA  1 
ATOM   513  C  C   . LEU A 1 64  ? 7.510   3.621   2.355   1.00 48.47 ? 64  LEU A C   1 
ATOM   514  O  O   . LEU A 1 64  ? 7.976   2.475   2.365   1.00 50.75 ? 64  LEU A O   1 
ATOM   515  C  CB  . LEU A 1 64  ? 8.223   5.246   0.566   1.00 42.83 ? 64  LEU A CB  1 
ATOM   516  C  CG  . LEU A 1 64  ? 9.682   4.784   0.498   1.00 53.62 ? 64  LEU A CG  1 
ATOM   517  C  CD1 . LEU A 1 64  ? 9.851   3.647   -0.480  1.00 46.98 ? 64  LEU A CD1 1 
ATOM   518  C  CD2 . LEU A 1 64  ? 10.583  5.946   0.112   1.00 46.43 ? 64  LEU A CD2 1 
ATOM   519  N  N   . TYR A 1 65  ? 7.297   4.309   3.479   1.00 47.26 ? 65  TYR A N   1 
ATOM   520  C  CA  . TYR A 1 65  ? 7.686   3.812   4.793   1.00 46.64 ? 65  TYR A CA  1 
ATOM   521  C  C   . TYR A 1 65  ? 6.490   3.447   5.668   1.00 48.26 ? 65  TYR A C   1 
ATOM   522  O  O   . TYR A 1 65  ? 6.621   3.413   6.895   1.00 52.58 ? 65  TYR A O   1 
ATOM   523  C  CB  . TYR A 1 65  ? 8.550   4.848   5.511   1.00 49.67 ? 65  TYR A CB  1 
ATOM   524  C  CG  . TYR A 1 65  ? 9.884   5.103   4.854   1.00 50.01 ? 65  TYR A CG  1 
ATOM   525  C  CD1 . TYR A 1 65  ? 10.904  4.167   4.937   1.00 48.66 ? 65  TYR A CD1 1 
ATOM   526  C  CD2 . TYR A 1 65  ? 10.127  6.280   4.160   1.00 50.16 ? 65  TYR A CD2 1 
ATOM   527  C  CE1 . TYR A 1 65  ? 12.126  4.391   4.342   1.00 51.55 ? 65  TYR A CE1 1 
ATOM   528  C  CE2 . TYR A 1 65  ? 11.350  6.514   3.563   1.00 50.14 ? 65  TYR A CE2 1 
ATOM   529  C  CZ  . TYR A 1 65  ? 12.343  5.563   3.657   1.00 46.96 ? 65  TYR A CZ  1 
ATOM   530  O  OH  . TYR A 1 65  ? 13.564  5.778   3.066   1.00 48.25 ? 65  TYR A OH  1 
ATOM   531  N  N   . HIS A 1 66  ? 5.329   3.161   5.070   1.00 45.28 ? 66  HIS A N   1 
ATOM   532  C  CA  . HIS A 1 66  ? 4.132   2.964   5.884   1.00 45.79 ? 66  HIS A CA  1 
ATOM   533  C  C   . HIS A 1 66  ? 4.208   1.683   6.708   1.00 48.55 ? 66  HIS A C   1 
ATOM   534  O  O   . HIS A 1 66  ? 3.601   1.606   7.783   1.00 48.03 ? 66  HIS A O   1 
ATOM   535  C  CB  . HIS A 1 66  ? 2.877   2.975   5.003   1.00 44.54 ? 66  HIS A CB  1 
ATOM   536  C  CG  . HIS A 1 66  ? 2.573   1.666   4.343   1.00 44.93 ? 66  HIS A CG  1 
ATOM   537  N  ND1 . HIS A 1 66  ? 3.222   1.234   3.206   1.00 44.91 ? 66  HIS A ND1 1 
ATOM   538  C  CD2 . HIS A 1 66  ? 1.665   0.706   4.644   1.00 46.57 ? 66  HIS A CD2 1 
ATOM   539  C  CE1 . HIS A 1 66  ? 2.738   0.059   2.844   1.00 45.25 ? 66  HIS A CE1 1 
ATOM   540  N  NE2 . HIS A 1 66  ? 1.791   -0.284  3.699   1.00 43.60 ? 66  HIS A NE2 1 
ATOM   541  N  N   . ASP A 1 67  ? 4.948   0.679   6.240   1.00 46.07 ? 67  ASP A N   1 
ATOM   542  C  CA  . ASP A 1 67  ? 5.137   -0.562  6.984   1.00 46.08 ? 67  ASP A CA  1 
ATOM   543  C  C   . ASP A 1 67  ? 6.587   -0.743  7.418   1.00 45.19 ? 67  ASP A C   1 
ATOM   544  O  O   . ASP A 1 67  ? 7.039   -1.868  7.637   1.00 47.92 ? 67  ASP A O   1 
ATOM   545  C  CB  . ASP A 1 67  ? 4.678   -1.766  6.164   1.00 44.98 ? 67  ASP A CB  1 
ATOM   546  C  CG  . ASP A 1 67  ? 3.170   -1.898  6.116   1.00 50.05 ? 67  ASP A CG  1 
ATOM   547  O  OD1 . ASP A 1 67  ? 2.496   -1.468  7.075   1.00 48.31 ? 67  ASP A OD1 1 
ATOM   548  O  OD2 . ASP A 1 67  ? 2.660   -2.438  5.117   1.00 47.03 ? 67  ASP A OD2 1 
ATOM   549  N  N   . VAL A 1 68  ? 7.329   0.359   7.551   1.00 41.42 ? 68  VAL A N   1 
ATOM   550  C  CA  . VAL A 1 68  ? 8.734   0.254   7.928   1.00 48.69 ? 68  VAL A CA  1 
ATOM   551  C  C   . VAL A 1 68  ? 8.896   -0.301  9.338   1.00 48.31 ? 68  VAL A C   1 
ATOM   552  O  O   . VAL A 1 68  ? 9.936   -0.889  9.651   1.00 51.67 ? 68  VAL A O   1 
ATOM   553  C  CB  . VAL A 1 68  ? 9.437   1.618   7.785   1.00 46.20 ? 68  VAL A CB  1 
ATOM   554  C  CG1 . VAL A 1 68  ? 9.043   2.552   8.921   1.00 50.32 ? 68  VAL A CG1 1 
ATOM   555  C  CG2 . VAL A 1 68  ? 10.950  1.438   7.721   1.00 46.13 ? 68  VAL A CG2 1 
ATOM   556  N  N   . THR A 1 69  ? 7.886   -0.152  10.196  1.00 52.69 ? 69  THR A N   1 
ATOM   557  C  CA  . THR A 1 69  ? 7.970   -0.699  11.544  1.00 53.15 ? 69  THR A CA  1 
ATOM   558  C  C   . THR A 1 69  ? 7.900   -2.220  11.566  1.00 53.18 ? 69  THR A C   1 
ATOM   559  O  O   . THR A 1 69  ? 8.191   -2.819  12.605  1.00 54.96 ? 69  THR A O   1 
ATOM   560  C  CB  . THR A 1 69  ? 6.857   -0.122  12.420  1.00 50.94 ? 69  THR A CB  1 
ATOM   561  O  OG1 . THR A 1 69  ? 5.582   -0.522  11.901  1.00 55.88 ? 69  THR A OG1 1 
ATOM   562  C  CG2 . THR A 1 69  ? 6.935   1.397   12.442  1.00 55.63 ? 69  THR A CG2 1 
ATOM   563  N  N   . GLU A 1 70  ? 7.530   -2.853  10.455  1.00 53.48 ? 70  GLU A N   1 
ATOM   564  C  CA  . GLU A 1 70  ? 7.431   -4.304  10.399  1.00 53.28 ? 70  GLU A CA  1 
ATOM   565  C  C   . GLU A 1 70  ? 8.786   -4.991  10.264  1.00 54.46 ? 70  GLU A C   1 
ATOM   566  O  O   . GLU A 1 70  ? 8.831   -6.223  10.194  1.00 52.45 ? 70  GLU A O   1 
ATOM   567  C  CB  . GLU A 1 70  ? 6.510   -4.721  9.250   1.00 54.86 ? 70  GLU A CB  1 
ATOM   568  C  CG  . GLU A 1 70  ? 5.082   -4.221  9.417   1.00 57.78 ? 70  GLU A CG  1 
ATOM   569  C  CD  . GLU A 1 70  ? 4.132   -4.782  8.380   1.00 60.19 ? 70  GLU A CD  1 
ATOM   570  O  OE1 . GLU A 1 70  ? 4.566   -5.628  7.568   1.00 59.15 ? 70  GLU A OE1 1 
ATOM   571  O  OE2 . GLU A 1 70  ? 2.951   -4.377  8.379   1.00 62.32 ? 70  GLU A OE2 1 
ATOM   572  N  N   . VAL A 1 71  ? 9.889   -4.240  10.225  1.00 51.73 ? 71  VAL A N   1 
ATOM   573  C  CA  . VAL A 1 71  ? 11.200  -4.875  10.323  1.00 52.55 ? 71  VAL A CA  1 
ATOM   574  C  C   . VAL A 1 71  ? 11.469  -5.367  11.737  1.00 55.77 ? 71  VAL A C   1 
ATOM   575  O  O   . VAL A 1 71  ? 12.353  -6.209  11.939  1.00 55.88 ? 71  VAL A O   1 
ATOM   576  C  CB  . VAL A 1 71  ? 12.326  -3.922  9.889   1.00 53.03 ? 71  VAL A CB  1 
ATOM   577  C  CG1 . VAL A 1 71  ? 13.579  -4.703  9.541   1.00 56.96 ? 71  VAL A CG1 1 
ATOM   578  C  CG2 . VAL A 1 71  ? 11.893  -3.094  8.711   1.00 53.66 ? 71  VAL A CG2 1 
ATOM   579  N  N   . VAL A 1 72  ? 10.730  -4.866  12.723  1.00 56.62 ? 72  VAL A N   1 
ATOM   580  C  CA  . VAL A 1 72  ? 10.852  -5.299  14.107  1.00 63.50 ? 72  VAL A CA  1 
ATOM   581  C  C   . VAL A 1 72  ? 9.683   -6.190  14.512  1.00 66.03 ? 72  VAL A C   1 
ATOM   582  O  O   . VAL A 1 72  ? 9.876   -7.264  15.084  1.00 71.22 ? 72  VAL A O   1 
ATOM   583  C  CB  . VAL A 1 72  ? 10.977  -4.087  15.058  1.00 63.76 ? 72  VAL A CB  1 
ATOM   584  C  CG1 . VAL A 1 72  ? 11.234  -4.553  16.487  1.00 66.38 ? 72  VAL A CG1 1 
ATOM   585  C  CG2 . VAL A 1 72  ? 12.076  -3.147  14.585  1.00 66.12 ? 72  VAL A CG2 1 
ATOM   586  N  N   . SER A 1 73  ? 8.458   -5.762  14.209  1.00 69.38 ? 73  SER A N   1 
ATOM   587  C  CA  . SER A 1 73  ? 7.249   -6.462  14.624  1.00 71.92 ? 73  SER A CA  1 
ATOM   588  C  C   . SER A 1 73  ? 6.710   -7.416  13.566  1.00 71.04 ? 73  SER A C   1 
ATOM   589  O  O   . SER A 1 73  ? 5.700   -8.084  13.816  1.00 74.65 ? 73  SER A O   1 
ATOM   590  C  CB  . SER A 1 73  ? 6.160   -5.450  15.001  1.00 70.19 ? 73  SER A CB  1 
ATOM   591  O  OG  . SER A 1 73  ? 5.803   -4.651  13.886  1.00 72.91 ? 73  SER A OG  1 
ATOM   592  N  N   . THR A 1 74  ? 7.351   -7.491  12.397  1.00 67.17 ? 74  THR A N   1 
ATOM   593  C  CA  . THR A 1 74  ? 6.953   -8.378  11.307  1.00 65.47 ? 74  THR A CA  1 
ATOM   594  C  C   . THR A 1 74  ? 5.512   -8.135  10.869  1.00 65.35 ? 74  THR A C   1 
ATOM   595  O  O   . THR A 1 74  ? 4.921   -7.099  11.193  1.00 70.48 ? 74  THR A O   1 
ATOM   596  C  CB  . THR A 1 74  ? 7.148   -9.847  11.700  1.00 67.72 ? 74  THR A CB  1 
ATOM   597  O  OG1 . THR A 1 74  ? 6.169   -10.225 12.676  1.00 74.24 ? 74  THR A OG1 1 
ATOM   598  C  CG2 . THR A 1 74  ? 8.543   -10.058 12.276  1.00 64.19 ? 74  THR A CG2 1 
ATOM   599  N  N   . HIS A 1 75  ? 4.947   -9.077  10.122  1.00 64.45 ? 75  HIS A N   1 
ATOM   600  C  CA  . HIS A 1 75  ? 3.582   -8.948  9.624   1.00 64.78 ? 75  HIS A CA  1 
ATOM   601  C  C   . HIS A 1 75  ? 2.768   -10.197 9.936   1.00 62.56 ? 75  HIS A C   1 
ATOM   602  O  O   . HIS A 1 75  ? 2.689   -11.114 9.120   1.00 65.81 ? 75  HIS A O   1 
ATOM   603  C  CB  . HIS A 1 75  ? 3.582   -8.685  8.115   1.00 57.95 ? 75  HIS A CB  1 
ATOM   604  C  CG  . HIS A 1 75  ? 2.212   -8.533  7.530   1.00 57.46 ? 75  HIS A CG  1 
ATOM   605  N  ND1 . HIS A 1 75  ? 1.500   -9.596  7.016   1.00 58.87 ? 75  HIS A ND1 1 
ATOM   606  C  CD2 . HIS A 1 75  ? 1.421   -7.445  7.381   1.00 57.86 ? 75  HIS A CD2 1 
ATOM   607  C  CE1 . HIS A 1 75  ? 0.332   -9.167  6.572   1.00 56.98 ? 75  HIS A CE1 1 
ATOM   608  N  NE2 . HIS A 1 75  ? 0.258   -7.866  6.783   1.00 61.24 ? 75  HIS A NE2 1 
ATOM   609  N  N   . LYS A 1 98  ? 14.172  2.552   16.093  1.00 82.23 ? 98  LYS A N   1 
ATOM   610  C  CA  . LYS A 1 98  ? 13.738  3.941   16.003  1.00 79.60 ? 98  LYS A CA  1 
ATOM   611  C  C   . LYS A 1 98  ? 14.806  4.874   16.563  1.00 81.49 ? 98  LYS A C   1 
ATOM   612  O  O   . LYS A 1 98  ? 14.756  6.087   16.360  1.00 82.94 ? 98  LYS A O   1 
ATOM   613  C  CB  . LYS A 1 98  ? 12.411  4.134   16.738  1.00 82.81 ? 98  LYS A CB  1 
ATOM   614  C  CG  . LYS A 1 98  ? 11.272  3.320   16.142  1.00 80.23 ? 98  LYS A CG  1 
ATOM   615  C  CD  . LYS A 1 98  ? 10.042  3.328   17.031  1.00 81.95 ? 98  LYS A CD  1 
ATOM   616  C  CE  . LYS A 1 98  ? 8.963   2.418   16.467  1.00 78.12 ? 98  LYS A CE  1 
ATOM   617  N  NZ  . LYS A 1 98  ? 7.800   2.293   17.385  1.00 82.79 ? 98  LYS A NZ  1 
ATOM   618  N  N   . ASN A 1 99  ? 15.773  4.295   17.276  1.00 81.17 ? 99  ASN A N   1 
ATOM   619  C  CA  . ASN A 1 99  ? 16.938  5.034   17.742  1.00 78.35 ? 99  ASN A CA  1 
ATOM   620  C  C   . ASN A 1 99  ? 18.174  4.792   16.889  1.00 77.55 ? 99  ASN A C   1 
ATOM   621  O  O   . ASN A 1 99  ? 19.076  5.638   16.878  1.00 73.19 ? 99  ASN A O   1 
ATOM   622  C  CB  . ASN A 1 99  ? 17.251  4.676   19.201  1.00 85.10 ? 99  ASN A CB  1 
ATOM   623  C  CG  . ASN A 1 99  ? 16.782  5.739   20.177  1.00 88.70 ? 99  ASN A CG  1 
ATOM   624  O  OD1 . ASN A 1 99  ? 16.042  6.654   19.810  1.00 87.45 ? 99  ASN A OD1 1 
ATOM   625  N  ND2 . ASN A 1 99  ? 17.212  5.625   21.430  1.00 89.29 ? 99  ASN A ND2 1 
ATOM   626  N  N   . SER A 1 100 ? 18.237  3.664   16.179  1.00 73.99 ? 100 SER A N   1 
ATOM   627  C  CA  . SER A 1 100 ? 19.336  3.411   15.257  1.00 72.99 ? 100 SER A CA  1 
ATOM   628  C  C   . SER A 1 100 ? 19.114  4.052   13.894  1.00 65.40 ? 100 SER A C   1 
ATOM   629  O  O   . SER A 1 100 ? 20.075  4.197   13.131  1.00 62.01 ? 100 SER A O   1 
ATOM   630  C  CB  . SER A 1 100 ? 19.548  1.905   15.082  1.00 71.56 ? 100 SER A CB  1 
ATOM   631  O  OG  . SER A 1 100 ? 18.400  1.289   14.526  1.00 74.45 ? 100 SER A OG  1 
ATOM   632  N  N   . LEU A 1 101 ? 17.873  4.430   13.574  1.00 65.40 ? 101 LEU A N   1 
ATOM   633  C  CA  . LEU A 1 101 ? 17.601  5.095   12.304  1.00 64.15 ? 101 LEU A CA  1 
ATOM   634  C  C   . LEU A 1 101 ? 18.289  6.452   12.230  1.00 61.66 ? 101 LEU A C   1 
ATOM   635  O  O   . LEU A 1 101 ? 18.901  6.790   11.209  1.00 61.38 ? 101 LEU A O   1 
ATOM   636  C  CB  . LEU A 1 101 ? 16.093  5.254   12.108  1.00 64.45 ? 101 LEU A CB  1 
ATOM   637  C  CG  . LEU A 1 101 ? 15.318  4.020   11.649  1.00 66.05 ? 101 LEU A CG  1 
ATOM   638  C  CD1 . LEU A 1 101 ? 13.818  4.277   11.696  1.00 65.80 ? 101 LEU A CD1 1 
ATOM   639  C  CD2 . LEU A 1 101 ? 15.749  3.627   10.248  1.00 57.65 ? 101 LEU A CD2 1 
ATOM   640  N  N   . PHE A 1 102 ? 18.204  7.237   13.299  1.00 63.02 ? 102 PHE A N   1 
ATOM   641  C  CA  . PHE A 1 102 ? 18.746  8.589   13.325  1.00 63.22 ? 102 PHE A CA  1 
ATOM   642  C  C   . PHE A 1 102 ? 20.213  8.639   13.731  1.00 64.00 ? 102 PHE A C   1 
ATOM   643  O  O   . PHE A 1 102 ? 20.792  9.729   13.762  1.00 62.73 ? 102 PHE A O   1 
ATOM   644  C  CB  . PHE A 1 102 ? 17.917  9.464   14.273  1.00 66.40 ? 102 PHE A CB  1 
ATOM   645  C  CG  . PHE A 1 102 ? 16.447  9.468   13.963  1.00 65.90 ? 102 PHE A CG  1 
ATOM   646  C  CD1 . PHE A 1 102 ? 15.919  10.379  13.064  1.00 64.94 ? 102 PHE A CD1 1 
ATOM   647  C  CD2 . PHE A 1 102 ? 15.595  8.557   14.567  1.00 67.44 ? 102 PHE A CD2 1 
ATOM   648  C  CE1 . PHE A 1 102 ? 14.566  10.383  12.775  1.00 66.20 ? 102 PHE A CE1 1 
ATOM   649  C  CE2 . PHE A 1 102 ? 14.242  8.556   14.281  1.00 68.22 ? 102 PHE A CE2 1 
ATOM   650  C  CZ  . PHE A 1 102 ? 13.728  9.471   13.385  1.00 64.07 ? 102 PHE A CZ  1 
ATOM   651  N  N   . ASP A 1 103 ? 20.822  7.494   14.036  1.00 63.70 ? 103 ASP A N   1 
ATOM   652  C  CA  . ASP A 1 103 ? 22.229  7.457   14.420  1.00 62.86 ? 103 ASP A CA  1 
ATOM   653  C  C   . ASP A 1 103 ? 23.097  7.910   13.253  1.00 63.67 ? 103 ASP A C   1 
ATOM   654  O  O   . ASP A 1 103 ? 23.016  7.347   12.156  1.00 62.78 ? 103 ASP A O   1 
ATOM   655  C  CB  . ASP A 1 103 ? 22.621  6.050   14.865  1.00 63.19 ? 103 ASP A CB  1 
ATOM   656  C  CG  . ASP A 1 103 ? 24.090  5.943   15.235  1.00 68.93 ? 103 ASP A CG  1 
ATOM   657  O  OD1 . ASP A 1 103 ? 24.652  6.936   15.744  1.00 67.70 ? 103 ASP A OD1 1 
ATOM   658  O  OD2 . ASP A 1 103 ? 24.684  4.866   15.018  1.00 69.00 ? 103 ASP A OD2 1 
ATOM   659  N  N   . ASN A 1 104 ? 23.920  8.933   13.490  1.00 67.93 ? 104 ASN A N   1 
ATOM   660  C  CA  . ASN A 1 104 ? 24.811  9.508   12.483  1.00 67.63 ? 104 ASN A CA  1 
ATOM   661  C  C   . ASN A 1 104 ? 24.045  10.053  11.279  1.00 64.15 ? 104 ASN A C   1 
ATOM   662  O  O   . ASN A 1 104 ? 24.632  10.307  10.223  1.00 65.28 ? 104 ASN A O   1 
ATOM   663  C  CB  . ASN A 1 104 ? 25.864  8.485   12.030  1.00 66.71 ? 104 ASN A CB  1 
ATOM   664  C  CG  . ASN A 1 104 ? 27.040  9.128   11.326  1.00 72.16 ? 104 ASN A CG  1 
ATOM   665  O  OD1 . ASN A 1 104 ? 27.370  10.289  11.575  1.00 77.67 ? 104 ASN A OD1 1 
ATOM   666  N  ND2 . ASN A 1 104 ? 27.678  8.378   10.433  1.00 71.72 ? 104 ASN A ND2 1 
ATOM   667  N  N   . LEU A 1 105 ? 22.743  10.245  11.418  1.00 62.58 ? 105 LEU A N   1 
ATOM   668  C  CA  . LEU A 1 105 ? 21.928  10.726  10.311  1.00 62.49 ? 105 LEU A CA  1 
ATOM   669  C  C   . LEU A 1 105 ? 21.970  12.249  10.264  1.00 64.01 ? 105 LEU A C   1 
ATOM   670  O  O   . LEU A 1 105 ? 21.806  12.897  11.305  1.00 62.18 ? 105 LEU A O   1 
ATOM   671  C  CB  . LEU A 1 105 ? 20.489  10.250  10.461  1.00 60.38 ? 105 LEU A CB  1 
ATOM   672  C  CG  . LEU A 1 105 ? 19.633  10.131  9.199   1.00 63.26 ? 105 LEU A CG  1 
ATOM   673  C  CD1 . LEU A 1 105 ? 20.246  9.134   8.229   1.00 58.17 ? 105 LEU A CD1 1 
ATOM   674  C  CD2 . LEU A 1 105 ? 18.212  9.727   9.558   1.00 59.91 ? 105 LEU A CD2 1 
ATOM   675  N  N   . PRO A 1 106 ? 22.199  12.852  9.100   1.00 63.38 ? 106 PRO A N   1 
ATOM   676  C  CA  . PRO A 1 106 ? 22.219  14.316  9.018   1.00 63.13 ? 106 PRO A CA  1 
ATOM   677  C  C   . PRO A 1 106 ? 20.850  14.910  9.316   1.00 62.77 ? 106 PRO A C   1 
ATOM   678  O  O   . PRO A 1 106 ? 19.824  14.224  9.317   1.00 62.04 ? 106 PRO A O   1 
ATOM   679  C  CB  . PRO A 1 106 ? 22.644  14.589  7.572   1.00 64.15 ? 106 PRO A CB  1 
ATOM   680  C  CG  . PRO A 1 106 ? 22.259  13.354  6.827   1.00 62.75 ? 106 PRO A CG  1 
ATOM   681  C  CD  . PRO A 1 106 ? 22.470  12.223  7.796   1.00 62.90 ? 106 PRO A CD  1 
ATOM   682  N  N   . ILE A 1 107 ? 20.848  16.223  9.564   1.00 65.82 ? 107 ILE A N   1 
ATOM   683  C  CA  . ILE A 1 107 ? 19.625  16.897  9.994   1.00 64.80 ? 107 ILE A CA  1 
ATOM   684  C  C   . ILE A 1 107 ? 18.569  16.877  8.893   1.00 65.30 ? 107 ILE A C   1 
ATOM   685  O  O   . ILE A 1 107 ? 17.369  16.767  9.178   1.00 64.59 ? 107 ILE A O   1 
ATOM   686  C  CB  . ILE A 1 107 ? 19.942  18.332  10.458  1.00 68.46 ? 107 ILE A CB  1 
ATOM   687  C  CG1 . ILE A 1 107 ? 18.671  19.035  10.942  1.00 70.38 ? 107 ILE A CG1 1 
ATOM   688  C  CG2 . ILE A 1 107 ? 20.617  19.131  9.349   1.00 68.82 ? 107 ILE A CG2 1 
ATOM   689  C  CD1 . ILE A 1 107 ? 18.020  18.365  12.133  1.00 71.52 ? 107 ILE A CD1 1 
ATOM   690  N  N   . THR A 1 108 ? 18.983  16.965  7.627   1.00 64.82 ? 108 THR A N   1 
ATOM   691  C  CA  . THR A 1 108 ? 18.010  16.958  6.540   1.00 64.88 ? 108 THR A CA  1 
ATOM   692  C  C   . THR A 1 108 ? 17.312  15.608  6.414   1.00 62.32 ? 108 THR A C   1 
ATOM   693  O  O   . THR A 1 108 ? 16.127  15.555  6.067   1.00 60.64 ? 108 THR A O   1 
ATOM   694  C  CB  . THR A 1 108 ? 18.684  17.338  5.219   1.00 63.36 ? 108 THR A CB  1 
ATOM   695  O  OG1 . THR A 1 108 ? 17.758  17.170  4.137   1.00 64.68 ? 108 THR A OG1 1 
ATOM   696  C  CG2 . THR A 1 108 ? 19.917  16.479  4.971   1.00 57.68 ? 108 THR A CG2 1 
ATOM   697  N  N   . LEU A 1 109 ? 18.018  14.512  6.701   1.00 63.07 ? 109 LEU A N   1 
ATOM   698  C  CA  . LEU A 1 109 ? 17.400  13.193  6.615   1.00 64.74 ? 109 LEU A CA  1 
ATOM   699  C  C   . LEU A 1 109 ? 16.598  12.868  7.867   1.00 60.38 ? 109 LEU A C   1 
ATOM   700  O  O   . LEU A 1 109 ? 15.536  12.240  7.780   1.00 58.68 ? 109 LEU A O   1 
ATOM   701  C  CB  . LEU A 1 109 ? 18.466  12.124  6.374   1.00 60.92 ? 109 LEU A CB  1 
ATOM   702  C  CG  . LEU A 1 109 ? 19.098  12.088  4.982   1.00 61.39 ? 109 LEU A CG  1 
ATOM   703  C  CD1 . LEU A 1 109 ? 20.157  11.000  4.906   1.00 55.07 ? 109 LEU A CD1 1 
ATOM   704  C  CD2 . LEU A 1 109 ? 18.031  11.873  3.917   1.00 61.39 ? 109 LEU A CD2 1 
ATOM   705  N  N   . SER A 1 110 ? 17.088  13.280  9.038   1.00 60.16 ? 110 SER A N   1 
ATOM   706  C  CA  . SER A 1 110 ? 16.363  13.010  10.276  1.00 62.28 ? 110 SER A CA  1 
ATOM   707  C  C   . SER A 1 110 ? 15.048  13.778  10.324  1.00 61.23 ? 110 SER A C   1 
ATOM   708  O  O   . SER A 1 110 ? 14.035  13.254  10.802  1.00 56.47 ? 110 SER A O   1 
ATOM   709  C  CB  . SER A 1 110 ? 17.237  13.351  11.481  1.00 61.76 ? 110 SER A CB  1 
ATOM   710  O  OG  . SER A 1 110 ? 17.622  14.714  11.462  1.00 68.65 ? 110 SER A OG  1 
ATOM   711  N  N   . ASP A 1 111 ? 15.042  15.020  9.831   1.00 62.76 ? 111 ASP A N   1 
ATOM   712  C  CA  . ASP A 1 111 ? 13.807  15.799  9.797   1.00 61.91 ? 111 ASP A CA  1 
ATOM   713  C  C   . ASP A 1 111 ? 12.775  15.147  8.887   1.00 61.29 ? 111 ASP A C   1 
ATOM   714  O  O   . ASP A 1 111 ? 11.606  14.999  9.262   1.00 59.00 ? 111 ASP A O   1 
ATOM   715  C  CB  . ASP A 1 111 ? 14.096  17.230  9.342   1.00 66.42 ? 111 ASP A CB  1 
ATOM   716  C  CG  . ASP A 1 111 ? 14.863  18.029  10.377  1.00 71.72 ? 111 ASP A CG  1 
ATOM   717  O  OD1 . ASP A 1 111 ? 14.804  17.672  11.573  1.00 77.39 ? 111 ASP A OD1 1 
ATOM   718  O  OD2 . ASP A 1 111 ? 15.519  19.020  9.993   1.00 71.43 ? 111 ASP A OD2 1 
ATOM   719  N  N   . THR A 1 112 ? 13.189  14.750  7.680   1.00 59.76 ? 112 THR A N   1 
ATOM   720  C  CA  . THR A 1 112 ? 12.261  14.093  6.765   1.00 59.86 ? 112 THR A CA  1 
ATOM   721  C  C   . THR A 1 112 ? 11.780  12.764  7.332   1.00 56.99 ? 112 THR A C   1 
ATOM   722  O  O   . THR A 1 112 ? 10.600  12.416  7.206   1.00 60.99 ? 112 THR A O   1 
ATOM   723  C  CB  . THR A 1 112 ? 12.920  13.891  5.400   1.00 58.23 ? 112 THR A CB  1 
ATOM   724  O  OG1 . THR A 1 112 ? 13.384  15.152  4.901   1.00 58.99 ? 112 THR A OG1 1 
ATOM   725  C  CG2 . THR A 1 112 ? 11.924  13.303  4.409   1.00 61.54 ? 112 THR A CG2 1 
ATOM   726  N  N   . LEU A 1 113 ? 12.676  12.010  7.974   1.00 55.64 ? 113 LEU A N   1 
ATOM   727  C  CA  . LEU A 1 113 ? 12.279  10.735  8.562   1.00 55.09 ? 113 LEU A CA  1 
ATOM   728  C  C   . LEU A 1 113 ? 11.339  10.940  9.744   1.00 57.18 ? 113 LEU A C   1 
ATOM   729  O  O   . LEU A 1 113 ? 10.395  10.162  9.935   1.00 53.43 ? 113 LEU A O   1 
ATOM   730  C  CB  . LEU A 1 113 ? 13.517  9.944   8.987   1.00 60.31 ? 113 LEU A CB  1 
ATOM   731  C  CG  . LEU A 1 113 ? 13.275  8.586   9.648   1.00 60.43 ? 113 LEU A CG  1 
ATOM   732  C  CD1 . LEU A 1 113 ? 12.506  7.663   8.717   1.00 63.69 ? 113 LEU A CD1 1 
ATOM   733  C  CD2 . LEU A 1 113 ? 14.593  7.952   10.068  1.00 66.60 ? 113 LEU A CD2 1 
ATOM   734  N  N   . SER A 1 114 ? 11.578  11.980  10.547  1.00 57.77 ? 114 SER A N   1 
ATOM   735  C  CA  . SER A 1 114 ? 10.689  12.265  11.669  1.00 58.53 ? 114 SER A CA  1 
ATOM   736  C  C   . SER A 1 114 ? 9.301   12.668  11.187  1.00 52.85 ? 114 SER A C   1 
ATOM   737  O  O   . SER A 1 114 ? 8.293   12.266  11.779  1.00 57.04 ? 114 SER A O   1 
ATOM   738  C  CB  . SER A 1 114 ? 11.288  13.360  12.554  1.00 60.59 ? 114 SER A CB  1 
ATOM   739  O  OG  . SER A 1 114 ? 12.498  12.930  13.154  1.00 64.80 ? 114 SER A OG  1 
ATOM   740  N  N   . THR A 1 115 ? 9.228   13.464  10.116  1.00 57.20 ? 115 THR A N   1 
ATOM   741  C  CA  . THR A 1 115 ? 7.929   13.872  9.588   1.00 56.83 ? 115 THR A CA  1 
ATOM   742  C  C   . THR A 1 115 ? 7.126   12.668  9.113   1.00 59.06 ? 115 THR A C   1 
ATOM   743  O  O   . THR A 1 115 ? 5.909   12.600  9.324   1.00 61.97 ? 115 THR A O   1 
ATOM   744  C  CB  . THR A 1 115 ? 8.115   14.875  8.447   1.00 61.14 ? 115 THR A CB  1 
ATOM   745  O  OG1 . THR A 1 115 ? 8.894   15.986  8.908   1.00 59.24 ? 115 THR A OG1 1 
ATOM   746  C  CG2 . THR A 1 115 ? 6.766   15.382  7.957   1.00 62.98 ? 115 THR A CG2 1 
ATOM   747  N  N   . ILE A 1 116 ? 7.793   11.700  8.478   1.00 57.75 ? 116 ILE A N   1 
ATOM   748  C  CA  . ILE A 1 116 ? 7.107   10.488  8.044   1.00 53.51 ? 116 ILE A CA  1 
ATOM   749  C  C   . ILE A 1 116 ? 6.725   9.631   9.244   1.00 62.03 ? 116 ILE A C   1 
ATOM   750  O  O   . ILE A 1 116 ? 5.598   9.128   9.333   1.00 62.54 ? 116 ILE A O   1 
ATOM   751  C  CB  . ILE A 1 116 ? 7.988   9.708   7.051   1.00 61.66 ? 116 ILE A CB  1 
ATOM   752  C  CG1 . ILE A 1 116 ? 8.336   10.576  5.843   1.00 58.73 ? 116 ILE A CG1 1 
ATOM   753  C  CG2 . ILE A 1 116 ? 7.297   8.427   6.608   1.00 58.57 ? 116 ILE A CG2 1 
ATOM   754  C  CD1 . ILE A 1 116 ? 9.436   9.999   4.982   1.00 62.97 ? 116 ILE A CD1 1 
ATOM   755  N  N   . LEU A 1 117 ? 7.653   9.458   10.189  1.00 60.78 ? 117 LEU A N   1 
ATOM   756  C  CA  . LEU A 1 117 ? 7.405   8.580   11.328  1.00 61.78 ? 117 LEU A CA  1 
ATOM   757  C  C   . LEU A 1 117 ? 6.408   9.188   12.309  1.00 62.90 ? 117 LEU A C   1 
ATOM   758  O  O   . LEU A 1 117 ? 5.666   8.453   12.969  1.00 64.02 ? 117 LEU A O   1 
ATOM   759  C  CB  . LEU A 1 117 ? 8.728   8.262   12.026  1.00 65.44 ? 117 LEU A CB  1 
ATOM   760  C  CG  . LEU A 1 117 ? 8.801   7.051   12.960  1.00 71.81 ? 117 LEU A CG  1 
ATOM   761  C  CD1 . LEU A 1 117 ? 10.194  6.443   12.913  1.00 69.25 ? 117 LEU A CD1 1 
ATOM   762  C  CD2 . LEU A 1 117 ? 8.441   7.434   14.389  1.00 74.33 ? 117 LEU A CD2 1 
ATOM   763  N  N   . ASN A 1 118 ? 6.375   10.516  12.420  1.00 62.15 ? 118 ASN A N   1 
ATOM   764  C  CA  . ASN A 1 118 ? 5.449   11.181  13.330  1.00 58.81 ? 118 ASN A CA  1 
ATOM   765  C  C   . ASN A 1 118 ? 4.410   11.972  12.545  1.00 61.70 ? 118 ASN A C   1 
ATOM   766  O  O   . ASN A 1 118 ? 4.144   13.138  12.854  1.00 63.34 ? 118 ASN A O   1 
ATOM   767  C  CB  . ASN A 1 118 ? 6.203   12.105  14.289  1.00 60.57 ? 118 ASN A CB  1 
ATOM   768  C  CG  . ASN A 1 118 ? 7.236   11.368  15.121  1.00 67.16 ? 118 ASN A CG  1 
ATOM   769  O  OD1 . ASN A 1 118 ? 7.024   10.225  15.529  1.00 69.55 ? 118 ASN A OD1 1 
ATOM   770  N  ND2 . ASN A 1 118 ? 8.365   12.022  15.374  1.00 69.62 ? 118 ASN A ND2 1 
ATOM   771  N  N   . ASN A 1 119 ? 3.816   11.346  11.534  1.00 57.53 ? 119 ASN A N   1 
ATOM   772  C  CA  . ASN A 1 119 ? 2.886   12.048  10.663  1.00 59.65 ? 119 ASN A CA  1 
ATOM   773  C  C   . ASN A 1 119 ? 1.552   12.283  11.361  1.00 56.51 ? 119 ASN A C   1 
ATOM   774  O  O   . ASN A 1 119 ? 1.020   11.397  12.036  1.00 56.65 ? 119 ASN A O   1 
ATOM   775  C  CB  . ASN A 1 119 ? 2.667   11.256  9.374   1.00 57.72 ? 119 ASN A CB  1 
ATOM   776  C  CG  . ASN A 1 119 ? 1.565   11.841  8.513   1.00 54.07 ? 119 ASN A CG  1 
ATOM   777  O  OD1 . ASN A 1 119 ? 1.799   12.751  7.719   1.00 59.99 ? 119 ASN A OD1 1 
ATOM   778  N  ND2 . ASN A 1 119 ? 0.356   11.320  8.665   1.00 57.55 ? 119 ASN A ND2 1 
ATOM   779  N  N   . ASN A 1 120 ? 1.011   13.489  11.193  1.00 53.02 ? 120 ASN A N   1 
ATOM   780  C  CA  . ASN A 1 120 ? -0.327  13.809  11.674  1.00 53.97 ? 120 ASN A CA  1 
ATOM   781  C  C   . ASN A 1 120 ? -1.245  14.281  10.553  1.00 53.72 ? 120 ASN A C   1 
ATOM   782  O  O   . ASN A 1 120 ? -2.325  14.815  10.835  1.00 54.78 ? 120 ASN A O   1 
ATOM   783  C  CB  . ASN A 1 120 ? -0.265  14.859  12.791  1.00 57.98 ? 120 ASN A CB  1 
ATOM   784  C  CG  . ASN A 1 120 ? 0.474   16.118  12.380  1.00 54.63 ? 120 ASN A CG  1 
ATOM   785  O  OD1 . ASN A 1 120 ? 0.732   16.352  11.200  1.00 58.68 ? 120 ASN A OD1 1 
ATOM   786  N  ND2 . ASN A 1 120 ? 0.818   16.942  13.362  1.00 58.48 ? 120 ASN A ND2 1 
ATOM   787  N  N   . ASP A 1 121 ? -0.848  14.103  9.296   1.00 50.58 ? 121 ASP A N   1 
ATOM   788  C  CA  . ASP A 1 121 ? -1.699  14.437  8.155   1.00 51.99 ? 121 ASP A CA  1 
ATOM   789  C  C   . ASP A 1 121 ? -2.718  13.315  7.998   1.00 50.64 ? 121 ASP A C   1 
ATOM   790  O  O   . ASP A 1 121 ? -2.392  12.222  7.530   1.00 46.27 ? 121 ASP A O   1 
ATOM   791  C  CB  . ASP A 1 121 ? -0.862  14.626  6.895   1.00 50.05 ? 121 ASP A CB  1 
ATOM   792  C  CG  . ASP A 1 121 ? -1.652  15.234  5.747   1.00 51.85 ? 121 ASP A CG  1 
ATOM   793  O  OD1 . ASP A 1 121 ? -2.746  14.725  5.424   1.00 49.70 ? 121 ASP A OD1 1 
ATOM   794  O  OD2 . ASP A 1 121 ? -1.176  16.231  5.163   1.00 57.19 ? 121 ASP A OD2 1 
ATOM   795  N  N   . LEU A 1 122 ? -3.964  13.588  8.392   1.00 48.30 ? 122 LEU A N   1 
ATOM   796  C  CA  . LEU A 1 122 ? -4.993  12.554  8.388   1.00 46.44 ? 122 LEU A CA  1 
ATOM   797  C  C   . LEU A 1 122 ? -5.384  12.141  6.974   1.00 43.50 ? 122 LEU A C   1 
ATOM   798  O  O   . LEU A 1 122 ? -5.774  10.988  6.754   1.00 42.83 ? 122 LEU A O   1 
ATOM   799  C  CB  . LEU A 1 122 ? -6.225  13.040  9.153   1.00 47.60 ? 122 LEU A CB  1 
ATOM   800  C  CG  . LEU A 1 122 ? -5.993  13.449  10.608  1.00 51.50 ? 122 LEU A CG  1 
ATOM   801  C  CD1 . LEU A 1 122 ? -7.293  13.914  11.246  1.00 54.76 ? 122 LEU A CD1 1 
ATOM   802  C  CD2 . LEU A 1 122 ? -5.385  12.299  11.396  1.00 52.87 ? 122 LEU A CD2 1 
ATOM   803  N  N   . GLU A 1 123 ? -5.297  13.060  6.012   1.00 42.55 ? 123 GLU A N   1 
ATOM   804  C  CA  . GLU A 1 123 ? -5.672  12.729  4.642   1.00 42.15 ? 123 GLU A CA  1 
ATOM   805  C  C   . GLU A 1 123 ? -4.675  11.763  4.015   1.00 44.11 ? 123 GLU A C   1 
ATOM   806  O  O   . GLU A 1 123 ? -5.070  10.803  3.344   1.00 38.67 ? 123 GLU A O   1 
ATOM   807  C  CB  . GLU A 1 123 ? -5.782  14.003  3.808   1.00 44.68 ? 123 GLU A CB  1 
ATOM   808  C  CG  . GLU A 1 123 ? -6.248  13.775  2.384   1.00 47.81 ? 123 GLU A CG  1 
ATOM   809  C  CD  . GLU A 1 123 ? -6.354  15.067  1.597   1.00 56.01 ? 123 GLU A CD  1 
ATOM   810  O  OE1 . GLU A 1 123 ? -5.518  15.968  1.817   1.00 57.81 ? 123 GLU A OE1 1 
ATOM   811  O  OE2 . GLU A 1 123 ? -7.277  15.183  0.765   1.00 58.21 ? 123 GLU A OE2 1 
ATOM   812  N  N   . ILE A 1 124 ? -3.379  12.003  4.222   1.00 41.12 ? 124 ILE A N   1 
ATOM   813  C  CA  . ILE A 1 124 ? -2.358  11.095  3.706   1.00 44.89 ? 124 ILE A CA  1 
ATOM   814  C  C   . ILE A 1 124 ? -2.516  9.711   4.321   1.00 42.11 ? 124 ILE A C   1 
ATOM   815  O  O   . ILE A 1 124 ? -2.452  8.694   3.619   1.00 41.57 ? 124 ILE A O   1 
ATOM   816  C  CB  . ILE A 1 124 ? -0.954  11.676  3.960   1.00 45.68 ? 124 ILE A CB  1 
ATOM   817  C  CG1 . ILE A 1 124 ? -0.725  12.905  3.079   1.00 46.48 ? 124 ILE A CG1 1 
ATOM   818  C  CG2 . ILE A 1 124 ? 0.118   10.627  3.716   1.00 44.30 ? 124 ILE A CG2 1 
ATOM   819  C  CD1 . ILE A 1 124 ? 0.635   13.534  3.259   1.00 52.99 ? 124 ILE A CD1 1 
ATOM   820  N  N   . GLN A 1 125 ? -2.730  9.648   5.640   1.00 41.01 ? 125 GLN A N   1 
ATOM   821  C  CA  . GLN A 1 125 ? -2.947  8.361   6.295   1.00 42.99 ? 125 GLN A CA  1 
ATOM   822  C  C   . GLN A 1 125 ? -4.157  7.643   5.717   1.00 43.18 ? 125 GLN A C   1 
ATOM   823  O  O   . GLN A 1 125 ? -4.136  6.420   5.536   1.00 40.48 ? 125 GLN A O   1 
ATOM   824  C  CB  . GLN A 1 125 ? -3.125  8.555   7.800   1.00 45.08 ? 125 GLN A CB  1 
ATOM   825  C  CG  . GLN A 1 125 ? -1.867  8.975   8.529   1.00 55.85 ? 125 GLN A CG  1 
ATOM   826  C  CD  . GLN A 1 125 ? -2.071  9.059   10.026  1.00 60.93 ? 125 GLN A CD  1 
ATOM   827  O  OE1 . GLN A 1 125 ? -3.144  8.736   10.537  1.00 67.59 ? 125 GLN A OE1 1 
ATOM   828  N  NE2 . GLN A 1 125 ? -1.038  9.490   10.741  1.00 62.13 ? 125 GLN A NE2 1 
ATOM   829  N  N   . GLU A 1 126 ? -5.224  8.388   5.423   1.00 40.60 ? 126 GLU A N   1 
ATOM   830  C  CA  . GLU A 1 126 ? -6.434  7.775   4.887   1.00 41.10 ? 126 GLU A CA  1 
ATOM   831  C  C   . GLU A 1 126 ? -6.208  7.235   3.480   1.00 37.94 ? 126 GLU A C   1 
ATOM   832  O  O   . GLU A 1 126 ? -6.667  6.135   3.152   1.00 39.63 ? 126 GLU A O   1 
ATOM   833  C  CB  . GLU A 1 126 ? -7.575  8.792   4.906   1.00 43.45 ? 126 GLU A CB  1 
ATOM   834  C  CG  . GLU A 1 126 ? -8.846  8.345   4.216   1.00 44.32 ? 126 GLU A CG  1 
ATOM   835  C  CD  . GLU A 1 126 ? -9.990  9.312   4.453   1.00 46.87 ? 126 GLU A CD  1 
ATOM   836  O  OE1 . GLU A 1 126 ? -10.480 9.380   5.599   1.00 44.83 ? 126 GLU A OE1 1 
ATOM   837  O  OE2 . GLU A 1 126 ? -10.386 10.015  3.500   1.00 47.86 ? 126 GLU A OE2 1 
ATOM   838  N  N   . ILE A 1 127 ? -5.502  7.992   2.638   1.00 39.12 ? 127 ILE A N   1 
ATOM   839  C  CA  . ILE A 1 127 ? -5.239  7.541   1.274   1.00 38.94 ? 127 ILE A CA  1 
ATOM   840  C  C   . ILE A 1 127 ? -4.395  6.271   1.285   1.00 39.93 ? 127 ILE A C   1 
ATOM   841  O  O   . ILE A 1 127 ? -4.676  5.313   0.554   1.00 37.48 ? 127 ILE A O   1 
ATOM   842  C  CB  . ILE A 1 127 ? -4.568  8.666   0.464   1.00 40.28 ? 127 ILE A CB  1 
ATOM   843  C  CG1 . ILE A 1 127 ? -5.556  9.812   0.227   1.00 41.14 ? 127 ILE A CG1 1 
ATOM   844  C  CG2 . ILE A 1 127 ? -4.021  8.132   -0.851  1.00 36.38 ? 127 ILE A CG2 1 
ATOM   845  C  CD1 . ILE A 1 127 ? -4.948  11.011  -0.463  1.00 40.15 ? 127 ILE A CD1 1 
ATOM   846  N  N   . VAL A 1 128 ? -3.361  6.238   2.127   1.00 35.77 ? 128 VAL A N   1 
ATOM   847  C  CA  . VAL A 1 128 ? -2.486  5.072   2.193   1.00 37.39 ? 128 VAL A CA  1 
ATOM   848  C  C   . VAL A 1 128 ? -3.227  3.874   2.775   1.00 37.86 ? 128 VAL A C   1 
ATOM   849  O  O   . VAL A 1 128 ? -3.033  2.735   2.332   1.00 38.86 ? 128 VAL A O   1 
ATOM   850  C  CB  . VAL A 1 128 ? -1.219  5.412   2.999   1.00 39.63 ? 128 VAL A CB  1 
ATOM   851  C  CG1 . VAL A 1 128 ? -0.357  4.175   3.200   1.00 44.21 ? 128 VAL A CG1 1 
ATOM   852  C  CG2 . VAL A 1 128 ? -0.433  6.497   2.288   1.00 37.58 ? 128 VAL A CG2 1 
ATOM   853  N  N   . GLU A 1 129 ? -4.085  4.106   3.774   1.00 39.58 ? 129 GLU A N   1 
ATOM   854  C  CA  . GLU A 1 129 ? -4.898  3.017   4.308   1.00 40.58 ? 129 GLU A CA  1 
ATOM   855  C  C   . GLU A 1 129 ? -5.828  2.453   3.242   1.00 37.73 ? 129 GLU A C   1 
ATOM   856  O  O   . GLU A 1 129 ? -6.029  1.236   3.165   1.00 38.24 ? 129 GLU A O   1 
ATOM   857  C  CB  . GLU A 1 129 ? -5.701  3.498   5.517   1.00 38.83 ? 129 GLU A CB  1 
ATOM   858  C  CG  . GLU A 1 129 ? -4.882  3.625   6.786   1.00 52.16 ? 129 GLU A CG  1 
ATOM   859  C  CD  . GLU A 1 129 ? -5.678  4.202   7.938   1.00 56.57 ? 129 GLU A CD  1 
ATOM   860  O  OE1 . GLU A 1 129 ? -6.918  4.298   7.820   1.00 53.22 ? 129 GLU A OE1 1 
ATOM   861  O  OE2 . GLU A 1 129 ? -5.058  4.562   8.962   1.00 59.70 ? 129 GLU A OE2 1 
ATOM   862  N  N   . HIS A 1 130 ? -6.403  3.324   2.413   1.00 38.58 ? 130 HIS A N   1 
ATOM   863  C  CA  . HIS A 1 130 ? -7.221  2.854   1.301   1.00 36.63 ? 130 HIS A CA  1 
ATOM   864  C  C   . HIS A 1 130 ? -6.374  2.128   0.264   1.00 38.25 ? 130 HIS A C   1 
ATOM   865  O  O   . HIS A 1 130 ? -6.782  1.084   -0.256  1.00 41.42 ? 130 HIS A O   1 
ATOM   866  C  CB  . HIS A 1 130 ? -7.964  4.026   0.668   1.00 39.36 ? 130 HIS A CB  1 
ATOM   867  C  CG  . HIS A 1 130 ? -9.050  4.583   1.534   1.00 40.98 ? 130 HIS A CG  1 
ATOM   868  N  ND1 . HIS A 1 130 ? -9.664  5.790   1.277   1.00 37.81 ? 130 HIS A ND1 1 
ATOM   869  C  CD2 . HIS A 1 130 ? -9.633  4.095   2.655   1.00 37.46 ? 130 HIS A CD2 1 
ATOM   870  C  CE1 . HIS A 1 130 ? -10.579 6.021   2.200   1.00 43.80 ? 130 HIS A CE1 1 
ATOM   871  N  NE2 . HIS A 1 130 ? -10.580 5.009   3.049   1.00 40.51 ? 130 HIS A NE2 1 
ATOM   872  N  N   . ALA A 1 131 ? -5.193  2.669   -0.052  1.00 36.34 ? 131 ALA A N   1 
ATOM   873  C  CA  . ALA A 1 131 ? -4.292  1.989   -0.976  1.00 35.74 ? 131 ALA A CA  1 
ATOM   874  C  C   . ALA A 1 131 ? -3.850  0.643   -0.424  1.00 36.41 ? 131 ALA A C   1 
ATOM   875  O  O   . ALA A 1 131 ? -3.673  -0.317  -1.184  1.00 35.54 ? 131 ALA A O   1 
ATOM   876  C  CB  . ALA A 1 131 ? -3.075  2.865   -1.267  1.00 33.05 ? 131 ALA A CB  1 
ATOM   877  N  N   . ASP A 1 132 ? -3.664  0.558   0.893   1.00 39.37 ? 132 ASP A N   1 
ATOM   878  C  CA  . ASP A 1 132 ? -3.304  -0.707  1.519   1.00 37.33 ? 132 ASP A CA  1 
ATOM   879  C  C   . ASP A 1 132 ? -4.409  -1.739  1.337   1.00 42.14 ? 132 ASP A C   1 
ATOM   880  O  O   . ASP A 1 132 ? -4.137  -2.909  1.042   1.00 38.27 ? 132 ASP A O   1 
ATOM   881  C  CB  . ASP A 1 132 ? -3.014  -0.478  3.002   1.00 41.74 ? 132 ASP A CB  1 
ATOM   882  C  CG  . ASP A 1 132 ? -2.422  -1.692  3.674   1.00 48.70 ? 132 ASP A CG  1 
ATOM   883  O  OD1 . ASP A 1 132 ? -1.203  -1.906  3.531   1.00 43.72 ? 132 ASP A OD1 1 
ATOM   884  O  OD2 . ASP A 1 132 ? -3.172  -2.424  4.353   1.00 54.00 ? 132 ASP A OD2 1 
ATOM   885  N  N   . HIS A 1 133 ? -5.665  -1.322  1.503   1.00 38.03 ? 133 HIS A N   1 
ATOM   886  C  CA  . HIS A 1 133 ? -6.774  -2.244  1.298   1.00 38.45 ? 133 HIS A CA  1 
ATOM   887  C  C   . HIS A 1 133 ? -6.901  -2.637  -0.169  1.00 38.06 ? 133 HIS A C   1 
ATOM   888  O  O   . HIS A 1 133 ? -7.193  -3.797  -0.482  1.00 39.96 ? 133 HIS A O   1 
ATOM   889  C  CB  . HIS A 1 133 ? -8.077  -1.625  1.804   1.00 42.23 ? 133 HIS A CB  1 
ATOM   890  C  CG  . HIS A 1 133 ? -9.243  -2.561  1.753   1.00 46.03 ? 133 HIS A CG  1 
ATOM   891  N  ND1 . HIS A 1 133 ? -9.557  -3.415  2.788   1.00 49.84 ? 133 HIS A ND1 1 
ATOM   892  C  CD2 . HIS A 1 133 ? -10.156 -2.794  0.781   1.00 45.33 ? 133 HIS A CD2 1 
ATOM   893  C  CE1 . HIS A 1 133 ? -10.621 -4.127  2.461   1.00 47.49 ? 133 HIS A CE1 1 
ATOM   894  N  NE2 . HIS A 1 133 ? -11.003 -3.770  1.247   1.00 45.50 ? 133 HIS A NE2 1 
ATOM   895  N  N   . VAL A 1 134 ? -6.681  -1.687  -1.080  1.00 36.08 ? 134 VAL A N   1 
ATOM   896  C  CA  . VAL A 1 134 ? -6.736  -2.003  -2.506  1.00 36.79 ? 134 VAL A CA  1 
ATOM   897  C  C   . VAL A 1 134 ? -5.671  -3.032  -2.866  1.00 38.91 ? 134 VAL A C   1 
ATOM   898  O  O   . VAL A 1 134 ? -5.933  -3.979  -3.617  1.00 36.46 ? 134 VAL A O   1 
ATOM   899  C  CB  . VAL A 1 134 ? -6.596  -0.720  -3.346  1.00 37.13 ? 134 VAL A CB  1 
ATOM   900  C  CG1 . VAL A 1 134 ? -6.320  -1.059  -4.802  1.00 35.67 ? 134 VAL A CG1 1 
ATOM   901  C  CG2 . VAL A 1 134 ? -7.853  0.127   -3.228  1.00 38.93 ? 134 VAL A CG2 1 
ATOM   902  N  N   . ASP A 1 135 ? -4.460  -2.875  -2.324  1.00 35.48 ? 135 ASP A N   1 
ATOM   903  C  CA  . ASP A 1 135 ? -3.395  -3.823  -2.634  1.00 32.84 ? 135 ASP A CA  1 
ATOM   904  C  C   . ASP A 1 135 ? -3.718  -5.215  -2.107  1.00 32.21 ? 135 ASP A C   1 
ATOM   905  O  O   . ASP A 1 135 ? -3.494  -6.215  -2.800  1.00 37.15 ? 135 ASP A O   1 
ATOM   906  C  CB  . ASP A 1 135 ? -2.065  -3.346  -2.058  1.00 34.77 ? 135 ASP A CB  1 
ATOM   907  C  CG  . ASP A 1 135 ? -1.013  -4.436  -2.073  1.00 39.74 ? 135 ASP A CG  1 
ATOM   908  O  OD1 . ASP A 1 135 ? -0.394  -4.651  -3.138  1.00 37.62 ? 135 ASP A OD1 1 
ATOM   909  O  OD2 . ASP A 1 135 ? -0.820  -5.093  -1.029  1.00 36.68 ? 135 ASP A OD2 1 
ATOM   910  N  N   . ALA A 1 136 ? -4.223  -5.301  -0.875  1.00 35.02 ? 136 ALA A N   1 
ATOM   911  C  CA  . ALA A 1 136 ? -4.625  -6.593  -0.329  1.00 36.85 ? 136 ALA A CA  1 
ATOM   912  C  C   . ALA A 1 136 ? -5.673  -7.259  -1.211  1.00 37.29 ? 136 ALA A C   1 
ATOM   913  O  O   . ALA A 1 136 ? -5.605  -8.469  -1.462  1.00 37.16 ? 136 ALA A O   1 
ATOM   914  C  CB  . ALA A 1 136 ? -5.148  -6.422  1.098   1.00 33.06 ? 136 ALA A CB  1 
ATOM   915  N  N   . TYR A 1 137 ? -6.646  -6.486  -1.700  1.00 37.32 ? 137 TYR A N   1 
ATOM   916  C  CA  . TYR A 1 137 ? -7.646  -7.051  -2.602  1.00 36.90 ? 137 TYR A CA  1 
ATOM   917  C  C   . TYR A 1 137 ? -7.013  -7.490  -3.917  1.00 36.43 ? 137 TYR A C   1 
ATOM   918  O  O   . TYR A 1 137 ? -7.370  -8.542  -4.463  1.00 36.97 ? 137 TYR A O   1 
ATOM   919  C  CB  . TYR A 1 137 ? -8.766  -6.039  -2.852  1.00 35.52 ? 137 TYR A CB  1 
ATOM   920  C  CG  . TYR A 1 137 ? -9.776  -6.492  -3.888  1.00 39.02 ? 137 TYR A CG  1 
ATOM   921  C  CD1 . TYR A 1 137 ? -10.739 -7.449  -3.580  1.00 39.64 ? 137 TYR A CD1 1 
ATOM   922  C  CD2 . TYR A 1 137 ? -9.765  -5.966  -5.173  1.00 37.98 ? 137 TYR A CD2 1 
ATOM   923  C  CE1 . TYR A 1 137 ? -11.662 -7.868  -4.529  1.00 37.78 ? 137 TYR A CE1 1 
ATOM   924  C  CE2 . TYR A 1 137 ? -10.683 -6.375  -6.124  1.00 41.97 ? 137 TYR A CE2 1 
ATOM   925  C  CZ  . TYR A 1 137 ? -11.628 -7.326  -5.797  1.00 42.67 ? 137 TYR A CZ  1 
ATOM   926  O  OH  . TYR A 1 137 ? -12.535 -7.732  -6.746  1.00 48.57 ? 137 TYR A OH  1 
ATOM   927  N  N   . CYS A 1 138 ? -6.067  -6.704  -4.436  1.00 34.16 ? 138 CYS A N   1 
ATOM   928  C  CA  . CYS A 1 138 ? -5.385  -7.081  -5.671  1.00 37.38 ? 138 CYS A CA  1 
ATOM   929  C  C   . CYS A 1 138 ? -4.598  -8.373  -5.495  1.00 38.08 ? 138 CYS A C   1 
ATOM   930  O  O   . CYS A 1 138 ? -4.608  -9.240  -6.377  1.00 37.18 ? 138 CYS A O   1 
ATOM   931  C  CB  . CYS A 1 138 ? -4.469  -5.948  -6.129  1.00 35.64 ? 138 CYS A CB  1 
ATOM   932  S  SG  . CYS A 1 138 ? -5.352  -4.513  -6.792  1.00 39.27 ? 138 CYS A SG  1 
ATOM   933  N  N   . LYS A 1 139 ? -3.905  -8.517  -4.361  1.00 34.77 ? 139 LYS A N   1 
ATOM   934  C  CA  . LYS A 1 139 ? -3.207  -9.764  -4.066  1.00 38.04 ? 139 LYS A CA  1 
ATOM   935  C  C   . LYS A 1 139 ? -4.169  -10.947 -4.051  1.00 37.78 ? 139 LYS A C   1 
ATOM   936  O  O   . LYS A 1 139 ? -3.858  -12.017 -4.587  1.00 38.15 ? 139 LYS A O   1 
ATOM   937  C  CB  . LYS A 1 139 ? -2.482  -9.648  -2.725  1.00 38.14 ? 139 LYS A CB  1 
ATOM   938  C  CG  . LYS A 1 139 ? -2.018  -10.977 -2.145  1.00 39.13 ? 139 LYS A CG  1 
ATOM   939  C  CD  . LYS A 1 139 ? -0.925  -11.603 -2.991  1.00 36.45 ? 139 LYS A CD  1 
ATOM   940  C  CE  . LYS A 1 139 ? -0.374  -12.858 -2.332  1.00 40.91 ? 139 LYS A CE  1 
ATOM   941  N  NZ  . LYS A 1 139 ? 0.725   -13.460 -3.139  1.00 43.59 ? 139 LYS A NZ  1 
ATOM   942  N  N   . SER A 1 140 ? -5.340  -10.776 -3.433  1.00 33.33 ? 140 SER A N   1 
ATOM   943  C  CA  . SER A 1 140 ? -6.314  -11.862 -3.405  1.00 36.69 ? 140 SER A CA  1 
ATOM   944  C  C   . SER A 1 140 ? -6.798  -12.198 -4.810  1.00 33.93 ? 140 SER A C   1 
ATOM   945  O  O   . SER A 1 140 ? -6.981  -13.373 -5.142  1.00 34.46 ? 140 SER A O   1 
ATOM   946  C  CB  . SER A 1 140 ? -7.490  -11.496 -2.499  1.00 37.73 ? 140 SER A CB  1 
ATOM   947  O  OG  . SER A 1 140 ? -8.271  -10.456 -3.067  1.00 39.69 ? 140 SER A OG  1 
ATOM   948  N  N   . CYS A 1 141 ? -6.992  -11.176 -5.652  1.00 35.42 ? 141 CYS A N   1 
ATOM   949  C  CA  . CYS A 1 141 ? -7.406  -11.417 -7.032  1.00 36.47 ? 141 CYS A CA  1 
ATOM   950  C  C   . CYS A 1 141 ? -6.359  -12.217 -7.793  1.00 35.94 ? 141 CYS A C   1 
ATOM   951  O  O   . CYS A 1 141 ? -6.701  -13.105 -8.583  1.00 34.09 ? 141 CYS A O   1 
ATOM   952  C  CB  . CYS A 1 141 ? -7.670  -10.092 -7.749  1.00 34.67 ? 141 CYS A CB  1 
ATOM   953  S  SG  . CYS A 1 141 ? -9.146  -9.202  -7.205  1.00 39.04 ? 141 CYS A SG  1 
ATOM   954  N  N   . ILE A 1 142 ? -5.078  -11.907 -7.585  1.00 33.53 ? 142 ILE A N   1 
ATOM   955  C  CA  . ILE A 1 142 ? -4.024  -12.604 -8.313  1.00 32.52 ? 142 ILE A CA  1 
ATOM   956  C  C   . ILE A 1 142 ? -3.966  -14.067 -7.893  1.00 33.48 ? 142 ILE A C   1 
ATOM   957  O  O   . ILE A 1 142 ? -3.875  -14.965 -8.736  1.00 35.72 ? 142 ILE A O   1 
ATOM   958  C  CB  . ILE A 1 142 ? -2.670  -11.897 -8.111  1.00 38.77 ? 142 ILE A CB  1 
ATOM   959  C  CG1 . ILE A 1 142 ? -2.705  -10.501 -8.743  1.00 39.95 ? 142 ILE A CG1 1 
ATOM   960  C  CG2 . ILE A 1 142 ? -1.539  -12.727 -8.703  1.00 34.82 ? 142 ILE A CG2 1 
ATOM   961  C  CD1 . ILE A 1 142 ? -1.464  -9.672  -8.481  1.00 36.58 ? 142 ILE A CD1 1 
ATOM   962  N  N   . GLU A 1 143 ? -4.036  -14.330 -6.586  1.00 36.29 ? 143 GLU A N   1 
ATOM   963  C  CA  . GLU A 1 143 ? -3.990  -15.709 -6.104  1.00 33.67 ? 143 GLU A CA  1 
ATOM   964  C  C   . GLU A 1 143 ? -5.174  -16.519 -6.631  1.00 36.07 ? 143 GLU A C   1 
ATOM   965  O  O   . GLU A 1 143 ? -5.001  -17.639 -7.123  1.00 33.73 ? 143 GLU A O   1 
ATOM   966  C  CB  . GLU A 1 143 ? -3.950  -15.735 -4.574  1.00 34.28 ? 143 GLU A CB  1 
ATOM   967  C  CG  . GLU A 1 143 ? -2.618  -15.301 -3.966  1.00 36.27 ? 143 GLU A CG  1 
ATOM   968  C  CD  . GLU A 1 143 ? -1.512  -16.326 -4.156  1.00 36.96 ? 143 GLU A CD  1 
ATOM   969  O  OE1 . GLU A 1 143 ? -1.821  -17.524 -4.330  1.00 38.09 ? 143 GLU A OE1 1 
ATOM   970  O  OE2 . GLU A 1 143 ? -0.328  -15.932 -4.128  1.00 36.57 ? 143 GLU A OE2 1 
ATOM   971  N  N   . VAL A 1 144 ? -6.387  -15.965 -6.538  1.00 35.97 ? 144 VAL A N   1 
ATOM   972  C  CA  . VAL A 1 144 ? -7.556  -16.651 -7.093  1.00 36.57 ? 144 VAL A CA  1 
ATOM   973  C  C   . VAL A 1 144 ? -7.376  -16.885 -8.589  1.00 33.59 ? 144 VAL A C   1 
ATOM   974  O  O   . VAL A 1 144 ? -7.681  -17.967 -9.105  1.00 38.13 ? 144 VAL A O   1 
ATOM   975  C  CB  . VAL A 1 144 ? -8.843  -15.858 -6.793  1.00 35.62 ? 144 VAL A CB  1 
ATOM   976  C  CG1 . VAL A 1 144 ? -10.030 -16.461 -7.537  1.00 39.89 ? 144 VAL A CG1 1 
ATOM   977  C  CG2 . VAL A 1 144 ? -9.116  -15.836 -5.296  1.00 34.81 ? 144 VAL A CG2 1 
ATOM   978  N  N   . HIS A 1 145 ? -6.866  -15.876 -9.305  1.00 37.06 ? 145 HIS A N   1 
ATOM   979  C  CA  . HIS A 1 145 ? -6.575  -16.028 -10.729 1.00 37.00 ? 145 HIS A CA  1 
ATOM   980  C  C   . HIS A 1 145 ? -5.599  -17.172 -10.977 1.00 39.38 ? 145 HIS A C   1 
ATOM   981  O  O   . HIS A 1 145 ? -5.746  -17.925 -11.948 1.00 37.05 ? 145 HIS A O   1 
ATOM   982  C  CB  . HIS A 1 145 ? -6.018  -14.714 -11.281 1.00 35.95 ? 145 HIS A CB  1 
ATOM   983  C  CG  . HIS A 1 145 ? -5.481  -14.810 -12.676 1.00 40.98 ? 145 HIS A CG  1 
ATOM   984  N  ND1 . HIS A 1 145 ? -6.295  -14.919 -13.783 1.00 37.49 ? 145 HIS A ND1 1 
ATOM   985  C  CD2 . HIS A 1 145 ? -4.210  -14.793 -13.144 1.00 39.91 ? 145 HIS A CD2 1 
ATOM   986  C  CE1 . HIS A 1 145 ? -5.548  -14.975 -14.873 1.00 40.64 ? 145 HIS A CE1 1 
ATOM   987  N  NE2 . HIS A 1 145 ? -4.279  -14.901 -14.512 1.00 40.57 ? 145 HIS A NE2 1 
ATOM   988  N  N   . ARG A 1 146 ? -4.592  -17.315 -10.110 1.00 35.03 ? 146 ARG A N   1 
ATOM   989  C  CA  . ARG A 1 146 ? -3.651  -18.425 -10.213 1.00 34.54 ? 146 ARG A CA  1 
ATOM   990  C  C   . ARG A 1 146 ? -4.313  -19.772 -9.961  1.00 37.95 ? 146 ARG A C   1 
ATOM   991  O  O   . ARG A 1 146 ? -3.742  -20.806 -10.324 1.00 36.36 ? 146 ARG A O   1 
ATOM   992  C  CB  . ARG A 1 146 ? -2.500  -18.242 -9.221  1.00 34.90 ? 146 ARG A CB  1 
ATOM   993  C  CG  . ARG A 1 146 ? -1.692  -16.967 -9.393  1.00 39.21 ? 146 ARG A CG  1 
ATOM   994  C  CD  . ARG A 1 146 ? -0.710  -17.063 -10.538 1.00 38.43 ? 146 ARG A CD  1 
ATOM   995  N  NE  . ARG A 1 146 ? 0.163   -15.894 -10.589 1.00 40.47 ? 146 ARG A NE  1 
ATOM   996  C  CZ  . ARG A 1 146 ? 0.157   -14.991 -11.564 1.00 39.57 ? 146 ARG A CZ  1 
ATOM   997  N  NH1 . ARG A 1 146 ? 0.988   -13.958 -11.514 1.00 41.87 ? 146 ARG A NH1 1 
ATOM   998  N  NH2 . ARG A 1 146 ? -0.668  -15.123 -12.595 1.00 36.76 ? 146 ARG A NH2 1 
ATOM   999  N  N   . GLY A 1 147 ? -5.491  -19.787 -9.342  1.00 37.43 ? 147 GLY A N   1 
ATOM   1000 C  CA  . GLY A 1 147 ? -6.169  -21.016 -8.991  1.00 36.91 ? 147 GLY A CA  1 
ATOM   1001 C  C   . GLY A 1 147 ? -6.195  -21.331 -7.511  1.00 38.42 ? 147 GLY A C   1 
ATOM   1002 O  O   . GLY A 1 147 ? -6.532  -22.462 -7.144  1.00 39.09 ? 147 GLY A O   1 
ATOM   1003 N  N   . ASN A 1 148 ? -5.859  -20.369 -6.655  1.00 37.32 ? 148 ASN A N   1 
ATOM   1004 C  CA  . ASN A 1 148 ? -5.753  -20.584 -5.212  1.00 38.04 ? 148 ASN A CA  1 
ATOM   1005 C  C   . ASN A 1 148 ? -7.134  -20.443 -4.587  1.00 39.24 ? 148 ASN A C   1 
ATOM   1006 O  O   . ASN A 1 148 ? -7.579  -19.336 -4.278  1.00 39.21 ? 148 ASN A O   1 
ATOM   1007 C  CB  . ASN A 1 148 ? -4.770  -19.589 -4.606  1.00 36.91 ? 148 ASN A CB  1 
ATOM   1008 C  CG  . ASN A 1 148 ? -4.392  -19.930 -3.181  1.00 36.53 ? 148 ASN A CG  1 
ATOM   1009 O  OD1 . ASN A 1 148 ? -5.107  -20.652 -2.485  1.00 37.89 ? 148 ASN A OD1 1 
ATOM   1010 N  ND2 . ASN A 1 148 ? -3.259  -19.402 -2.734  1.00 34.44 ? 148 ASN A ND2 1 
ATOM   1011 N  N   . LYS A 1 149 ? -7.813  -21.574 -4.382  1.00 40.89 ? 149 LYS A N   1 
ATOM   1012 C  CA  . LYS A 1 149 ? -9.132  -21.552 -3.759  1.00 41.25 ? 149 LYS A CA  1 
ATOM   1013 C  C   . LYS A 1 149 ? -9.097  -21.046 -2.321  1.00 40.70 ? 149 LYS A C   1 
ATOM   1014 O  O   . LYS A 1 149 ? -10.132 -20.601 -1.813  1.00 39.82 ? 149 LYS A O   1 
ATOM   1015 C  CB  . LYS A 1 149 ? -9.758  -22.948 -3.799  1.00 35.74 ? 149 LYS A CB  1 
ATOM   1016 C  CG  . LYS A 1 149 ? -10.116 -23.432 -5.195  1.00 44.88 ? 149 LYS A CG  1 
ATOM   1017 C  CD  . LYS A 1 149 ? -10.770 -24.810 -5.159  1.00 41.21 ? 149 LYS A CD  1 
ATOM   1018 C  CE  . LYS A 1 149 ? -11.400 -25.164 -6.503  1.00 49.89 ? 149 LYS A CE  1 
ATOM   1019 N  NZ  . LYS A 1 149 ? -10.413 -25.133 -7.618  1.00 58.09 ? 149 LYS A NZ  1 
ATOM   1020 N  N   . ASP A 1 150 ? -7.941  -21.098 -1.655  1.00 37.78 ? 150 ASP A N   1 
ATOM   1021 C  CA  . ASP A 1 150 ? -7.871  -20.650 -0.268  1.00 42.20 ? 150 ASP A CA  1 
ATOM   1022 C  C   . ASP A 1 150 ? -8.015  -19.138 -0.137  1.00 43.00 ? 150 ASP A C   1 
ATOM   1023 O  O   . ASP A 1 150 ? -8.256  -18.644 0.970   1.00 44.67 ? 150 ASP A O   1 
ATOM   1024 C  CB  . ASP A 1 150 ? -6.560  -21.111 0.373   1.00 39.45 ? 150 ASP A CB  1 
ATOM   1025 C  CG  . ASP A 1 150 ? -6.610  -22.556 0.833   1.00 41.79 ? 150 ASP A CG  1 
ATOM   1026 O  OD1 . ASP A 1 150 ? -7.601  -23.249 0.524   1.00 42.40 ? 150 ASP A OD1 1 
ATOM   1027 O  OD2 . ASP A 1 150 ? -5.655  -23.001 1.502   1.00 41.04 ? 150 ASP A OD2 1 
ATOM   1028 N  N   . PHE A 1 151 ? -7.880  -18.395 -1.233  1.00 38.76 ? 151 PHE A N   1 
ATOM   1029 C  CA  . PHE A 1 151 ? -8.029  -16.947 -1.219  1.00 36.44 ? 151 PHE A CA  1 
ATOM   1030 C  C   . PHE A 1 151 ? -9.394  -16.485 -1.719  1.00 39.98 ? 151 PHE A C   1 
ATOM   1031 O  O   . PHE A 1 151 ? -9.634  -15.275 -1.793  1.00 38.08 ? 151 PHE A O   1 
ATOM   1032 C  CB  . PHE A 1 151 ? -6.914  -16.297 -2.043  1.00 36.21 ? 151 PHE A CB  1 
ATOM   1033 C  CG  . PHE A 1 151 ? -5.725  -15.877 -1.224  1.00 37.30 ? 151 PHE A CG  1 
ATOM   1034 C  CD1 . PHE A 1 151 ? -4.782  -16.806 -0.806  1.00 37.13 ? 151 PHE A CD1 1 
ATOM   1035 C  CD2 . PHE A 1 151 ? -5.553  -14.549 -0.868  1.00 36.65 ? 151 PHE A CD2 1 
ATOM   1036 C  CE1 . PHE A 1 151 ? -3.689  -16.415 -0.043  1.00 38.79 ? 151 PHE A CE1 1 
ATOM   1037 C  CE2 . PHE A 1 151 ? -4.463  -14.151 -0.111  1.00 38.67 ? 151 PHE A CE2 1 
ATOM   1038 C  CZ  . PHE A 1 151 ? -3.529  -15.085 0.300   1.00 38.91 ? 151 PHE A CZ  1 
ATOM   1039 N  N   . ILE A 1 152 ? -10.295 -17.412 -2.051  1.00 37.24 ? 152 ILE A N   1 
ATOM   1040 C  CA  . ILE A 1 152 ? -11.623 -17.020 -2.518  1.00 39.42 ? 152 ILE A CA  1 
ATOM   1041 C  C   . ILE A 1 152 ? -12.371 -16.263 -1.426  1.00 42.95 ? 152 ILE A C   1 
ATOM   1042 O  O   . ILE A 1 152 ? -12.915 -15.178 -1.661  1.00 42.80 ? 152 ILE A O   1 
ATOM   1043 C  CB  . ILE A 1 152 ? -12.416 -18.250 -2.997  1.00 40.78 ? 152 ILE A CB  1 
ATOM   1044 C  CG1 . ILE A 1 152 ? -11.819 -18.796 -4.295  1.00 41.17 ? 152 ILE A CG1 1 
ATOM   1045 C  CG2 . ILE A 1 152 ? -13.888 -17.889 -3.200  1.00 43.07 ? 152 ILE A CG2 1 
ATOM   1046 C  CD1 . ILE A 1 152 ? -12.529 -20.025 -4.821  1.00 45.66 ? 152 ILE A CD1 1 
ATOM   1047 N  N   . SER A 1 153 ? -12.398 -16.818 -0.211  1.00 39.40 ? 153 SER A N   1 
ATOM   1048 C  CA  . SER A 1 153 ? -13.082 -16.150 0.891   1.00 45.98 ? 153 SER A CA  1 
ATOM   1049 C  C   . SER A 1 153 ? -12.394 -14.846 1.273   1.00 46.58 ? 153 SER A C   1 
ATOM   1050 O  O   . SER A 1 153 ? -13.063 -13.891 1.683   1.00 43.78 ? 153 SER A O   1 
ATOM   1051 C  CB  . SER A 1 153 ? -13.167 -17.081 2.100   1.00 46.90 ? 153 SER A CB  1 
ATOM   1052 O  OG  . SER A 1 153 ? -11.879 -17.527 2.486   1.00 52.93 ? 153 SER A OG  1 
ATOM   1053 N  N   . ILE A 1 154 ? -11.066 -14.784 1.144   1.00 45.12 ? 154 ILE A N   1 
ATOM   1054 C  CA  . ILE A 1 154 ? -10.353 -13.544 1.428   1.00 41.93 ? 154 ILE A CA  1 
ATOM   1055 C  C   . ILE A 1 154 ? -10.712 -12.479 0.400   1.00 39.57 ? 154 ILE A C   1 
ATOM   1056 O  O   . ILE A 1 154 ? -10.959 -11.317 0.746   1.00 41.82 ? 154 ILE A O   1 
ATOM   1057 C  CB  . ILE A 1 154 ? -8.836  -13.797 1.473   1.00 44.35 ? 154 ILE A CB  1 
ATOM   1058 C  CG1 . ILE A 1 154 ? -8.494  -14.781 2.594   1.00 45.50 ? 154 ILE A CG1 1 
ATOM   1059 C  CG2 . ILE A 1 154 ? -8.080  -12.486 1.647   1.00 44.47 ? 154 ILE A CG2 1 
ATOM   1060 C  CD1 . ILE A 1 154 ? -7.021  -15.126 2.685   1.00 43.93 ? 154 ILE A CD1 1 
ATOM   1061 N  N   . GLN A 1 155 ? -10.756 -12.862 -0.878  1.00 39.83 ? 155 GLN A N   1 
ATOM   1062 C  CA  . GLN A 1 155 ? -11.143 -11.930 -1.932  1.00 37.18 ? 155 GLN A CA  1 
ATOM   1063 C  C   . GLN A 1 155 ? -12.559 -11.411 -1.718  1.00 44.74 ? 155 GLN A C   1 
ATOM   1064 O  O   . GLN A 1 155 ? -12.832 -10.223 -1.931  1.00 40.36 ? 155 GLN A O   1 
ATOM   1065 C  CB  . GLN A 1 155 ? -11.024 -12.614 -3.292  1.00 38.96 ? 155 GLN A CB  1 
ATOM   1066 C  CG  . GLN A 1 155 ? -11.401 -11.740 -4.478  1.00 40.50 ? 155 GLN A CG  1 
ATOM   1067 C  CD  . GLN A 1 155 ? -11.470 -12.530 -5.768  1.00 40.88 ? 155 GLN A CD  1 
ATOM   1068 O  OE1 . GLN A 1 155 ? -11.911 -13.679 -5.779  1.00 42.50 ? 155 GLN A OE1 1 
ATOM   1069 N  NE2 . GLN A 1 155 ? -11.023 -11.924 -6.863  1.00 40.87 ? 155 GLN A NE2 1 
ATOM   1070 N  N   . ARG A 1 156 ? -13.475 -12.287 -1.298  1.00 43.61 ? 156 ARG A N   1 
ATOM   1071 C  CA  . ARG A 1 156 ? -14.861 -11.869 -1.111  1.00 46.61 ? 156 ARG A CA  1 
ATOM   1072 C  C   . ARG A 1 156 ? -14.992 -10.879 0.038   1.00 44.37 ? 156 ARG A C   1 
ATOM   1073 O  O   . ARG A 1 156 ? -15.699 -9.874  -0.082  1.00 48.35 ? 156 ARG A O   1 
ATOM   1074 C  CB  . ARG A 1 156 ? -15.755 -13.087 -0.875  1.00 47.69 ? 156 ARG A CB  1 
ATOM   1075 C  CG  . ARG A 1 156 ? -17.231 -12.747 -0.712  1.00 56.58 ? 156 ARG A CG  1 
ATOM   1076 C  CD  . ARG A 1 156 ? -18.100 -13.997 -0.691  1.00 65.42 ? 156 ARG A CD  1 
ATOM   1077 N  NE  . ARG A 1 156 ? -19.520 -13.670 -0.560  1.00 75.71 ? 156 ARG A NE  1 
ATOM   1078 C  CZ  . ARG A 1 156 ? -20.497 -14.571 -0.545  1.00 80.08 ? 156 ARG A CZ  1 
ATOM   1079 N  NH1 . ARG A 1 156 ? -20.217 -15.863 -0.656  1.00 77.74 ? 156 ARG A NH1 1 
ATOM   1080 N  NH2 . ARG A 1 156 ? -21.759 -14.179 -0.421  1.00 83.00 ? 156 ARG A NH2 1 
ATOM   1081 N  N   . SER A 1 157 ? -14.316 -11.144 1.158   1.00 45.23 ? 157 SER A N   1 
ATOM   1082 C  CA  . SER A 1 157 ? -14.389 -10.230 2.293   1.00 46.76 ? 157 SER A CA  1 
ATOM   1083 C  C   . SER A 1 157 ? -13.726 -8.896  1.966   1.00 47.38 ? 157 SER A C   1 
ATOM   1084 O  O   . SER A 1 157 ? -14.281 -7.829  2.251   1.00 46.08 ? 157 SER A O   1 
ATOM   1085 C  CB  . SER A 1 157 ? -13.745 -10.869 3.524   1.00 45.79 ? 157 SER A CB  1 
ATOM   1086 O  OG  . SER A 1 157 ? -12.366 -11.107 3.311   1.00 62.16 ? 157 SER A OG  1 
ATOM   1087 N  N   . LEU A 1 158 ? -12.534 -8.937  1.365   1.00 44.29 ? 158 LEU A N   1 
ATOM   1088 C  CA  . LEU A 1 158 ? -11.872 -7.695  0.976   1.00 45.24 ? 158 LEU A CA  1 
ATOM   1089 C  C   . LEU A 1 158 ? -12.658 -6.956  -0.098  1.00 42.79 ? 158 LEU A C   1 
ATOM   1090 O  O   . LEU A 1 158 ? -12.699 -5.720  -0.093  1.00 40.01 ? 158 LEU A O   1 
ATOM   1091 C  CB  . LEU A 1 158 ? -10.447 -7.982  0.498   1.00 40.10 ? 158 LEU A CB  1 
ATOM   1092 C  CG  . LEU A 1 158 ? -9.463  -8.512  1.546   1.00 44.83 ? 158 LEU A CG  1 
ATOM   1093 C  CD1 . LEU A 1 158 ? -8.130  -8.893  0.902   1.00 43.84 ? 158 LEU A CD1 1 
ATOM   1094 C  CD2 . LEU A 1 158 ? -9.249  -7.493  2.654   1.00 40.41 ? 158 LEU A CD2 1 
ATOM   1095 N  N   . GLY A 1 159 ? -13.298 -7.689  -1.012  1.00 40.64 ? 159 GLY A N   1 
ATOM   1096 C  CA  . GLY A 1 159 ? -14.095 -7.040  -2.039  1.00 45.58 ? 159 GLY A CA  1 
ATOM   1097 C  C   . GLY A 1 159 ? -15.355 -6.398  -1.490  1.00 44.59 ? 159 GLY A C   1 
ATOM   1098 O  O   . GLY A 1 159 ? -15.743 -5.309  -1.920  1.00 43.66 ? 159 GLY A O   1 
ATOM   1099 N  N   . ASP A 1 160 ? -16.011 -7.063  -0.533  1.00 44.63 ? 160 ASP A N   1 
ATOM   1100 C  CA  . ASP A 1 160 ? -17.214 -6.498  0.075   1.00 45.96 ? 160 ASP A CA  1 
ATOM   1101 C  C   . ASP A 1 160 ? -16.898 -5.227  0.851   1.00 46.73 ? 160 ASP A C   1 
ATOM   1102 O  O   . ASP A 1 160 ? -17.632 -4.236  0.755   1.00 47.02 ? 160 ASP A O   1 
ATOM   1103 C  CB  . ASP A 1 160 ? -17.879 -7.526  0.992   1.00 44.94 ? 160 ASP A CB  1 
ATOM   1104 C  CG  . ASP A 1 160 ? -18.504 -8.674  0.227   1.00 47.80 ? 160 ASP A CG  1 
ATOM   1105 O  OD1 . ASP A 1 160 ? -18.789 -8.504  -0.975  1.00 48.82 ? 160 ASP A OD1 1 
ATOM   1106 O  OD2 . ASP A 1 160 ? -18.715 -9.747  0.831   1.00 49.16 ? 160 ASP A OD2 1 
ATOM   1107 N  N   . LYS A 1 161 ? -15.818 -5.240  1.637   1.00 46.13 ? 161 LYS A N   1 
ATOM   1108 C  CA  . LYS A 1 161 ? -15.421 -4.041  2.364   1.00 44.11 ? 161 LYS A CA  1 
ATOM   1109 C  C   . LYS A 1 161 ? -15.059 -2.913  1.406   1.00 46.00 ? 161 LYS A C   1 
ATOM   1110 O  O   . LYS A 1 161 ? -15.364 -1.744  1.666   1.00 46.07 ? 161 LYS A O   1 
ATOM   1111 C  CB  . LYS A 1 161 ? -14.249 -4.357  3.294   1.00 45.93 ? 161 LYS A CB  1 
ATOM   1112 C  CG  . LYS A 1 161 ? -13.648 -3.145  3.991   1.00 51.19 ? 161 LYS A CG  1 
ATOM   1113 C  CD  . LYS A 1 161 ? -14.655 -2.471  4.912   1.00 61.42 ? 161 LYS A CD  1 
ATOM   1114 C  CE  . LYS A 1 161 ? -14.037 -1.271  5.614   1.00 58.65 ? 161 LYS A CE  1 
ATOM   1115 N  NZ  . LYS A 1 161 ? -15.017 -0.579  6.496   1.00 66.29 ? 161 LYS A NZ  1 
ATOM   1116 N  N   . LEU A 1 162 ? -14.419 -3.248  0.283   1.00 44.28 ? 162 LEU A N   1 
ATOM   1117 C  CA  . LEU A 1 162 ? -14.057 -2.225  -0.693  1.00 45.25 ? 162 LEU A CA  1 
ATOM   1118 C  C   . LEU A 1 162 ? -15.293 -1.637  -1.362  1.00 46.93 ? 162 LEU A C   1 
ATOM   1119 O  O   . LEU A 1 162 ? -15.344 -0.432  -1.631  1.00 43.56 ? 162 LEU A O   1 
ATOM   1120 C  CB  . LEU A 1 162 ? -13.103 -2.807  -1.735  1.00 43.76 ? 162 LEU A CB  1 
ATOM   1121 C  CG  . LEU A 1 162 ? -12.660 -1.873  -2.861  1.00 46.75 ? 162 LEU A CG  1 
ATOM   1122 C  CD1 . LEU A 1 162 ? -12.082 -0.581  -2.303  1.00 48.19 ? 162 LEU A CD1 1 
ATOM   1123 C  CD2 . LEU A 1 162 ? -11.642 -2.573  -3.745  1.00 44.52 ? 162 LEU A CD2 1 
ATOM   1124 N  N   . ASP A 1 163 ? -16.299 -2.471  -1.642  1.00 45.56 ? 163 ASP A N   1 
ATOM   1125 C  CA  . ASP A 1 163 ? -17.538 -1.957  -2.218  1.00 46.15 ? 163 ASP A CA  1 
ATOM   1126 C  C   . ASP A 1 163 ? -18.198 -0.949  -1.286  1.00 45.89 ? 163 ASP A C   1 
ATOM   1127 O  O   . ASP A 1 163 ? -18.709 0.082   -1.739  1.00 46.26 ? 163 ASP A O   1 
ATOM   1128 C  CB  . ASP A 1 163 ? -18.495 -3.107  -2.530  1.00 46.44 ? 163 ASP A CB  1 
ATOM   1129 C  CG  . ASP A 1 163 ? -18.006 -3.984  -3.668  1.00 50.53 ? 163 ASP A CG  1 
ATOM   1130 O  OD1 . ASP A 1 163 ? -17.249 -3.482  -4.527  1.00 52.62 ? 163 ASP A OD1 1 
ATOM   1131 O  OD2 . ASP A 1 163 ? -18.382 -5.174  -3.706  1.00 50.94 ? 163 ASP A OD2 1 
ATOM   1132 N  N   . ASN A 1 164 ? -18.187 -1.225  0.020   1.00 43.53 ? 164 ASN A N   1 
ATOM   1133 C  CA  . ASN A 1 164 ? -18.767 -0.287  0.977   1.00 47.25 ? 164 ASN A CA  1 
ATOM   1134 C  C   . ASN A 1 164 ? -17.983 1.017   1.019   1.00 50.40 ? 164 ASN A C   1 
ATOM   1135 O  O   . ASN A 1 164 ? -18.570 2.095   1.168   1.00 50.01 ? 164 ASN A O   1 
ATOM   1136 C  CB  . ASN A 1 164 ? -18.826 -0.919  2.367   1.00 49.69 ? 164 ASN A CB  1 
ATOM   1137 C  CG  . ASN A 1 164 ? -19.756 -2.115  2.427   1.00 50.49 ? 164 ASN A CG  1 
ATOM   1138 O  OD1 . ASN A 1 164 ? -20.693 -2.228  1.639   1.00 50.91 ? 164 ASN A OD1 1 
ATOM   1139 N  ND2 . ASN A 1 164 ? -19.503 -3.013  3.371   1.00 56.44 ? 164 ASN A ND2 1 
ATOM   1140 N  N   . LEU A 1 165 ? -16.655 0.939   0.895   1.00 50.15 ? 165 LEU A N   1 
ATOM   1141 C  CA  . LEU A 1 165 ? -15.844 2.152   0.886   1.00 46.33 ? 165 LEU A CA  1 
ATOM   1142 C  C   . LEU A 1 165 ? -16.132 3.010   -0.338  1.00 42.60 ? 165 LEU A C   1 
ATOM   1143 O  O   . LEU A 1 165 ? -16.125 4.243   -0.240  1.00 43.81 ? 165 LEU A O   1 
ATOM   1144 C  CB  . LEU A 1 165 ? -14.357 1.797   0.952   1.00 44.99 ? 165 LEU A CB  1 
ATOM   1145 C  CG  . LEU A 1 165 ? -13.851 1.255   2.290   1.00 49.49 ? 165 LEU A CG  1 
ATOM   1146 C  CD1 . LEU A 1 165 ? -12.403 0.797   2.186   1.00 46.61 ? 165 LEU A CD1 1 
ATOM   1147 C  CD2 . LEU A 1 165 ? -14.003 2.303   3.381   1.00 47.09 ? 165 LEU A CD2 1 
ATOM   1148 N  N   . THR A 1 166 ? -16.396 2.387   -1.490  1.00 43.10 ? 166 THR A N   1 
ATOM   1149 C  CA  . THR A 1 166 ? -16.713 3.157   -2.689  1.00 46.14 ? 166 THR A CA  1 
ATOM   1150 C  C   . THR A 1 166 ? -17.984 3.978   -2.516  1.00 46.56 ? 166 THR A C   1 
ATOM   1151 O  O   . THR A 1 166 ? -18.155 4.998   -3.193  1.00 49.95 ? 166 THR A O   1 
ATOM   1152 C  CB  . THR A 1 166 ? -16.856 2.236   -3.902  1.00 45.01 ? 166 THR A CB  1 
ATOM   1153 O  OG1 . THR A 1 166 ? -17.921 1.302   -3.674  1.00 47.32 ? 166 THR A OG1 1 
ATOM   1154 C  CG2 . THR A 1 166 ? -15.559 1.483   -4.166  1.00 45.52 ? 166 THR A CG2 1 
ATOM   1155 N  N   . LYS A 1 167 ? -18.886 3.554   -1.627  1.00 45.50 ? 167 LYS A N   1 
ATOM   1156 C  CA  . LYS A 1 167 ? -20.108 4.319   -1.396  1.00 51.25 ? 167 LYS A CA  1 
ATOM   1157 C  C   . LYS A 1 167 ? -19.844 5.621   -0.651  1.00 53.86 ? 167 LYS A C   1 
ATOM   1158 O  O   . LYS A 1 167 ? -20.641 6.559   -0.766  1.00 52.25 ? 167 LYS A O   1 
ATOM   1159 C  CB  . LYS A 1 167 ? -21.126 3.482   -0.618  1.00 49.79 ? 167 LYS A CB  1 
ATOM   1160 C  CG  . LYS A 1 167 ? -21.619 2.250   -1.352  1.00 53.38 ? 167 LYS A CG  1 
ATOM   1161 C  CD  . LYS A 1 167 ? -22.669 1.509   -0.539  1.00 58.03 ? 167 LYS A CD  1 
ATOM   1162 C  CE  . LYS A 1 167 ? -23.175 0.283   -1.282  1.00 66.68 ? 167 LYS A CE  1 
ATOM   1163 N  NZ  . LYS A 1 167 ? -24.265 -0.419  -0.548  1.00 74.38 ? 167 LYS A NZ  1 
ATOM   1164 N  N   . GLU A 1 168 ? -18.750 5.701   0.107   1.00 49.40 ? 168 GLU A N   1 
ATOM   1165 C  CA  . GLU A 1 168 ? -18.441 6.887   0.890   1.00 48.11 ? 168 GLU A CA  1 
ATOM   1166 C  C   . GLU A 1 168 ? -17.272 7.695   0.349   1.00 47.93 ? 168 GLU A C   1 
ATOM   1167 O  O   . GLU A 1 168 ? -17.149 8.874   0.697   1.00 47.79 ? 168 GLU A O   1 
ATOM   1168 C  CB  . GLU A 1 168 ? -18.138 6.502   2.345   1.00 51.97 ? 168 GLU A CB  1 
ATOM   1169 C  CG  . GLU A 1 168 ? -19.125 5.519   2.946   1.00 58.52 ? 168 GLU A CG  1 
ATOM   1170 C  CD  . GLU A 1 168 ? -18.895 5.307   4.427   1.00 68.41 ? 168 GLU A CD  1 
ATOM   1171 O  OE1 . GLU A 1 168 ? -19.320 6.170   5.224   1.00 75.71 ? 168 GLU A OE1 1 
ATOM   1172 O  OE2 . GLU A 1 168 ? -18.274 4.288   4.795   1.00 73.59 ? 168 GLU A OE2 1 
ATOM   1173 N  N   . TYR A 1 169 ? -16.417 7.103   -0.480  1.00 42.86 ? 169 TYR A N   1 
ATOM   1174 C  CA  . TYR A 1 169 ? -15.268 7.801   -1.058  1.00 43.77 ? 169 TYR A CA  1 
ATOM   1175 C  C   . TYR A 1 169 ? -15.330 7.685   -2.573  1.00 47.34 ? 169 TYR A C   1 
ATOM   1176 O  O   . TYR A 1 169 ? -14.982 6.630   -3.133  1.00 43.03 ? 169 TYR A O   1 
ATOM   1177 C  CB  . TYR A 1 169 ? -13.958 7.230   -0.517  1.00 41.85 ? 169 TYR A CB  1 
ATOM   1178 C  CG  . TYR A 1 169 ? -13.862 7.305   0.990   1.00 43.31 ? 169 TYR A CG  1 
ATOM   1179 C  CD1 . TYR A 1 169 ? -13.393 8.451   1.621   1.00 43.49 ? 169 TYR A CD1 1 
ATOM   1180 C  CD2 . TYR A 1 169 ? -14.257 6.235   1.785   1.00 41.70 ? 169 TYR A CD2 1 
ATOM   1181 C  CE1 . TYR A 1 169 ? -13.311 8.527   2.999   1.00 45.08 ? 169 TYR A CE1 1 
ATOM   1182 C  CE2 . TYR A 1 169 ? -14.179 6.301   3.163   1.00 43.02 ? 169 TYR A CE2 1 
ATOM   1183 C  CZ  . TYR A 1 169 ? -13.706 7.448   3.765   1.00 43.71 ? 169 TYR A CZ  1 
ATOM   1184 O  OH  . TYR A 1 169 ? -13.631 7.516   5.139   1.00 44.91 ? 169 TYR A OH  1 
ATOM   1185 N  N   . PRO A 1 170 ? -15.770 8.731   -3.277  1.00 47.78 ? 170 PRO A N   1 
ATOM   1186 C  CA  . PRO A 1 170 ? -15.948 8.609   -4.734  1.00 47.76 ? 170 PRO A CA  1 
ATOM   1187 C  C   . PRO A 1 170 ? -14.665 8.315   -5.492  1.00 43.52 ? 170 PRO A C   1 
ATOM   1188 O  O   . PRO A 1 170 ? -14.726 7.704   -6.566  1.00 44.10 ? 170 PRO A O   1 
ATOM   1189 C  CB  . PRO A 1 170 ? -16.535 9.973   -5.129  1.00 51.38 ? 170 PRO A CB  1 
ATOM   1190 C  CG  . PRO A 1 170 ? -17.157 10.498  -3.874  1.00 48.76 ? 170 PRO A CG  1 
ATOM   1191 C  CD  . PRO A 1 170 ? -16.273 10.016  -2.763  1.00 49.09 ? 170 PRO A CD  1 
ATOM   1192 N  N   . TYR A 1 171 ? -13.501 8.723   -4.979  1.00 42.33 ? 171 TYR A N   1 
ATOM   1193 C  CA  . TYR A 1 171 ? -12.272 8.422   -5.702  1.00 45.76 ? 171 TYR A CA  1 
ATOM   1194 C  C   . TYR A 1 171 ? -11.939 6.935   -5.675  1.00 44.19 ? 171 TYR A C   1 
ATOM   1195 O  O   . TYR A 1 171 ? -11.256 6.448   -6.581  1.00 43.91 ? 171 TYR A O   1 
ATOM   1196 C  CB  . TYR A 1 171 ? -11.105 9.257   -5.158  1.00 43.93 ? 171 TYR A CB  1 
ATOM   1197 C  CG  . TYR A 1 171 ? -10.589 8.871   -3.790  1.00 46.16 ? 171 TYR A CG  1 
ATOM   1198 C  CD1 . TYR A 1 171 ? -11.184 9.359   -2.633  1.00 46.41 ? 171 TYR A CD1 1 
ATOM   1199 C  CD2 . TYR A 1 171 ? -9.478  8.049   -3.656  1.00 44.40 ? 171 TYR A CD2 1 
ATOM   1200 C  CE1 . TYR A 1 171 ? -10.699 9.018   -1.380  1.00 45.33 ? 171 TYR A CE1 1 
ATOM   1201 C  CE2 . TYR A 1 171 ? -8.988  7.704   -2.412  1.00 45.93 ? 171 TYR A CE2 1 
ATOM   1202 C  CZ  . TYR A 1 171 ? -9.601  8.190   -1.278  1.00 43.64 ? 171 TYR A CZ  1 
ATOM   1203 O  OH  . TYR A 1 171 ? -9.103  7.842   -0.043  1.00 41.75 ? 171 TYR A OH  1 
ATOM   1204 N  N   . LEU A 1 172 ? -12.428 6.198   -4.673  1.00 41.94 ? 172 LEU A N   1 
ATOM   1205 C  CA  . LEU A 1 172 ? -12.246 4.751   -4.674  1.00 40.70 ? 172 LEU A CA  1 
ATOM   1206 C  C   . LEU A 1 172 ? -13.145 4.086   -5.708  1.00 44.95 ? 172 LEU A C   1 
ATOM   1207 O  O   . LEU A 1 172 ? -12.742 3.114   -6.355  1.00 41.60 ? 172 LEU A O   1 
ATOM   1208 C  CB  . LEU A 1 172 ? -12.512 4.184   -3.280  1.00 43.83 ? 172 LEU A CB  1 
ATOM   1209 C  CG  . LEU A 1 172 ? -11.461 4.471   -2.206  1.00 47.21 ? 172 LEU A CG  1 
ATOM   1210 C  CD1 . LEU A 1 172 ? -11.877 3.864   -0.877  1.00 47.64 ? 172 LEU A CD1 1 
ATOM   1211 C  CD2 . LEU A 1 172 ? -10.103 3.935   -2.633  1.00 45.09 ? 172 LEU A CD2 1 
ATOM   1212 N  N   . LYS A 1 173 ? -14.368 4.597   -5.878  1.00 45.76 ? 173 LYS A N   1 
ATOM   1213 C  CA  . LYS A 1 173 ? -15.255 4.061   -6.908  1.00 42.72 ? 173 LYS A CA  1 
ATOM   1214 C  C   . LYS A 1 173 ? -14.680 4.292   -8.299  1.00 43.23 ? 173 LYS A C   1 
ATOM   1215 O  O   . LYS A 1 173 ? -14.749 3.408   -9.161  1.00 45.44 ? 173 LYS A O   1 
ATOM   1216 C  CB  . LYS A 1 173 ? -16.642 4.693   -6.790  1.00 47.78 ? 173 LYS A CB  1 
ATOM   1217 C  CG  . LYS A 1 173 ? -17.665 4.110   -7.751  1.00 46.22 ? 173 LYS A CG  1 
ATOM   1218 C  CD  . LYS A 1 173 ? -17.859 2.625   -7.492  1.00 53.53 ? 173 LYS A CD  1 
ATOM   1219 C  CE  . LYS A 1 173 ? -18.711 1.973   -8.566  1.00 60.94 ? 173 LYS A CE  1 
ATOM   1220 N  NZ  . LYS A 1 173 ? -18.852 0.505   -8.345  1.00 61.81 ? 173 LYS A NZ  1 
ATOM   1221 N  N   . GLU A 1 174 ? -14.113 5.477   -8.535  1.00 41.58 ? 174 GLU A N   1 
ATOM   1222 C  CA  . GLU A 1 174 ? -13.465 5.752   -9.812  1.00 40.51 ? 174 GLU A CA  1 
ATOM   1223 C  C   . GLU A 1 174 ? -12.307 4.790   -10.062 1.00 45.49 ? 174 GLU A C   1 
ATOM   1224 O  O   . GLU A 1 174 ? -12.167 4.247   -11.165 1.00 42.20 ? 174 GLU A O   1 
ATOM   1225 C  CB  . GLU A 1 174 ? -12.983 7.203   -9.842  1.00 42.68 ? 174 GLU A CB  1 
ATOM   1226 C  CG  . GLU A 1 174 ? -12.267 7.606   -11.118 1.00 47.99 ? 174 GLU A CG  1 
ATOM   1227 C  CD  . GLU A 1 174 ? -13.219 7.936   -12.249 1.00 56.10 ? 174 GLU A CD  1 
ATOM   1228 O  OE1 . GLU A 1 174 ? -14.448 7.883   -12.029 1.00 65.00 ? 174 GLU A OE1 1 
ATOM   1229 O  OE2 . GLU A 1 174 ? -12.736 8.253   -13.357 1.00 64.81 ? 174 GLU A OE2 1 
ATOM   1230 N  N   . PHE A 1 175 ? -11.464 4.569   -9.046  1.00 41.96 ? 175 PHE A N   1 
ATOM   1231 C  CA  . PHE A 1 175 ? -10.376 3.603   -9.176  1.00 42.18 ? 175 PHE A CA  1 
ATOM   1232 C  C   . PHE A 1 175 ? -10.914 2.213   -9.490  1.00 41.33 ? 175 PHE A C   1 
ATOM   1233 O  O   . PHE A 1 175 ? -10.365 1.503   -10.341 1.00 43.51 ? 175 PHE A O   1 
ATOM   1234 C  CB  . PHE A 1 175 ? -9.539  3.576   -7.893  1.00 39.02 ? 175 PHE A CB  1 
ATOM   1235 C  CG  . PHE A 1 175 ? -8.300  2.713   -7.980  1.00 38.68 ? 175 PHE A CG  1 
ATOM   1236 C  CD1 . PHE A 1 175 ? -8.362  1.348   -7.737  1.00 37.90 ? 175 PHE A CD1 1 
ATOM   1237 C  CD2 . PHE A 1 175 ? -7.069  3.275   -8.288  1.00 39.24 ? 175 PHE A CD2 1 
ATOM   1238 C  CE1 . PHE A 1 175 ? -7.227  0.559   -7.815  1.00 39.43 ? 175 PHE A CE1 1 
ATOM   1239 C  CE2 . PHE A 1 175 ? -5.930  2.491   -8.364  1.00 35.34 ? 175 PHE A CE2 1 
ATOM   1240 C  CZ  . PHE A 1 175 ? -6.009  1.132   -8.128  1.00 37.25 ? 175 PHE A CZ  1 
ATOM   1241 N  N   . GLN A 1 176 ? -11.988 1.808   -8.807  1.00 41.02 ? 176 GLN A N   1 
ATOM   1242 C  CA  . GLN A 1 176 ? -12.594 0.506   -9.065  1.00 46.22 ? 176 GLN A CA  1 
ATOM   1243 C  C   . GLN A 1 176 ? -13.025 0.373   -10.522 1.00 47.63 ? 176 GLN A C   1 
ATOM   1244 O  O   . GLN A 1 176 ? -12.761 -0.650  -11.163 1.00 47.90 ? 176 GLN A O   1 
ATOM   1245 C  CB  . GLN A 1 176 ? -13.785 0.297   -8.129  1.00 47.76 ? 176 GLN A CB  1 
ATOM   1246 C  CG  . GLN A 1 176 ? -14.385 -1.099  -8.168  1.00 49.45 ? 176 GLN A CG  1 
ATOM   1247 C  CD  . GLN A 1 176 ? -15.618 -1.219  -7.294  1.00 54.10 ? 176 GLN A CD  1 
ATOM   1248 O  OE1 . GLN A 1 176 ? -16.481 -0.341  -7.299  1.00 55.31 ? 176 GLN A OE1 1 
ATOM   1249 N  NE2 . GLN A 1 176 ? -15.702 -2.303  -6.532  1.00 49.99 ? 176 GLN A NE2 1 
ATOM   1250 N  N   . ASN A 1 177 ? -13.682 1.402   -11.064 1.00 48.12 ? 177 ASN A N   1 
ATOM   1251 C  CA  . ASN A 1 177 ? -14.151 1.334   -12.445 1.00 51.87 ? 177 ASN A CA  1 
ATOM   1252 C  C   . ASN A 1 177 ? -13.000 1.314   -13.440 1.00 50.23 ? 177 ASN A C   1 
ATOM   1253 O  O   . ASN A 1 177 ? -13.138 0.752   -14.532 1.00 47.88 ? 177 ASN A O   1 
ATOM   1254 C  CB  . ASN A 1 177 ? -15.079 2.510   -12.749 1.00 51.81 ? 177 ASN A CB  1 
ATOM   1255 C  CG  . ASN A 1 177 ? -16.411 2.400   -12.043 1.00 50.98 ? 177 ASN A CG  1 
ATOM   1256 O  OD1 . ASN A 1 177 ? -16.889 1.302   -11.760 1.00 56.29 ? 177 ASN A OD1 1 
ATOM   1257 N  ND2 . ASN A 1 177 ? -17.023 3.542   -11.758 1.00 52.65 ? 177 ASN A ND2 1 
ATOM   1258 N  N   . LEU A 1 178 ? -11.865 1.921   -13.089 1.00 47.25 ? 178 LEU A N   1 
ATOM   1259 C  CA  . LEU A 1 178 ? -10.759 2.024   -14.034 1.00 44.64 ? 178 LEU A CA  1 
ATOM   1260 C  C   . LEU A 1 178 ? -9.927  0.746   -14.091 1.00 45.40 ? 178 LEU A C   1 
ATOM   1261 O  O   . LEU A 1 178 ? -9.458  0.361   -15.167 1.00 46.05 ? 178 LEU A O   1 
ATOM   1262 C  CB  . LEU A 1 178 ? -9.871  3.217   -13.674 1.00 46.86 ? 178 LEU A CB  1 
ATOM   1263 C  CG  . LEU A 1 178 ? -10.467 4.606   -13.909 1.00 49.91 ? 178 LEU A CG  1 
ATOM   1264 C  CD1 . LEU A 1 178 ? -9.512  5.686   -13.423 1.00 51.80 ? 178 LEU A CD1 1 
ATOM   1265 C  CD2 . LEU A 1 178 ? -10.798 4.801   -15.381 1.00 51.16 ? 178 LEU A CD2 1 
ATOM   1266 N  N   . PHE A 1 179 ? -9.731  0.076   -12.955 1.00 43.45 ? 179 PHE A N   1 
ATOM   1267 C  CA  . PHE A 1 179 ? -8.776  -1.029  -12.920 1.00 45.88 ? 179 PHE A CA  1 
ATOM   1268 C  C   . PHE A 1 179 ? -9.343  -2.325  -12.360 1.00 43.72 ? 179 PHE A C   1 
ATOM   1269 O  O   . PHE A 1 179 ? -9.010  -3.399  -12.865 1.00 54.55 ? 179 PHE A O   1 
ATOM   1270 C  CB  . PHE A 1 179 ? -7.541  -0.625  -12.095 1.00 43.39 ? 179 PHE A CB  1 
ATOM   1271 C  CG  . PHE A 1 179 ? -6.920  0.671   -12.525 1.00 43.28 ? 179 PHE A CG  1 
ATOM   1272 C  CD1 . PHE A 1 179 ? -6.141  0.737   -13.667 1.00 43.44 ? 179 PHE A CD1 1 
ATOM   1273 C  CD2 . PHE A 1 179 ? -7.105  1.821   -11.777 1.00 38.05 ? 179 PHE A CD2 1 
ATOM   1274 C  CE1 . PHE A 1 179 ? -5.569  1.930   -14.063 1.00 42.16 ? 179 PHE A CE1 1 
ATOM   1275 C  CE2 . PHE A 1 179 ? -6.533  3.016   -12.168 1.00 39.71 ? 179 PHE A CE2 1 
ATOM   1276 C  CZ  . PHE A 1 179 ? -5.767  3.070   -13.313 1.00 42.39 ? 179 PHE A CZ  1 
ATOM   1277 N  N   . LEU A 1 180 ? -10.179 -2.257  -11.326 1.00 46.90 ? 180 LEU A N   1 
ATOM   1278 C  CA  . LEU A 1 180 ? -10.541 -3.445  -10.560 1.00 43.92 ? 180 LEU A CA  1 
ATOM   1279 C  C   . LEU A 1 180 ? -11.692 -4.235  -11.166 1.00 54.32 ? 180 LEU A C   1 
ATOM   1280 O  O   . LEU A 1 180 ? -12.116 -5.231  -10.570 1.00 52.84 ? 180 LEU A O   1 
ATOM   1281 C  CB  . LEU A 1 180 ? -10.889 -3.049  -9.125  1.00 45.44 ? 180 LEU A CB  1 
ATOM   1282 C  CG  . LEU A 1 180 ? -9.764  -2.321  -8.391  1.00 41.16 ? 180 LEU A CG  1 
ATOM   1283 C  CD1 . LEU A 1 180 ? -10.168 -1.992  -6.968  1.00 41.98 ? 180 LEU A CD1 1 
ATOM   1284 C  CD2 . LEU A 1 180 ? -8.489  -3.154  -8.412  1.00 46.68 ? 180 LEU A CD2 1 
ATOM   1285 N  N   . LYS A 1 181 ? -12.204 -3.829  -12.326 1.00 51.10 ? 181 LYS A N   1 
ATOM   1286 C  CA  . LYS A 1 181 ? -13.276 -4.589  -12.953 1.00 57.17 ? 181 LYS A CA  1 
ATOM   1287 C  C   . LYS A 1 181 ? -12.741 -5.776  -13.742 1.00 57.03 ? 181 LYS A C   1 
ATOM   1288 O  O   . LYS A 1 181 ? -13.439 -6.786  -13.888 1.00 54.70 ? 181 LYS A O   1 
ATOM   1289 C  CB  . LYS A 1 181 ? -14.104 -3.670  -13.850 1.00 61.77 ? 181 LYS A CB  1 
ATOM   1290 C  CG  . LYS A 1 181 ? -14.732 -2.500  -13.101 1.00 60.20 ? 181 LYS A CG  1 
ATOM   1291 C  CD  . LYS A 1 181 ? -15.555 -2.988  -11.918 1.00 59.63 ? 181 LYS A CD  1 
ATOM   1292 C  CE  . LYS A 1 181 ? -16.385 -1.864  -11.316 1.00 60.60 ? 181 LYS A CE  1 
ATOM   1293 N  NZ  . LYS A 1 181 ? -17.302 -2.358  -10.253 1.00 61.56 ? 181 LYS A NZ  1 
ATOM   1294 N  N   . ASP A 1 182 ? -11.501 -5.682  -14.241 1.00 55.20 ? 182 ASP A N   1 
ATOM   1295 C  CA  . ASP A 1 182 ? -10.845 -6.767  -14.964 1.00 53.96 ? 182 ASP A CA  1 
ATOM   1296 C  C   . ASP A 1 182 ? -9.411  -6.876  -14.434 1.00 51.77 ? 182 ASP A C   1 
ATOM   1297 O  O   . ASP A 1 182 ? -8.445  -6.470  -15.078 1.00 54.23 ? 182 ASP A O   1 
ATOM   1298 C  CB  . ASP A 1 182 ? -10.878 -6.528  -16.474 1.00 52.47 ? 182 ASP A CB  1 
ATOM   1299 C  CG  . ASP A 1 182 ? -10.251 -7.666  -17.259 1.00 63.55 ? 182 ASP A CG  1 
ATOM   1300 O  OD1 . ASP A 1 182 ? -10.246 -8.810  -16.759 1.00 69.98 ? 182 ASP A OD1 1 
ATOM   1301 O  OD2 . ASP A 1 182 ? -9.766  -7.412  -18.383 1.00 63.91 ? 182 ASP A OD2 1 
ATOM   1302 N  N   . PHE A 1 183 ? -9.271  -7.425  -13.232 1.00 46.73 ? 183 PHE A N   1 
ATOM   1303 C  CA  . PHE A 1 183 ? -7.957  -7.571  -12.621 1.00 47.86 ? 183 PHE A CA  1 
ATOM   1304 C  C   . PHE A 1 183 ? -7.773  -8.948  -11.986 1.00 47.17 ? 183 PHE A C   1 
ATOM   1305 O  O   . PHE A 1 183 ? -8.596  -9.377  -11.179 1.00 42.89 ? 183 PHE A O   1 
ATOM   1306 C  CB  . PHE A 1 183 ? -7.725  -6.483  -11.570 1.00 43.34 ? 183 PHE A CB  1 
ATOM   1307 C  CG  . PHE A 1 183 ? -6.341  -6.493  -10.995 1.00 44.75 ? 183 PHE A CG  1 
ATOM   1308 C  CD1 . PHE A 1 183 ? -5.316  -5.807  -11.622 1.00 40.67 ? 183 PHE A CD1 1 
ATOM   1309 C  CD2 . PHE A 1 183 ? -6.059  -7.205  -9.841  1.00 40.42 ? 183 PHE A CD2 1 
ATOM   1310 C  CE1 . PHE A 1 183 ? -4.036  -5.823  -11.104 1.00 39.75 ? 183 PHE A CE1 1 
ATOM   1311 C  CE2 . PHE A 1 183 ? -4.782  -7.224  -9.320  1.00 38.63 ? 183 PHE A CE2 1 
ATOM   1312 C  CZ  . PHE A 1 183 ? -3.771  -6.532  -9.952  1.00 38.51 ? 183 PHE A CZ  1 
ATOM   1313 N  N   . PRO A 1 184 ? -6.682  -9.645  -12.349 1.00 46.47 ? 184 PRO A N   1 
ATOM   1314 C  CA  . PRO A 1 184 ? -5.691  -9.203  -13.338 1.00 47.51 ? 184 PRO A CA  1 
ATOM   1315 C  C   . PRO A 1 184 ? -6.190  -9.364  -14.772 1.00 51.71 ? 184 PRO A C   1 
ATOM   1316 O  O   . PRO A 1 184 ? -7.202  -10.030 -14.989 1.00 48.39 ? 184 PRO A O   1 
ATOM   1317 C  CB  . PRO A 1 184 ? -4.496  -10.120 -13.065 1.00 48.67 ? 184 PRO A CB  1 
ATOM   1318 C  CG  . PRO A 1 184 ? -5.102  -11.361 -12.524 1.00 44.59 ? 184 PRO A CG  1 
ATOM   1319 C  CD  . PRO A 1 184 ? -6.314  -10.934 -11.738 1.00 43.96 ? 184 PRO A CD  1 
ATOM   1320 N  N   . LEU A 1 185 ? -5.489  -8.756  -15.728 1.00 51.11 ? 185 LEU A N   1 
ATOM   1321 C  CA  . LEU A 1 185 ? -5.957  -8.742  -17.108 1.00 57.42 ? 185 LEU A CA  1 
ATOM   1322 C  C   . LEU A 1 185 ? -6.048  -10.153 -17.674 1.00 64.52 ? 185 LEU A C   1 
ATOM   1323 O  O   . LEU A 1 185 ? -5.179  -10.997 -17.429 1.00 60.68 ? 185 LEU A O   1 
ATOM   1324 C  CB  . LEU A 1 185 ? -5.026  -7.889  -17.973 1.00 55.17 ? 185 LEU A CB  1 
ATOM   1325 C  CG  . LEU A 1 185 ? -5.417  -6.428  -18.211 1.00 58.97 ? 185 LEU A CG  1 
ATOM   1326 C  CD1 . LEU A 1 185 ? -5.717  -5.710  -16.906 1.00 57.11 ? 185 LEU A CD1 1 
ATOM   1327 C  CD2 . LEU A 1 185 ? -4.316  -5.709  -18.978 1.00 55.49 ? 185 LEU A CD2 1 
ATOM   1328 N  N   . GLU A 1 186 ? -7.118  -10.406 -18.431 1.00 68.93 ? 186 GLU A N   1 
ATOM   1329 C  CA  . GLU A 1 186 ? -7.280  -11.694 -19.100 1.00 73.96 ? 186 GLU A CA  1 
ATOM   1330 C  C   . GLU A 1 186 ? -6.129  -11.952 -20.064 1.00 73.23 ? 186 GLU A C   1 
ATOM   1331 O  O   . GLU A 1 186 ? -5.420  -12.959 -19.956 1.00 79.87 ? 186 GLU A O   1 
ATOM   1332 C  CB  . GLU A 1 186 ? -8.621  -11.737 -19.837 1.00 76.79 ? 186 GLU A CB  1 
ATOM   1333 C  CG  . GLU A 1 186 ? -9.813  -12.096 -18.968 1.00 83.31 ? 186 GLU A CG  1 
ATOM   1334 C  CD  . GLU A 1 186 ? -11.116 -12.118 -19.748 1.00 87.00 ? 186 GLU A CD  1 
ATOM   1335 O  OE1 . GLU A 1 186 ? -11.711 -11.039 -19.950 1.00 87.12 ? 186 GLU A OE1 1 
ATOM   1336 O  OE2 . GLU A 1 186 ? -11.537 -13.215 -20.172 1.00 94.16 ? 186 GLU A OE2 1 
ATOM   1337 N  N   . ASN A 1 187 ? -5.934  -11.051 -21.022 1.00 71.72 ? 187 ASN A N   1 
ATOM   1338 C  CA  . ASN A 1 187 ? -4.842  -11.143 -21.982 1.00 75.37 ? 187 ASN A CA  1 
ATOM   1339 C  C   . ASN A 1 187 ? -4.008  -9.874  -21.881 1.00 75.65 ? 187 ASN A C   1 
ATOM   1340 O  O   . ASN A 1 187 ? -4.519  -8.772  -22.107 1.00 72.31 ? 187 ASN A O   1 
ATOM   1341 C  CB  . ASN A 1 187 ? -5.368  -11.336 -23.405 1.00 78.75 ? 187 ASN A CB  1 
ATOM   1342 C  CG  . ASN A 1 187 ? -4.271  -11.695 -24.388 1.00 79.04 ? 187 ASN A CG  1 
ATOM   1343 O  OD1 . ASN A 1 187 ? -3.169  -12.079 -23.993 1.00 78.23 ? 187 ASN A OD1 1 
ATOM   1344 N  ND2 . ASN A 1 187 ? -4.568  -11.578 -25.677 1.00 82.99 ? 187 ASN A ND2 1 
ATOM   1345 N  N   . LYS A 1 188 ? -2.732  -10.033 -21.539 1.00 74.37 ? 188 LYS A N   1 
ATOM   1346 C  CA  . LYS A 1 188 ? -1.831  -8.902  -21.327 1.00 72.13 ? 188 LYS A CA  1 
ATOM   1347 C  C   . LYS A 1 188 ? -1.371  -8.377  -22.681 1.00 73.88 ? 188 LYS A C   1 
ATOM   1348 O  O   . LYS A 1 188 ? -0.364  -8.816  -23.238 1.00 74.72 ? 188 LYS A O   1 
ATOM   1349 C  CB  . LYS A 1 188 ? -0.651  -9.315  -20.459 1.00 66.52 ? 188 LYS A CB  1 
ATOM   1350 C  CG  . LYS A 1 188 ? -1.050  -9.933  -19.132 1.00 61.06 ? 188 LYS A CG  1 
ATOM   1351 C  CD  . LYS A 1 188 ? 0.169   -10.388 -18.351 1.00 54.57 ? 188 LYS A CD  1 
ATOM   1352 C  CE  . LYS A 1 188 ? -0.234  -11.088 -17.069 1.00 46.30 ? 188 LYS A CE  1 
ATOM   1353 N  NZ  . LYS A 1 188 ? -0.920  -10.160 -16.126 1.00 54.70 ? 188 LYS A NZ  1 
ATOM   1354 N  N   . ASN A 1 189 ? -2.121  -7.417  -23.214 1.00 76.29 ? 189 ASN A N   1 
ATOM   1355 C  CA  . ASN A 1 189 ? -1.807  -6.766  -24.483 1.00 78.23 ? 189 ASN A CA  1 
ATOM   1356 C  C   . ASN A 1 189 ? -1.256  -5.379  -24.162 1.00 79.86 ? 189 ASN A C   1 
ATOM   1357 O  O   . ASN A 1 189 ? -2.007  -4.409  -24.037 1.00 79.37 ? 189 ASN A O   1 
ATOM   1358 C  CB  . ASN A 1 189 ? -3.040  -6.692  -25.382 1.00 86.14 ? 189 ASN A CB  1 
ATOM   1359 C  CG  . ASN A 1 189 ? -3.550  -8.062  -25.789 1.00 83.66 ? 189 ASN A CG  1 
ATOM   1360 O  OD1 . ASN A 1 189 ? -2.767  -8.976  -26.055 1.00 84.97 ? 189 ASN A OD1 1 
ATOM   1361 N  ND2 . ASN A 1 189 ? -4.868  -8.214  -25.836 1.00 82.01 ? 189 ASN A ND2 1 
ATOM   1362 N  N   . TYR A 1 190 ? 0.063   -5.292  -24.029 1.00 74.97 ? 190 TYR A N   1 
ATOM   1363 C  CA  . TYR A 1 190 ? 0.719   -4.035  -23.689 1.00 74.32 ? 190 TYR A CA  1 
ATOM   1364 C  C   . TYR A 1 190 ? 1.166   -3.281  -24.940 1.00 82.96 ? 190 TYR A C   1 
ATOM   1365 O  O   . TYR A 1 190 ? 1.136   -2.051  -24.980 1.00 79.89 ? 190 TYR A O   1 
ATOM   1366 C  CB  . TYR A 1 190 ? 1.917   -4.288  -22.773 1.00 70.44 ? 190 TYR A CB  1 
ATOM   1367 C  CG  . TYR A 1 190 ? 1.555   -4.906  -21.439 1.00 64.40 ? 190 TYR A CG  1 
ATOM   1368 C  CD1 . TYR A 1 190 ? 0.300   -4.710  -20.873 1.00 64.59 ? 190 TYR A CD1 1 
ATOM   1369 C  CD2 . TYR A 1 190 ? 2.469   -5.689  -20.749 1.00 60.36 ? 190 TYR A CD2 1 
ATOM   1370 C  CE1 . TYR A 1 190 ? -0.030  -5.276  -19.653 1.00 58.39 ? 190 TYR A CE1 1 
ATOM   1371 C  CE2 . TYR A 1 190 ? 2.149   -6.257  -19.533 1.00 59.58 ? 190 TYR A CE2 1 
ATOM   1372 C  CZ  . TYR A 1 190 ? 0.902   -6.048  -18.988 1.00 55.85 ? 190 TYR A CZ  1 
ATOM   1373 O  OH  . TYR A 1 190 ? 0.593   -6.618  -17.774 1.00 54.16 ? 190 TYR A OH  1 
HETATM 1374 MG MG  . MG  B 2 .   ? 0.742   -2.110  4.357   1.00 41.13 ? 201 MG  A MG  1 
HETATM 1375 C  C1  . EDO C 3 .   ? -15.191 -6.130  -5.525  1.00 48.69 ? 202 EDO A C1  1 
HETATM 1376 O  O1  . EDO C 3 .   ? -16.385 -5.559  -6.069  1.00 50.85 ? 202 EDO A O1  1 
HETATM 1377 C  C2  . EDO C 3 .   ? -14.266 -5.010  -5.066  1.00 47.24 ? 202 EDO A C2  1 
HETATM 1378 O  O2  . EDO C 3 .   ? -13.891 -4.212  -6.194  1.00 49.41 ? 202 EDO A O2  1 
HETATM 1379 O  O   . HOH D 4 .   ? 13.758  7.379   1.598   1.00 43.50 ? 301 HOH A O   1 
HETATM 1380 O  O   . HOH D 4 .   ? -9.155  10.224  1.485   1.00 44.67 ? 302 HOH A O   1 
HETATM 1381 O  O   . HOH D 4 .   ? -8.579  -26.646 -7.582  1.00 46.71 ? 303 HOH A O   1 
HETATM 1382 O  O   . HOH D 4 .   ? 12.022  17.138  4.678   1.00 66.71 ? 304 HOH A O   1 
HETATM 1383 O  O   . HOH D 4 .   ? 17.441  -4.287  -5.723  1.00 45.95 ? 305 HOH A O   1 
HETATM 1384 O  O   . HOH D 4 .   ? -0.193  -3.673  5.009   1.00 44.93 ? 306 HOH A O   1 
HETATM 1385 O  O   . HOH D 4 .   ? 22.138  1.340   6.898   1.00 41.34 ? 307 HOH A O   1 
HETATM 1386 O  O   . HOH D 4 .   ? -1.046  -7.767  -0.361  1.00 35.21 ? 308 HOH A O   1 
HETATM 1387 O  O   . HOH D 4 .   ? -12.854 9.991   6.271   1.00 46.39 ? 309 HOH A O   1 
HETATM 1388 O  O   . HOH D 4 .   ? -13.565 -5.586  -8.474  1.00 50.25 ? 310 HOH A O   1 
HETATM 1389 O  O   . HOH D 4 .   ? 0.140   -1.377  6.028   1.00 47.93 ? 311 HOH A O   1 
HETATM 1390 O  O   . HOH D 4 .   ? 0.963   17.669  5.453   1.00 65.41 ? 312 HOH A O   1 
HETATM 1391 O  O   . HOH D 4 .   ? -4.363  -21.368 3.060   1.00 39.09 ? 313 HOH A O   1 
HETATM 1392 O  O   . HOH D 4 .   ? 4.578   -14.199 2.347   1.00 45.81 ? 314 HOH A O   1 
HETATM 1393 O  O   . HOH D 4 .   ? 2.242   -11.941 -4.704  1.00 48.84 ? 315 HOH A O   1 
HETATM 1394 O  O   . HOH D 4 .   ? -6.889  -3.993  -14.355 1.00 47.34 ? 316 HOH A O   1 
HETATM 1395 O  O   . HOH D 4 .   ? 19.161  -9.589  5.328   1.00 45.03 ? 317 HOH A O   1 
HETATM 1396 O  O   . HOH D 4 .   ? 9.672   18.906  -3.352  1.00 60.99 ? 318 HOH A O   1 
HETATM 1397 O  O   . HOH D 4 .   ? -3.809  -18.944 -13.527 1.00 36.77 ? 319 HOH A O   1 
HETATM 1398 O  O   . HOH D 4 .   ? 3.071   -5.513  5.323   1.00 44.96 ? 320 HOH A O   1 
HETATM 1399 O  O   . HOH D 4 .   ? -7.619  -25.479 2.059   1.00 49.99 ? 321 HOH A O   1 
HETATM 1400 O  O   . HOH D 4 .   ? -7.697  -24.189 -8.876  1.00 39.89 ? 322 HOH A O   1 
HETATM 1401 O  O   . HOH D 4 .   ? 17.437  -8.231  2.115   1.00 35.42 ? 323 HOH A O   1 
HETATM 1402 O  O   . HOH D 4 .   ? 14.217  -3.380  -0.558  1.00 40.93 ? 324 HOH A O   1 
HETATM 1403 O  O   . HOH D 4 .   ? -9.035  -15.019 -13.719 1.00 48.03 ? 325 HOH A O   1 
HETATM 1404 O  O   . HOH D 4 .   ? 1.542   14.741  -10.838 1.00 62.06 ? 326 HOH A O   1 
HETATM 1405 O  O   . HOH D 4 .   ? 6.802   0.287   3.805   1.00 47.20 ? 327 HOH A O   1 
HETATM 1406 O  O   . HOH D 4 .   ? -9.831  18.941  2.482   1.00 55.70 ? 328 HOH A O   1 
HETATM 1407 O  O   . HOH D 4 .   ? -14.226 -9.836  -6.001  1.00 51.95 ? 329 HOH A O   1 
HETATM 1408 O  O   . HOH D 4 .   ? -1.649  -17.441 -13.881 1.00 36.66 ? 330 HOH A O   1 
HETATM 1409 O  O   . HOH D 4 .   ? -11.731 4.747   5.629   1.00 47.43 ? 331 HOH A O   1 
HETATM 1410 O  O   . HOH D 4 .   ? -11.764 -19.565 0.290   1.00 46.91 ? 332 HOH A O   1 
HETATM 1411 O  O   . HOH D 4 .   ? -14.169 -14.413 -4.176  1.00 45.51 ? 333 HOH A O   1 
HETATM 1412 O  O   . HOH D 4 .   ? -6.128  -19.100 4.507   1.00 49.55 ? 334 HOH A O   1 
HETATM 1413 O  O   . HOH D 4 .   ? -13.523 11.460  -3.818  1.00 48.63 ? 335 HOH A O   1 
HETATM 1414 O  O   . HOH D 4 .   ? 5.036   -11.683 -4.704  1.00 39.73 ? 336 HOH A O   1 
HETATM 1415 O  O   . HOH D 4 .   ? 3.126   7.856   11.578  1.00 60.74 ? 337 HOH A O   1 
HETATM 1416 O  O   . HOH D 4 .   ? -9.563  -19.980 -8.030  1.00 49.06 ? 338 HOH A O   1 
HETATM 1417 O  O   . HOH D 4 .   ? -7.864  6.982   8.641   1.00 61.74 ? 339 HOH A O   1 
HETATM 1418 O  O   . HOH D 4 .   ? 19.857  -5.467  4.836   1.00 46.40 ? 340 HOH A O   1 
HETATM 1419 O  O   . HOH D 4 .   ? -9.480  -13.173 -9.743  1.00 46.73 ? 341 HOH A O   1 
HETATM 1420 O  O   . HOH D 4 .   ? 2.765   -1.182  10.096  1.00 56.78 ? 342 HOH A O   1 
HETATM 1421 O  O   . HOH D 4 .   ? 2.262   -11.617 -8.097  1.00 41.00 ? 343 HOH A O   1 
HETATM 1422 O  O   . HOH D 4 .   ? -12.716 1.316   7.293   1.00 70.93 ? 344 HOH A O   1 
HETATM 1423 O  O   . HOH D 4 .   ? -0.789  16.874  1.497   1.00 53.48 ? 345 HOH A O   1 
HETATM 1424 O  O   . HOH D 4 .   ? 10.139  -12.935 3.311   1.00 50.60 ? 346 HOH A O   1 
HETATM 1425 O  O   . HOH D 4 .   ? -22.161 -18.389 -1.330  1.00 65.21 ? 347 HOH A O   1 
HETATM 1426 O  O   . HOH D 4 .   ? -9.709  -22.357 -9.281  1.00 55.85 ? 348 HOH A O   1 
HETATM 1427 O  O   . HOH D 4 .   ? -12.056 12.658  2.184   1.00 59.59 ? 349 HOH A O   1 
HETATM 1428 O  O   . HOH D 4 .   ? 5.354   3.517   10.245  1.00 64.50 ? 350 HOH A O   1 
HETATM 1429 O  O   . HOH D 4 .   ? 22.291  18.014  6.747   1.00 62.80 ? 351 HOH A O   1 
HETATM 1430 O  O   . HOH D 4 .   ? 19.721  -7.501  3.547   1.00 45.91 ? 352 HOH A O   1 
HETATM 1431 O  O   . HOH D 4 .   ? -6.012  -24.375 -11.114 0.33 40.76 ? 353 HOH A O   1 
HETATM 1432 O  O   . HOH D 4 .   ? 5.715   -17.205 4.189   1.00 57.54 ? 354 HOH A O   1 
# 
loop_
_pdbx_poly_seq_scheme.asym_id 
_pdbx_poly_seq_scheme.entity_id 
_pdbx_poly_seq_scheme.seq_id 
_pdbx_poly_seq_scheme.mon_id 
_pdbx_poly_seq_scheme.ndb_seq_num 
_pdbx_poly_seq_scheme.pdb_seq_num 
_pdbx_poly_seq_scheme.auth_seq_num 
_pdbx_poly_seq_scheme.pdb_mon_id 
_pdbx_poly_seq_scheme.auth_mon_id 
_pdbx_poly_seq_scheme.pdb_strand_id 
_pdbx_poly_seq_scheme.pdb_ins_code 
_pdbx_poly_seq_scheme.hetero 
A 1 1   MET 1   1   ?   ?   ?   A . n 
A 1 2   SER 2   2   2   SER SER A . n 
A 1 3   SER 3   3   3   SER SER A . n 
A 1 4   LEU 4   4   4   LEU LEU A . n 
A 1 5   LEU 5   5   5   LEU LEU A . n 
A 1 6   ASP 6   6   6   ASP ASP A . n 
A 1 7   ILE 7   7   7   ILE ILE A . n 
A 1 8   ILE 8   8   8   ILE ILE A . n 
A 1 9   TYR 9   9   9   TYR TYR A . n 
A 1 10  GLN 10  10  10  GLN GLN A . n 
A 1 11  LEU 11  11  11  LEU LEU A . n 
A 1 12  ARG 12  12  12  ARG ARG A . n 
A 1 13  GLN 13  13  13  GLN GLN A . n 
A 1 14  VAL 14  14  14  VAL VAL A . n 
A 1 15  PRO 15  15  15  PRO PRO A . n 
A 1 16  ARG 16  16  16  ARG ARG A . n 
A 1 17  TRP 17  17  17  TRP TRP A . n 
A 1 18  ASP 18  18  18  ASP ASP A . n 
A 1 19  GLY 19  19  19  GLY GLY A . n 
A 1 20  SER 20  20  20  SER SER A . n 
A 1 21  PHE 21  21  21  PHE PHE A . n 
A 1 22  GLN 22  22  22  GLN GLN A . n 
A 1 23  PHE 23  23  23  PHE PHE A . n 
A 1 24  GLU 24  24  24  GLU GLU A . n 
A 1 25  LYS 25  25  25  LYS LYS A . n 
A 1 26  GLU 26  26  26  GLU GLU A . n 
A 1 27  ASP 27  27  27  ASP ASP A . n 
A 1 28  VAL 28  28  28  VAL VAL A . n 
A 1 29  SER 29  29  29  SER SER A . n 
A 1 30  GLN 30  30  30  GLN GLN A . n 
A 1 31  HIS 31  31  31  HIS HIS A . n 
A 1 32  SER 32  32  32  SER SER A . n 
A 1 33  PHE 33  33  33  PHE PHE A . n 
A 1 34  SER 34  34  34  SER SER A . n 
A 1 35  VAL 35  35  35  VAL VAL A . n 
A 1 36  ILE 36  36  36  ILE ILE A . n 
A 1 37  ALA 37  37  37  ALA ALA A . n 
A 1 38  ILE 38  38  38  ILE ILE A . n 
A 1 39  SER 39  39  39  SER SER A . n 
A 1 40  HIS 40  40  40  HIS HIS A . n 
A 1 41  ILE 41  41  41  ILE ILE A . n 
A 1 42  LEU 42  42  42  LEU LEU A . n 
A 1 43  CYS 43  43  43  CYS CYS A . n 
A 1 44  GLU 44  44  44  GLU GLU A . n 
A 1 45  LEU 45  45  45  LEU LEU A . n 
A 1 46  LYS 46  46  46  LYS LYS A . n 
A 1 47  GLU 47  47  47  GLU GLU A . n 
A 1 48  THR 48  48  48  THR THR A . n 
A 1 49  LEU 49  49  49  LEU LEU A . n 
A 1 50  GLU 50  50  50  GLU GLU A . n 
A 1 51  GLY 51  51  51  GLY GLY A . n 
A 1 52  LYS 52  52  52  LYS LYS A . n 
A 1 53  LYS 53  53  53  LYS LYS A . n 
A 1 54  ILE 54  54  54  ILE ILE A . n 
A 1 55  ASN 55  55  55  ASN ASN A . n 
A 1 56  LYS 56  56  56  LYS LYS A . n 
A 1 57  GLU 57  57  57  GLU GLU A . n 
A 1 58  LYS 58  58  58  LYS LYS A . n 
A 1 59  LEU 59  59  59  LEU LEU A . n 
A 1 60  LEU 60  60  60  LEU LEU A . n 
A 1 61  LEU 61  61  61  LEU LEU A . n 
A 1 62  TYR 62  62  62  TYR TYR A . n 
A 1 63  ALA 63  63  63  ALA ALA A . n 
A 1 64  LEU 64  64  64  LEU LEU A . n 
A 1 65  TYR 65  65  65  TYR TYR A . n 
A 1 66  HIS 66  66  66  HIS HIS A . n 
A 1 67  ASP 67  67  67  ASP ASP A . n 
A 1 68  VAL 68  68  68  VAL VAL A . n 
A 1 69  THR 69  69  69  THR THR A . n 
A 1 70  GLU 70  70  70  GLU GLU A . n 
A 1 71  VAL 71  71  71  VAL VAL A . n 
A 1 72  VAL 72  72  72  VAL VAL A . n 
A 1 73  SER 73  73  73  SER SER A . n 
A 1 74  THR 74  74  74  THR THR A . n 
A 1 75  HIS 75  75  75  HIS HIS A . n 
A 1 76  ILE 76  76  ?   ?   ?   A . n 
A 1 77  ILE 77  77  ?   ?   ?   A . n 
A 1 78  SER 78  78  ?   ?   ?   A . n 
A 1 79  PRO 79  79  ?   ?   ?   A . n 
A 1 80  VAL 80  80  ?   ?   ?   A . n 
A 1 81  LYS 81  81  ?   ?   ?   A . n 
A 1 82  LYS 82  82  ?   ?   ?   A . n 
A 1 83  ASN 83  83  ?   ?   ?   A . n 
A 1 84  SER 84  84  ?   ?   ?   A . n 
A 1 85  ILE 85  85  ?   ?   ?   A . n 
A 1 86  LEU 86  86  ?   ?   ?   A . n 
A 1 87  LYS 87  87  ?   ?   ?   A . n 
A 1 88  ASP 88  88  ?   ?   ?   A . n 
A 1 89  PRO 89  89  ?   ?   ?   A . n 
A 1 90  PHE 90  90  ?   ?   ?   A . n 
A 1 91  ASN 91  91  ?   ?   ?   A . n 
A 1 92  ALA 92  92  ?   ?   ?   A . n 
A 1 93  PHE 93  93  ?   ?   ?   A . n 
A 1 94  ARG 94  94  ?   ?   ?   A . n 
A 1 95  GLU 95  95  ?   ?   ?   A . n 
A 1 96  GLN 96  96  ?   ?   ?   A . n 
A 1 97  ILE 97  97  ?   ?   ?   A . n 
A 1 98  LYS 98  98  98  LYS LYS A . n 
A 1 99  ASN 99  99  99  ASN ASN A . n 
A 1 100 SER 100 100 100 SER SER A . n 
A 1 101 LEU 101 101 101 LEU LEU A . n 
A 1 102 PHE 102 102 102 PHE PHE A . n 
A 1 103 ASP 103 103 103 ASP ASP A . n 
A 1 104 ASN 104 104 104 ASN ASN A . n 
A 1 105 LEU 105 105 105 LEU LEU A . n 
A 1 106 PRO 106 106 106 PRO PRO A . n 
A 1 107 ILE 107 107 107 ILE ILE A . n 
A 1 108 THR 108 108 108 THR THR A . n 
A 1 109 LEU 109 109 109 LEU LEU A . n 
A 1 110 SER 110 110 110 SER SER A . n 
A 1 111 ASP 111 111 111 ASP ASP A . n 
A 1 112 THR 112 112 112 THR THR A . n 
A 1 113 LEU 113 113 113 LEU LEU A . n 
A 1 114 SER 114 114 114 SER SER A . n 
A 1 115 THR 115 115 115 THR THR A . n 
A 1 116 ILE 116 116 116 ILE ILE A . n 
A 1 117 LEU 117 117 117 LEU LEU A . n 
A 1 118 ASN 118 118 118 ASN ASN A . n 
A 1 119 ASN 119 119 119 ASN ASN A . n 
A 1 120 ASN 120 120 120 ASN ASN A . n 
A 1 121 ASP 121 121 121 ASP ASP A . n 
A 1 122 LEU 122 122 122 LEU LEU A . n 
A 1 123 GLU 123 123 123 GLU GLU A . n 
A 1 124 ILE 124 124 124 ILE ILE A . n 
A 1 125 GLN 125 125 125 GLN GLN A . n 
A 1 126 GLU 126 126 126 GLU GLU A . n 
A 1 127 ILE 127 127 127 ILE ILE A . n 
A 1 128 VAL 128 128 128 VAL VAL A . n 
A 1 129 GLU 129 129 129 GLU GLU A . n 
A 1 130 HIS 130 130 130 HIS HIS A . n 
A 1 131 ALA 131 131 131 ALA ALA A . n 
A 1 132 ASP 132 132 132 ASP ASP A . n 
A 1 133 HIS 133 133 133 HIS HIS A . n 
A 1 134 VAL 134 134 134 VAL VAL A . n 
A 1 135 ASP 135 135 135 ASP ASP A . n 
A 1 136 ALA 136 136 136 ALA ALA A . n 
A 1 137 TYR 137 137 137 TYR TYR A . n 
A 1 138 CYS 138 138 138 CYS CYS A . n 
A 1 139 LYS 139 139 139 LYS LYS A . n 
A 1 140 SER 140 140 140 SER SER A . n 
A 1 141 CYS 141 141 141 CYS CYS A . n 
A 1 142 ILE 142 142 142 ILE ILE A . n 
A 1 143 GLU 143 143 143 GLU GLU A . n 
A 1 144 VAL 144 144 144 VAL VAL A . n 
A 1 145 HIS 145 145 145 HIS HIS A . n 
A 1 146 ARG 146 146 146 ARG ARG A . n 
A 1 147 GLY 147 147 147 GLY GLY A . n 
A 1 148 ASN 148 148 148 ASN ASN A . n 
A 1 149 LYS 149 149 149 LYS LYS A . n 
A 1 150 ASP 150 150 150 ASP ASP A . n 
A 1 151 PHE 151 151 151 PHE PHE A . n 
A 1 152 ILE 152 152 152 ILE ILE A . n 
A 1 153 SER 153 153 153 SER SER A . n 
A 1 154 ILE 154 154 154 ILE ILE A . n 
A 1 155 GLN 155 155 155 GLN GLN A . n 
A 1 156 ARG 156 156 156 ARG ARG A . n 
A 1 157 SER 157 157 157 SER SER A . n 
A 1 158 LEU 158 158 158 LEU LEU A . n 
A 1 159 GLY 159 159 159 GLY GLY A . n 
A 1 160 ASP 160 160 160 ASP ASP A . n 
A 1 161 LYS 161 161 161 LYS LYS A . n 
A 1 162 LEU 162 162 162 LEU LEU A . n 
A 1 163 ASP 163 163 163 ASP ASP A . n 
A 1 164 ASN 164 164 164 ASN ASN A . n 
A 1 165 LEU 165 165 165 LEU LEU A . n 
A 1 166 THR 166 166 166 THR THR A . n 
A 1 167 LYS 167 167 167 LYS LYS A . n 
A 1 168 GLU 168 168 168 GLU GLU A . n 
A 1 169 TYR 169 169 169 TYR TYR A . n 
A 1 170 PRO 170 170 170 PRO PRO A . n 
A 1 171 TYR 171 171 171 TYR TYR A . n 
A 1 172 LEU 172 172 172 LEU LEU A . n 
A 1 173 LYS 173 173 173 LYS LYS A . n 
A 1 174 GLU 174 174 174 GLU GLU A . n 
A 1 175 PHE 175 175 175 PHE PHE A . n 
A 1 176 GLN 176 176 176 GLN GLN A . n 
A 1 177 ASN 177 177 177 ASN ASN A . n 
A 1 178 LEU 178 178 178 LEU LEU A . n 
A 1 179 PHE 179 179 179 PHE PHE A . n 
A 1 180 LEU 180 180 180 LEU LEU A . n 
A 1 181 LYS 181 181 181 LYS LYS A . n 
A 1 182 ASP 182 182 182 ASP ASP A . n 
A 1 183 PHE 183 183 183 PHE PHE A . n 
A 1 184 PRO 184 184 184 PRO PRO A . n 
A 1 185 LEU 185 185 185 LEU LEU A . n 
A 1 186 GLU 186 186 186 GLU GLU A . n 
A 1 187 ASN 187 187 187 ASN ASN A . n 
A 1 188 LYS 188 188 188 LYS LYS A . n 
A 1 189 ASN 189 189 189 ASN ASN A . n 
A 1 190 TYR 190 190 190 TYR TYR A . n 
A 1 191 ARG 191 191 ?   ?   ?   A . n 
A 1 192 TYR 192 192 ?   ?   ?   A . n 
A 1 193 LEU 193 193 ?   ?   ?   A . n 
A 1 194 ASN 194 194 ?   ?   ?   A . n 
# 
loop_
_pdbx_nonpoly_scheme.asym_id 
_pdbx_nonpoly_scheme.entity_id 
_pdbx_nonpoly_scheme.mon_id 
_pdbx_nonpoly_scheme.ndb_seq_num 
_pdbx_nonpoly_scheme.pdb_seq_num 
_pdbx_nonpoly_scheme.auth_seq_num 
_pdbx_nonpoly_scheme.pdb_mon_id 
_pdbx_nonpoly_scheme.auth_mon_id 
_pdbx_nonpoly_scheme.pdb_strand_id 
_pdbx_nonpoly_scheme.pdb_ins_code 
B 2 MG  1  201 1  MG  MG  A . 
C 3 EDO 1  202 1  EDO EDO A . 
D 4 HOH 1  301 22 HOH HOH A . 
D 4 HOH 2  302 38 HOH HOH A . 
D 4 HOH 3  303 43 HOH HOH A . 
D 4 HOH 4  304 36 HOH HOH A . 
D 4 HOH 5  305 41 HOH HOH A . 
D 4 HOH 6  306 16 HOH HOH A . 
D 4 HOH 7  307 2  HOH HOH A . 
D 4 HOH 8  308 15 HOH HOH A . 
D 4 HOH 9  309 40 HOH HOH A . 
D 4 HOH 10 310 24 HOH HOH A . 
D 4 HOH 11 311 17 HOH HOH A . 
D 4 HOH 12 312 54 HOH HOH A . 
D 4 HOH 13 313 9  HOH HOH A . 
D 4 HOH 14 314 34 HOH HOH A . 
D 4 HOH 15 315 14 HOH HOH A . 
D 4 HOH 16 316 33 HOH HOH A . 
D 4 HOH 17 317 7  HOH HOH A . 
D 4 HOH 18 318 21 HOH HOH A . 
D 4 HOH 19 319 30 HOH HOH A . 
D 4 HOH 20 320 1  HOH HOH A . 
D 4 HOH 21 321 63 HOH HOH A . 
D 4 HOH 22 322 29 HOH HOH A . 
D 4 HOH 23 323 13 HOH HOH A . 
D 4 HOH 24 324 4  HOH HOH A . 
D 4 HOH 25 325 60 HOH HOH A . 
D 4 HOH 26 326 35 HOH HOH A . 
D 4 HOH 27 327 58 HOH HOH A . 
D 4 HOH 28 328 19 HOH HOH A . 
D 4 HOH 29 329 25 HOH HOH A . 
D 4 HOH 30 330 31 HOH HOH A . 
D 4 HOH 31 331 23 HOH HOH A . 
D 4 HOH 32 332 32 HOH HOH A . 
D 4 HOH 33 333 45 HOH HOH A . 
D 4 HOH 34 334 10 HOH HOH A . 
D 4 HOH 35 335 39 HOH HOH A . 
D 4 HOH 36 336 11 HOH HOH A . 
D 4 HOH 37 337 53 HOH HOH A . 
D 4 HOH 38 338 42 HOH HOH A . 
D 4 HOH 39 339 57 HOH HOH A . 
D 4 HOH 40 340 3  HOH HOH A . 
D 4 HOH 41 341 26 HOH HOH A . 
D 4 HOH 42 342 51 HOH HOH A . 
D 4 HOH 43 343 12 HOH HOH A . 
D 4 HOH 44 344 56 HOH HOH A . 
D 4 HOH 45 345 59 HOH HOH A . 
D 4 HOH 46 346 61 HOH HOH A . 
D 4 HOH 47 347 64 HOH HOH A . 
D 4 HOH 48 348 48 HOH HOH A . 
D 4 HOH 49 349 55 HOH HOH A . 
D 4 HOH 50 350 52 HOH HOH A . 
D 4 HOH 51 351 37 HOH HOH A . 
D 4 HOH 52 352 8  HOH HOH A . 
D 4 HOH 53 353 44 HOH HOH A . 
D 4 HOH 54 354 49 HOH HOH A . 
# 
_pdbx_struct_assembly.id                   1 
_pdbx_struct_assembly.details              author_and_software_defined_assembly 
_pdbx_struct_assembly.method_details       PISA 
_pdbx_struct_assembly.oligomeric_details   dimeric 
_pdbx_struct_assembly.oligomeric_count     2 
# 
_pdbx_struct_assembly_gen.assembly_id       1 
_pdbx_struct_assembly_gen.oper_expression   1,2 
_pdbx_struct_assembly_gen.asym_id_list      A,B,C,D 
# 
loop_
_pdbx_struct_assembly_prop.biol_id 
_pdbx_struct_assembly_prop.type 
_pdbx_struct_assembly_prop.value 
_pdbx_struct_assembly_prop.details 
1 'ABSA (A^2)' 5880  ? 
1 MORE         -45   ? 
1 'SSA (A^2)'  14800 ? 
# 
loop_
_pdbx_struct_oper_list.id 
_pdbx_struct_oper_list.type 
_pdbx_struct_oper_list.name 
_pdbx_struct_oper_list.symmetry_operation 
_pdbx_struct_oper_list.matrix[1][1] 
_pdbx_struct_oper_list.matrix[1][2] 
_pdbx_struct_oper_list.matrix[1][3] 
_pdbx_struct_oper_list.vector[1] 
_pdbx_struct_oper_list.matrix[2][1] 
_pdbx_struct_oper_list.matrix[2][2] 
_pdbx_struct_oper_list.matrix[2][3] 
_pdbx_struct_oper_list.vector[2] 
_pdbx_struct_oper_list.matrix[3][1] 
_pdbx_struct_oper_list.matrix[3][2] 
_pdbx_struct_oper_list.matrix[3][3] 
_pdbx_struct_oper_list.vector[3] 
1 'identity operation'         1_555 x,y,z        1.0000000000  0.0000000000  0.0000000000 0.0000000000  0.0000000000  1.0000000000 0.0000000000  0.0000000000 0.0000000000 0.0000000000  1.0000000000  0.0000000000  
2 'crystal symmetry operation' 6_554 -x,-x+y,-z-1 -0.9627880695 -0.2702570365 0.0005171285 16.8932900620 -0.2702570365 0.9627808831 -0.0037557209 2.3102990572 0.0005171285 -0.0037557209 -0.9999928136 -8.2326899589 
# 
_pdbx_struct_special_symmetry.id              1 
_pdbx_struct_special_symmetry.PDB_model_num   1 
_pdbx_struct_special_symmetry.auth_asym_id    A 
_pdbx_struct_special_symmetry.auth_comp_id    HOH 
_pdbx_struct_special_symmetry.auth_seq_id     353 
_pdbx_struct_special_symmetry.PDB_ins_code    ? 
_pdbx_struct_special_symmetry.label_asym_id   D 
_pdbx_struct_special_symmetry.label_comp_id   HOH 
_pdbx_struct_special_symmetry.label_seq_id    . 
# 
loop_
_pdbx_struct_conn_angle.id 
_pdbx_struct_conn_angle.ptnr1_label_atom_id 
_pdbx_struct_conn_angle.ptnr1_label_alt_id 
_pdbx_struct_conn_angle.ptnr1_label_asym_id 
_pdbx_struct_conn_angle.ptnr1_label_comp_id 
_pdbx_struct_conn_angle.ptnr1_label_seq_id 
_pdbx_struct_conn_angle.ptnr1_auth_atom_id 
_pdbx_struct_conn_angle.ptnr1_auth_asym_id 
_pdbx_struct_conn_angle.ptnr1_auth_comp_id 
_pdbx_struct_conn_angle.ptnr1_auth_seq_id 
_pdbx_struct_conn_angle.ptnr1_PDB_ins_code 
_pdbx_struct_conn_angle.ptnr1_symmetry 
_pdbx_struct_conn_angle.ptnr2_label_atom_id 
_pdbx_struct_conn_angle.ptnr2_label_alt_id 
_pdbx_struct_conn_angle.ptnr2_label_asym_id 
_pdbx_struct_conn_angle.ptnr2_label_comp_id 
_pdbx_struct_conn_angle.ptnr2_label_seq_id 
_pdbx_struct_conn_angle.ptnr2_auth_atom_id 
_pdbx_struct_conn_angle.ptnr2_auth_asym_id 
_pdbx_struct_conn_angle.ptnr2_auth_comp_id 
_pdbx_struct_conn_angle.ptnr2_auth_seq_id 
_pdbx_struct_conn_angle.ptnr2_PDB_ins_code 
_pdbx_struct_conn_angle.ptnr2_symmetry 
_pdbx_struct_conn_angle.ptnr3_label_atom_id 
_pdbx_struct_conn_angle.ptnr3_label_alt_id 
_pdbx_struct_conn_angle.ptnr3_label_asym_id 
_pdbx_struct_conn_angle.ptnr3_label_comp_id 
_pdbx_struct_conn_angle.ptnr3_label_seq_id 
_pdbx_struct_conn_angle.ptnr3_auth_atom_id 
_pdbx_struct_conn_angle.ptnr3_auth_asym_id 
_pdbx_struct_conn_angle.ptnr3_auth_comp_id 
_pdbx_struct_conn_angle.ptnr3_auth_seq_id 
_pdbx_struct_conn_angle.ptnr3_PDB_ins_code 
_pdbx_struct_conn_angle.ptnr3_symmetry 
_pdbx_struct_conn_angle.value 
_pdbx_struct_conn_angle.value_esd 
1  NE2 ? A HIS 31  ? A HIS 31  ? 1_555 MG ? B MG . ? A MG 201 ? 1_555 NE2 ? A HIS 66  ? A HIS 66  ? 1_555 89.3  ? 
2  NE2 ? A HIS 31  ? A HIS 31  ? 1_555 MG ? B MG . ? A MG 201 ? 1_555 OD2 ? A ASP 67  ? A ASP 67  ? 1_555 88.7  ? 
3  NE2 ? A HIS 66  ? A HIS 66  ? 1_555 MG ? B MG . ? A MG 201 ? 1_555 OD2 ? A ASP 67  ? A ASP 67  ? 1_555 78.6  ? 
4  NE2 ? A HIS 31  ? A HIS 31  ? 1_555 MG ? B MG . ? A MG 201 ? 1_555 OD1 ? A ASP 132 ? A ASP 132 ? 1_555 88.4  ? 
5  NE2 ? A HIS 66  ? A HIS 66  ? 1_555 MG ? B MG . ? A MG 201 ? 1_555 OD1 ? A ASP 132 ? A ASP 132 ? 1_555 103.9 ? 
6  OD2 ? A ASP 67  ? A ASP 67  ? 1_555 MG ? B MG . ? A MG 201 ? 1_555 OD1 ? A ASP 132 ? A ASP 132 ? 1_555 176.2 ? 
7  NE2 ? A HIS 31  ? A HIS 31  ? 1_555 MG ? B MG . ? A MG 201 ? 1_555 O   ? D HOH .   ? A HOH 306 ? 1_555 93.1  ? 
8  NE2 ? A HIS 66  ? A HIS 66  ? 1_555 MG ? B MG . ? A MG 201 ? 1_555 O   ? D HOH .   ? A HOH 306 ? 1_555 177.5 ? 
9  OD2 ? A ASP 67  ? A ASP 67  ? 1_555 MG ? B MG . ? A MG 201 ? 1_555 O   ? D HOH .   ? A HOH 306 ? 1_555 101.2 ? 
10 OD1 ? A ASP 132 ? A ASP 132 ? 1_555 MG ? B MG . ? A MG 201 ? 1_555 O   ? D HOH .   ? A HOH 306 ? 1_555 76.5  ? 
11 NE2 ? A HIS 31  ? A HIS 31  ? 1_555 MG ? B MG . ? A MG 201 ? 1_555 O   ? D HOH .   ? A HOH 311 ? 1_555 175.3 ? 
12 NE2 ? A HIS 66  ? A HIS 66  ? 1_555 MG ? B MG . ? A MG 201 ? 1_555 O   ? D HOH .   ? A HOH 311 ? 1_555 95.3  ? 
13 OD2 ? A ASP 67  ? A ASP 67  ? 1_555 MG ? B MG . ? A MG 201 ? 1_555 O   ? D HOH .   ? A HOH 311 ? 1_555 91.8  ? 
14 OD1 ? A ASP 132 ? A ASP 132 ? 1_555 MG ? B MG . ? A MG 201 ? 1_555 O   ? D HOH .   ? A HOH 311 ? 1_555 90.8  ? 
15 O   ? D HOH .   ? A HOH 306 ? 1_555 MG ? B MG . ? A MG 201 ? 1_555 O   ? D HOH .   ? A HOH 311 ? 1_555 82.2  ? 
# 
loop_
_pdbx_audit_revision_history.ordinal 
_pdbx_audit_revision_history.data_content_type 
_pdbx_audit_revision_history.major_revision 
_pdbx_audit_revision_history.minor_revision 
_pdbx_audit_revision_history.revision_date 
1 'Structure model' 1 0 2016-11-16 
2 'Structure model' 1 1 2016-11-30 
3 'Structure model' 1 2 2016-12-14 
4 'Structure model' 1 3 2017-09-27 
5 'Structure model' 1 4 2019-12-25 
6 'Structure model' 1 5 2023-10-04 
# 
_pdbx_audit_revision_details.ordinal             1 
_pdbx_audit_revision_details.revision_ordinal    1 
_pdbx_audit_revision_details.data_content_type   'Structure model' 
_pdbx_audit_revision_details.provider            repository 
_pdbx_audit_revision_details.type                'Initial release' 
_pdbx_audit_revision_details.description         ? 
_pdbx_audit_revision_details.details             ? 
# 
loop_
_pdbx_audit_revision_group.ordinal 
_pdbx_audit_revision_group.revision_ordinal 
_pdbx_audit_revision_group.data_content_type 
_pdbx_audit_revision_group.group 
1 2 'Structure model' 'Database references'        
2 3 'Structure model' 'Database references'        
3 4 'Structure model' 'Author supporting evidence' 
4 5 'Structure model' 'Author supporting evidence' 
5 6 'Structure model' 'Data collection'            
6 6 'Structure model' 'Database references'        
7 6 'Structure model' 'Derived calculations'       
8 6 'Structure model' 'Refinement description'     
# 
loop_
_pdbx_audit_revision_category.ordinal 
_pdbx_audit_revision_category.revision_ordinal 
_pdbx_audit_revision_category.data_content_type 
_pdbx_audit_revision_category.category 
1 4 'Structure model' pdbx_audit_support            
2 5 'Structure model' pdbx_audit_support            
3 6 'Structure model' chem_comp_atom                
4 6 'Structure model' chem_comp_bond                
5 6 'Structure model' database_2                    
6 6 'Structure model' pdbx_initial_refinement_model 
7 6 'Structure model' pdbx_struct_conn_angle        
8 6 'Structure model' struct_conn                   
# 
loop_
_pdbx_audit_revision_item.ordinal 
_pdbx_audit_revision_item.revision_ordinal 
_pdbx_audit_revision_item.data_content_type 
_pdbx_audit_revision_item.item 
1  4 'Structure model' '_pdbx_audit_support.funding_organization'    
2  5 'Structure model' '_pdbx_audit_support.funding_organization'    
3  6 'Structure model' '_database_2.pdbx_DOI'                        
4  6 'Structure model' '_database_2.pdbx_database_accession'         
5  6 'Structure model' '_pdbx_struct_conn_angle.ptnr1_auth_comp_id'  
6  6 'Structure model' '_pdbx_struct_conn_angle.ptnr1_auth_seq_id'   
7  6 'Structure model' '_pdbx_struct_conn_angle.ptnr1_label_asym_id' 
8  6 'Structure model' '_pdbx_struct_conn_angle.ptnr1_label_atom_id' 
9  6 'Structure model' '_pdbx_struct_conn_angle.ptnr1_label_comp_id' 
10 6 'Structure model' '_pdbx_struct_conn_angle.ptnr1_label_seq_id'  
11 6 'Structure model' '_pdbx_struct_conn_angle.ptnr3_auth_comp_id'  
12 6 'Structure model' '_pdbx_struct_conn_angle.ptnr3_auth_seq_id'   
13 6 'Structure model' '_pdbx_struct_conn_angle.ptnr3_label_asym_id' 
14 6 'Structure model' '_pdbx_struct_conn_angle.ptnr3_label_atom_id' 
15 6 'Structure model' '_pdbx_struct_conn_angle.ptnr3_label_comp_id' 
16 6 'Structure model' '_pdbx_struct_conn_angle.ptnr3_label_seq_id'  
17 6 'Structure model' '_pdbx_struct_conn_angle.value'               
18 6 'Structure model' '_struct_conn.pdbx_dist_value'                
19 6 'Structure model' '_struct_conn.ptnr1_auth_comp_id'             
20 6 'Structure model' '_struct_conn.ptnr1_auth_seq_id'              
21 6 'Structure model' '_struct_conn.ptnr1_label_asym_id'            
22 6 'Structure model' '_struct_conn.ptnr1_label_atom_id'            
23 6 'Structure model' '_struct_conn.ptnr1_label_comp_id'            
24 6 'Structure model' '_struct_conn.ptnr1_label_seq_id'             
25 6 'Structure model' '_struct_conn.ptnr2_auth_comp_id'             
26 6 'Structure model' '_struct_conn.ptnr2_auth_seq_id'              
27 6 'Structure model' '_struct_conn.ptnr2_label_asym_id'            
28 6 'Structure model' '_struct_conn.ptnr2_label_atom_id'            
29 6 'Structure model' '_struct_conn.ptnr2_label_comp_id'            
# 
loop_
_software.citation_id 
_software.classification 
_software.compiler_name 
_software.compiler_version 
_software.contact_author 
_software.contact_author_email 
_software.date 
_software.description 
_software.dependencies 
_software.hardware 
_software.language 
_software.location 
_software.mods 
_software.name 
_software.os 
_software.os_version 
_software.type 
_software.version 
_software.pdbx_ordinal 
? refinement       ? ? ? ? ? ? ? ? ? ? ? PHENIX   ? ? ? '(1.10_2155: ???)' 1 
? 'data reduction' ? ? ? ? ? ? ? ? ? ? ? HKL-2000 ? ? ? .                  2 
? 'data scaling'   ? ? ? ? ? ? ? ? ? ? ? HKL-2000 ? ? ? .                  3 
? phasing          ? ? ? ? ? ? ? ? ? ? ? PHENIX   ? ? ? .                  4 
# 
_pdbx_validate_close_contact.id               1 
_pdbx_validate_close_contact.PDB_model_num    1 
_pdbx_validate_close_contact.auth_atom_id_1   OH 
_pdbx_validate_close_contact.auth_asym_id_1   A 
_pdbx_validate_close_contact.auth_comp_id_1   TYR 
_pdbx_validate_close_contact.auth_seq_id_1    65 
_pdbx_validate_close_contact.PDB_ins_code_1   ? 
_pdbx_validate_close_contact.label_alt_id_1   ? 
_pdbx_validate_close_contact.auth_atom_id_2   O 
_pdbx_validate_close_contact.auth_asym_id_2   A 
_pdbx_validate_close_contact.auth_comp_id_2   HOH 
_pdbx_validate_close_contact.auth_seq_id_2    301 
_pdbx_validate_close_contact.PDB_ins_code_2   ? 
_pdbx_validate_close_contact.label_alt_id_2   ? 
_pdbx_validate_close_contact.dist             2.18 
# 
loop_
_pdbx_validate_torsion.id 
_pdbx_validate_torsion.PDB_model_num 
_pdbx_validate_torsion.auth_comp_id 
_pdbx_validate_torsion.auth_asym_id 
_pdbx_validate_torsion.auth_seq_id 
_pdbx_validate_torsion.PDB_ins_code 
_pdbx_validate_torsion.label_alt_id 
_pdbx_validate_torsion.phi 
_pdbx_validate_torsion.psi 
1 1 ASN A 55  ? ? -69.83 98.74   
2 1 THR A 74  ? ? 56.96  -164.41 
3 1 ASN A 104 ? ? 59.96  15.98   
# 
loop_
_pdbx_unobs_or_zero_occ_residues.id 
_pdbx_unobs_or_zero_occ_residues.PDB_model_num 
_pdbx_unobs_or_zero_occ_residues.polymer_flag 
_pdbx_unobs_or_zero_occ_residues.occupancy_flag 
_pdbx_unobs_or_zero_occ_residues.auth_asym_id 
_pdbx_unobs_or_zero_occ_residues.auth_comp_id 
_pdbx_unobs_or_zero_occ_residues.auth_seq_id 
_pdbx_unobs_or_zero_occ_residues.PDB_ins_code 
_pdbx_unobs_or_zero_occ_residues.label_asym_id 
_pdbx_unobs_or_zero_occ_residues.label_comp_id 
_pdbx_unobs_or_zero_occ_residues.label_seq_id 
1  1 Y 1 A MET 1   ? A MET 1   
2  1 Y 1 A ILE 76  ? A ILE 76  
3  1 Y 1 A ILE 77  ? A ILE 77  
4  1 Y 1 A SER 78  ? A SER 78  
5  1 Y 1 A PRO 79  ? A PRO 79  
6  1 Y 1 A VAL 80  ? A VAL 80  
7  1 Y 1 A LYS 81  ? A LYS 81  
8  1 Y 1 A LYS 82  ? A LYS 82  
9  1 Y 1 A ASN 83  ? A ASN 83  
10 1 Y 1 A SER 84  ? A SER 84  
11 1 Y 1 A ILE 85  ? A ILE 85  
12 1 Y 1 A LEU 86  ? A LEU 86  
13 1 Y 1 A LYS 87  ? A LYS 87  
14 1 Y 1 A ASP 88  ? A ASP 88  
15 1 Y 1 A PRO 89  ? A PRO 89  
16 1 Y 1 A PHE 90  ? A PHE 90  
17 1 Y 1 A ASN 91  ? A ASN 91  
18 1 Y 1 A ALA 92  ? A ALA 92  
19 1 Y 1 A PHE 93  ? A PHE 93  
20 1 Y 1 A ARG 94  ? A ARG 94  
21 1 Y 1 A GLU 95  ? A GLU 95  
22 1 Y 1 A GLN 96  ? A GLN 96  
23 1 Y 1 A ILE 97  ? A ILE 97  
24 1 Y 1 A ARG 191 ? A ARG 191 
25 1 Y 1 A TYR 192 ? A TYR 192 
26 1 Y 1 A LEU 193 ? A LEU 193 
27 1 Y 1 A ASN 194 ? A ASN 194 
# 
loop_
_chem_comp_atom.comp_id 
_chem_comp_atom.atom_id 
_chem_comp_atom.type_symbol 
_chem_comp_atom.pdbx_aromatic_flag 
_chem_comp_atom.pdbx_stereo_config 
_chem_comp_atom.pdbx_ordinal 
ALA N    N  N N 1   
ALA CA   C  N S 2   
ALA C    C  N N 3   
ALA O    O  N N 4   
ALA CB   C  N N 5   
ALA OXT  O  N N 6   
ALA H    H  N N 7   
ALA H2   H  N N 8   
ALA HA   H  N N 9   
ALA HB1  H  N N 10  
ALA HB2  H  N N 11  
ALA HB3  H  N N 12  
ALA HXT  H  N N 13  
ARG N    N  N N 14  
ARG CA   C  N S 15  
ARG C    C  N N 16  
ARG O    O  N N 17  
ARG CB   C  N N 18  
ARG CG   C  N N 19  
ARG CD   C  N N 20  
ARG NE   N  N N 21  
ARG CZ   C  N N 22  
ARG NH1  N  N N 23  
ARG NH2  N  N N 24  
ARG OXT  O  N N 25  
ARG H    H  N N 26  
ARG H2   H  N N 27  
ARG HA   H  N N 28  
ARG HB2  H  N N 29  
ARG HB3  H  N N 30  
ARG HG2  H  N N 31  
ARG HG3  H  N N 32  
ARG HD2  H  N N 33  
ARG HD3  H  N N 34  
ARG HE   H  N N 35  
ARG HH11 H  N N 36  
ARG HH12 H  N N 37  
ARG HH21 H  N N 38  
ARG HH22 H  N N 39  
ARG HXT  H  N N 40  
ASN N    N  N N 41  
ASN CA   C  N S 42  
ASN C    C  N N 43  
ASN O    O  N N 44  
ASN CB   C  N N 45  
ASN CG   C  N N 46  
ASN OD1  O  N N 47  
ASN ND2  N  N N 48  
ASN OXT  O  N N 49  
ASN H    H  N N 50  
ASN H2   H  N N 51  
ASN HA   H  N N 52  
ASN HB2  H  N N 53  
ASN HB3  H  N N 54  
ASN HD21 H  N N 55  
ASN HD22 H  N N 56  
ASN HXT  H  N N 57  
ASP N    N  N N 58  
ASP CA   C  N S 59  
ASP C    C  N N 60  
ASP O    O  N N 61  
ASP CB   C  N N 62  
ASP CG   C  N N 63  
ASP OD1  O  N N 64  
ASP OD2  O  N N 65  
ASP OXT  O  N N 66  
ASP H    H  N N 67  
ASP H2   H  N N 68  
ASP HA   H  N N 69  
ASP HB2  H  N N 70  
ASP HB3  H  N N 71  
ASP HD2  H  N N 72  
ASP HXT  H  N N 73  
CYS N    N  N N 74  
CYS CA   C  N R 75  
CYS C    C  N N 76  
CYS O    O  N N 77  
CYS CB   C  N N 78  
CYS SG   S  N N 79  
CYS OXT  O  N N 80  
CYS H    H  N N 81  
CYS H2   H  N N 82  
CYS HA   H  N N 83  
CYS HB2  H  N N 84  
CYS HB3  H  N N 85  
CYS HG   H  N N 86  
CYS HXT  H  N N 87  
EDO C1   C  N N 88  
EDO O1   O  N N 89  
EDO C2   C  N N 90  
EDO O2   O  N N 91  
EDO H11  H  N N 92  
EDO H12  H  N N 93  
EDO HO1  H  N N 94  
EDO H21  H  N N 95  
EDO H22  H  N N 96  
EDO HO2  H  N N 97  
GLN N    N  N N 98  
GLN CA   C  N S 99  
GLN C    C  N N 100 
GLN O    O  N N 101 
GLN CB   C  N N 102 
GLN CG   C  N N 103 
GLN CD   C  N N 104 
GLN OE1  O  N N 105 
GLN NE2  N  N N 106 
GLN OXT  O  N N 107 
GLN H    H  N N 108 
GLN H2   H  N N 109 
GLN HA   H  N N 110 
GLN HB2  H  N N 111 
GLN HB3  H  N N 112 
GLN HG2  H  N N 113 
GLN HG3  H  N N 114 
GLN HE21 H  N N 115 
GLN HE22 H  N N 116 
GLN HXT  H  N N 117 
GLU N    N  N N 118 
GLU CA   C  N S 119 
GLU C    C  N N 120 
GLU O    O  N N 121 
GLU CB   C  N N 122 
GLU CG   C  N N 123 
GLU CD   C  N N 124 
GLU OE1  O  N N 125 
GLU OE2  O  N N 126 
GLU OXT  O  N N 127 
GLU H    H  N N 128 
GLU H2   H  N N 129 
GLU HA   H  N N 130 
GLU HB2  H  N N 131 
GLU HB3  H  N N 132 
GLU HG2  H  N N 133 
GLU HG3  H  N N 134 
GLU HE2  H  N N 135 
GLU HXT  H  N N 136 
GLY N    N  N N 137 
GLY CA   C  N N 138 
GLY C    C  N N 139 
GLY O    O  N N 140 
GLY OXT  O  N N 141 
GLY H    H  N N 142 
GLY H2   H  N N 143 
GLY HA2  H  N N 144 
GLY HA3  H  N N 145 
GLY HXT  H  N N 146 
HIS N    N  N N 147 
HIS CA   C  N S 148 
HIS C    C  N N 149 
HIS O    O  N N 150 
HIS CB   C  N N 151 
HIS CG   C  Y N 152 
HIS ND1  N  Y N 153 
HIS CD2  C  Y N 154 
HIS CE1  C  Y N 155 
HIS NE2  N  Y N 156 
HIS OXT  O  N N 157 
HIS H    H  N N 158 
HIS H2   H  N N 159 
HIS HA   H  N N 160 
HIS HB2  H  N N 161 
HIS HB3  H  N N 162 
HIS HD1  H  N N 163 
HIS HD2  H  N N 164 
HIS HE1  H  N N 165 
HIS HE2  H  N N 166 
HIS HXT  H  N N 167 
HOH O    O  N N 168 
HOH H1   H  N N 169 
HOH H2   H  N N 170 
ILE N    N  N N 171 
ILE CA   C  N S 172 
ILE C    C  N N 173 
ILE O    O  N N 174 
ILE CB   C  N S 175 
ILE CG1  C  N N 176 
ILE CG2  C  N N 177 
ILE CD1  C  N N 178 
ILE OXT  O  N N 179 
ILE H    H  N N 180 
ILE H2   H  N N 181 
ILE HA   H  N N 182 
ILE HB   H  N N 183 
ILE HG12 H  N N 184 
ILE HG13 H  N N 185 
ILE HG21 H  N N 186 
ILE HG22 H  N N 187 
ILE HG23 H  N N 188 
ILE HD11 H  N N 189 
ILE HD12 H  N N 190 
ILE HD13 H  N N 191 
ILE HXT  H  N N 192 
LEU N    N  N N 193 
LEU CA   C  N S 194 
LEU C    C  N N 195 
LEU O    O  N N 196 
LEU CB   C  N N 197 
LEU CG   C  N N 198 
LEU CD1  C  N N 199 
LEU CD2  C  N N 200 
LEU OXT  O  N N 201 
LEU H    H  N N 202 
LEU H2   H  N N 203 
LEU HA   H  N N 204 
LEU HB2  H  N N 205 
LEU HB3  H  N N 206 
LEU HG   H  N N 207 
LEU HD11 H  N N 208 
LEU HD12 H  N N 209 
LEU HD13 H  N N 210 
LEU HD21 H  N N 211 
LEU HD22 H  N N 212 
LEU HD23 H  N N 213 
LEU HXT  H  N N 214 
LYS N    N  N N 215 
LYS CA   C  N S 216 
LYS C    C  N N 217 
LYS O    O  N N 218 
LYS CB   C  N N 219 
LYS CG   C  N N 220 
LYS CD   C  N N 221 
LYS CE   C  N N 222 
LYS NZ   N  N N 223 
LYS OXT  O  N N 224 
LYS H    H  N N 225 
LYS H2   H  N N 226 
LYS HA   H  N N 227 
LYS HB2  H  N N 228 
LYS HB3  H  N N 229 
LYS HG2  H  N N 230 
LYS HG3  H  N N 231 
LYS HD2  H  N N 232 
LYS HD3  H  N N 233 
LYS HE2  H  N N 234 
LYS HE3  H  N N 235 
LYS HZ1  H  N N 236 
LYS HZ2  H  N N 237 
LYS HZ3  H  N N 238 
LYS HXT  H  N N 239 
MET N    N  N N 240 
MET CA   C  N S 241 
MET C    C  N N 242 
MET O    O  N N 243 
MET CB   C  N N 244 
MET CG   C  N N 245 
MET SD   S  N N 246 
MET CE   C  N N 247 
MET OXT  O  N N 248 
MET H    H  N N 249 
MET H2   H  N N 250 
MET HA   H  N N 251 
MET HB2  H  N N 252 
MET HB3  H  N N 253 
MET HG2  H  N N 254 
MET HG3  H  N N 255 
MET HE1  H  N N 256 
MET HE2  H  N N 257 
MET HE3  H  N N 258 
MET HXT  H  N N 259 
MG  MG   MG N N 260 
PHE N    N  N N 261 
PHE CA   C  N S 262 
PHE C    C  N N 263 
PHE O    O  N N 264 
PHE CB   C  N N 265 
PHE CG   C  Y N 266 
PHE CD1  C  Y N 267 
PHE CD2  C  Y N 268 
PHE CE1  C  Y N 269 
PHE CE2  C  Y N 270 
PHE CZ   C  Y N 271 
PHE OXT  O  N N 272 
PHE H    H  N N 273 
PHE H2   H  N N 274 
PHE HA   H  N N 275 
PHE HB2  H  N N 276 
PHE HB3  H  N N 277 
PHE HD1  H  N N 278 
PHE HD2  H  N N 279 
PHE HE1  H  N N 280 
PHE HE2  H  N N 281 
PHE HZ   H  N N 282 
PHE HXT  H  N N 283 
PRO N    N  N N 284 
PRO CA   C  N S 285 
PRO C    C  N N 286 
PRO O    O  N N 287 
PRO CB   C  N N 288 
PRO CG   C  N N 289 
PRO CD   C  N N 290 
PRO OXT  O  N N 291 
PRO H    H  N N 292 
PRO HA   H  N N 293 
PRO HB2  H  N N 294 
PRO HB3  H  N N 295 
PRO HG2  H  N N 296 
PRO HG3  H  N N 297 
PRO HD2  H  N N 298 
PRO HD3  H  N N 299 
PRO HXT  H  N N 300 
SER N    N  N N 301 
SER CA   C  N S 302 
SER C    C  N N 303 
SER O    O  N N 304 
SER CB   C  N N 305 
SER OG   O  N N 306 
SER OXT  O  N N 307 
SER H    H  N N 308 
SER H2   H  N N 309 
SER HA   H  N N 310 
SER HB2  H  N N 311 
SER HB3  H  N N 312 
SER HG   H  N N 313 
SER HXT  H  N N 314 
THR N    N  N N 315 
THR CA   C  N S 316 
THR C    C  N N 317 
THR O    O  N N 318 
THR CB   C  N R 319 
THR OG1  O  N N 320 
THR CG2  C  N N 321 
THR OXT  O  N N 322 
THR H    H  N N 323 
THR H2   H  N N 324 
THR HA   H  N N 325 
THR HB   H  N N 326 
THR HG1  H  N N 327 
THR HG21 H  N N 328 
THR HG22 H  N N 329 
THR HG23 H  N N 330 
THR HXT  H  N N 331 
TRP N    N  N N 332 
TRP CA   C  N S 333 
TRP C    C  N N 334 
TRP O    O  N N 335 
TRP CB   C  N N 336 
TRP CG   C  Y N 337 
TRP CD1  C  Y N 338 
TRP CD2  C  Y N 339 
TRP NE1  N  Y N 340 
TRP CE2  C  Y N 341 
TRP CE3  C  Y N 342 
TRP CZ2  C  Y N 343 
TRP CZ3  C  Y N 344 
TRP CH2  C  Y N 345 
TRP OXT  O  N N 346 
TRP H    H  N N 347 
TRP H2   H  N N 348 
TRP HA   H  N N 349 
TRP HB2  H  N N 350 
TRP HB3  H  N N 351 
TRP HD1  H  N N 352 
TRP HE1  H  N N 353 
TRP HE3  H  N N 354 
TRP HZ2  H  N N 355 
TRP HZ3  H  N N 356 
TRP HH2  H  N N 357 
TRP HXT  H  N N 358 
TYR N    N  N N 359 
TYR CA   C  N S 360 
TYR C    C  N N 361 
TYR O    O  N N 362 
TYR CB   C  N N 363 
TYR CG   C  Y N 364 
TYR CD1  C  Y N 365 
TYR CD2  C  Y N 366 
TYR CE1  C  Y N 367 
TYR CE2  C  Y N 368 
TYR CZ   C  Y N 369 
TYR OH   O  N N 370 
TYR OXT  O  N N 371 
TYR H    H  N N 372 
TYR H2   H  N N 373 
TYR HA   H  N N 374 
TYR HB2  H  N N 375 
TYR HB3  H  N N 376 
TYR HD1  H  N N 377 
TYR HD2  H  N N 378 
TYR HE1  H  N N 379 
TYR HE2  H  N N 380 
TYR HH   H  N N 381 
TYR HXT  H  N N 382 
VAL N    N  N N 383 
VAL CA   C  N S 384 
VAL C    C  N N 385 
VAL O    O  N N 386 
VAL CB   C  N N 387 
VAL CG1  C  N N 388 
VAL CG2  C  N N 389 
VAL OXT  O  N N 390 
VAL H    H  N N 391 
VAL H2   H  N N 392 
VAL HA   H  N N 393 
VAL HB   H  N N 394 
VAL HG11 H  N N 395 
VAL HG12 H  N N 396 
VAL HG13 H  N N 397 
VAL HG21 H  N N 398 
VAL HG22 H  N N 399 
VAL HG23 H  N N 400 
VAL HXT  H  N N 401 
# 
loop_
_chem_comp_bond.comp_id 
_chem_comp_bond.atom_id_1 
_chem_comp_bond.atom_id_2 
_chem_comp_bond.value_order 
_chem_comp_bond.pdbx_aromatic_flag 
_chem_comp_bond.pdbx_stereo_config 
_chem_comp_bond.pdbx_ordinal 
ALA N   CA   sing N N 1   
ALA N   H    sing N N 2   
ALA N   H2   sing N N 3   
ALA CA  C    sing N N 4   
ALA CA  CB   sing N N 5   
ALA CA  HA   sing N N 6   
ALA C   O    doub N N 7   
ALA C   OXT  sing N N 8   
ALA CB  HB1  sing N N 9   
ALA CB  HB2  sing N N 10  
ALA CB  HB3  sing N N 11  
ALA OXT HXT  sing N N 12  
ARG N   CA   sing N N 13  
ARG N   H    sing N N 14  
ARG N   H2   sing N N 15  
ARG CA  C    sing N N 16  
ARG CA  CB   sing N N 17  
ARG CA  HA   sing N N 18  
ARG C   O    doub N N 19  
ARG C   OXT  sing N N 20  
ARG CB  CG   sing N N 21  
ARG CB  HB2  sing N N 22  
ARG CB  HB3  sing N N 23  
ARG CG  CD   sing N N 24  
ARG CG  HG2  sing N N 25  
ARG CG  HG3  sing N N 26  
ARG CD  NE   sing N N 27  
ARG CD  HD2  sing N N 28  
ARG CD  HD3  sing N N 29  
ARG NE  CZ   sing N N 30  
ARG NE  HE   sing N N 31  
ARG CZ  NH1  sing N N 32  
ARG CZ  NH2  doub N N 33  
ARG NH1 HH11 sing N N 34  
ARG NH1 HH12 sing N N 35  
ARG NH2 HH21 sing N N 36  
ARG NH2 HH22 sing N N 37  
ARG OXT HXT  sing N N 38  
ASN N   CA   sing N N 39  
ASN N   H    sing N N 40  
ASN N   H2   sing N N 41  
ASN CA  C    sing N N 42  
ASN CA  CB   sing N N 43  
ASN CA  HA   sing N N 44  
ASN C   O    doub N N 45  
ASN C   OXT  sing N N 46  
ASN CB  CG   sing N N 47  
ASN CB  HB2  sing N N 48  
ASN CB  HB3  sing N N 49  
ASN CG  OD1  doub N N 50  
ASN CG  ND2  sing N N 51  
ASN ND2 HD21 sing N N 52  
ASN ND2 HD22 sing N N 53  
ASN OXT HXT  sing N N 54  
ASP N   CA   sing N N 55  
ASP N   H    sing N N 56  
ASP N   H2   sing N N 57  
ASP CA  C    sing N N 58  
ASP CA  CB   sing N N 59  
ASP CA  HA   sing N N 60  
ASP C   O    doub N N 61  
ASP C   OXT  sing N N 62  
ASP CB  CG   sing N N 63  
ASP CB  HB2  sing N N 64  
ASP CB  HB3  sing N N 65  
ASP CG  OD1  doub N N 66  
ASP CG  OD2  sing N N 67  
ASP OD2 HD2  sing N N 68  
ASP OXT HXT  sing N N 69  
CYS N   CA   sing N N 70  
CYS N   H    sing N N 71  
CYS N   H2   sing N N 72  
CYS CA  C    sing N N 73  
CYS CA  CB   sing N N 74  
CYS CA  HA   sing N N 75  
CYS C   O    doub N N 76  
CYS C   OXT  sing N N 77  
CYS CB  SG   sing N N 78  
CYS CB  HB2  sing N N 79  
CYS CB  HB3  sing N N 80  
CYS SG  HG   sing N N 81  
CYS OXT HXT  sing N N 82  
EDO C1  O1   sing N N 83  
EDO C1  C2   sing N N 84  
EDO C1  H11  sing N N 85  
EDO C1  H12  sing N N 86  
EDO O1  HO1  sing N N 87  
EDO C2  O2   sing N N 88  
EDO C2  H21  sing N N 89  
EDO C2  H22  sing N N 90  
EDO O2  HO2  sing N N 91  
GLN N   CA   sing N N 92  
GLN N   H    sing N N 93  
GLN N   H2   sing N N 94  
GLN CA  C    sing N N 95  
GLN CA  CB   sing N N 96  
GLN CA  HA   sing N N 97  
GLN C   O    doub N N 98  
GLN C   OXT  sing N N 99  
GLN CB  CG   sing N N 100 
GLN CB  HB2  sing N N 101 
GLN CB  HB3  sing N N 102 
GLN CG  CD   sing N N 103 
GLN CG  HG2  sing N N 104 
GLN CG  HG3  sing N N 105 
GLN CD  OE1  doub N N 106 
GLN CD  NE2  sing N N 107 
GLN NE2 HE21 sing N N 108 
GLN NE2 HE22 sing N N 109 
GLN OXT HXT  sing N N 110 
GLU N   CA   sing N N 111 
GLU N   H    sing N N 112 
GLU N   H2   sing N N 113 
GLU CA  C    sing N N 114 
GLU CA  CB   sing N N 115 
GLU CA  HA   sing N N 116 
GLU C   O    doub N N 117 
GLU C   OXT  sing N N 118 
GLU CB  CG   sing N N 119 
GLU CB  HB2  sing N N 120 
GLU CB  HB3  sing N N 121 
GLU CG  CD   sing N N 122 
GLU CG  HG2  sing N N 123 
GLU CG  HG3  sing N N 124 
GLU CD  OE1  doub N N 125 
GLU CD  OE2  sing N N 126 
GLU OE2 HE2  sing N N 127 
GLU OXT HXT  sing N N 128 
GLY N   CA   sing N N 129 
GLY N   H    sing N N 130 
GLY N   H2   sing N N 131 
GLY CA  C    sing N N 132 
GLY CA  HA2  sing N N 133 
GLY CA  HA3  sing N N 134 
GLY C   O    doub N N 135 
GLY C   OXT  sing N N 136 
GLY OXT HXT  sing N N 137 
HIS N   CA   sing N N 138 
HIS N   H    sing N N 139 
HIS N   H2   sing N N 140 
HIS CA  C    sing N N 141 
HIS CA  CB   sing N N 142 
HIS CA  HA   sing N N 143 
HIS C   O    doub N N 144 
HIS C   OXT  sing N N 145 
HIS CB  CG   sing N N 146 
HIS CB  HB2  sing N N 147 
HIS CB  HB3  sing N N 148 
HIS CG  ND1  sing Y N 149 
HIS CG  CD2  doub Y N 150 
HIS ND1 CE1  doub Y N 151 
HIS ND1 HD1  sing N N 152 
HIS CD2 NE2  sing Y N 153 
HIS CD2 HD2  sing N N 154 
HIS CE1 NE2  sing Y N 155 
HIS CE1 HE1  sing N N 156 
HIS NE2 HE2  sing N N 157 
HIS OXT HXT  sing N N 158 
HOH O   H1   sing N N 159 
HOH O   H2   sing N N 160 
ILE N   CA   sing N N 161 
ILE N   H    sing N N 162 
ILE N   H2   sing N N 163 
ILE CA  C    sing N N 164 
ILE CA  CB   sing N N 165 
ILE CA  HA   sing N N 166 
ILE C   O    doub N N 167 
ILE C   OXT  sing N N 168 
ILE CB  CG1  sing N N 169 
ILE CB  CG2  sing N N 170 
ILE CB  HB   sing N N 171 
ILE CG1 CD1  sing N N 172 
ILE CG1 HG12 sing N N 173 
ILE CG1 HG13 sing N N 174 
ILE CG2 HG21 sing N N 175 
ILE CG2 HG22 sing N N 176 
ILE CG2 HG23 sing N N 177 
ILE CD1 HD11 sing N N 178 
ILE CD1 HD12 sing N N 179 
ILE CD1 HD13 sing N N 180 
ILE OXT HXT  sing N N 181 
LEU N   CA   sing N N 182 
LEU N   H    sing N N 183 
LEU N   H2   sing N N 184 
LEU CA  C    sing N N 185 
LEU CA  CB   sing N N 186 
LEU CA  HA   sing N N 187 
LEU C   O    doub N N 188 
LEU C   OXT  sing N N 189 
LEU CB  CG   sing N N 190 
LEU CB  HB2  sing N N 191 
LEU CB  HB3  sing N N 192 
LEU CG  CD1  sing N N 193 
LEU CG  CD2  sing N N 194 
LEU CG  HG   sing N N 195 
LEU CD1 HD11 sing N N 196 
LEU CD1 HD12 sing N N 197 
LEU CD1 HD13 sing N N 198 
LEU CD2 HD21 sing N N 199 
LEU CD2 HD22 sing N N 200 
LEU CD2 HD23 sing N N 201 
LEU OXT HXT  sing N N 202 
LYS N   CA   sing N N 203 
LYS N   H    sing N N 204 
LYS N   H2   sing N N 205 
LYS CA  C    sing N N 206 
LYS CA  CB   sing N N 207 
LYS CA  HA   sing N N 208 
LYS C   O    doub N N 209 
LYS C   OXT  sing N N 210 
LYS CB  CG   sing N N 211 
LYS CB  HB2  sing N N 212 
LYS CB  HB3  sing N N 213 
LYS CG  CD   sing N N 214 
LYS CG  HG2  sing N N 215 
LYS CG  HG3  sing N N 216 
LYS CD  CE   sing N N 217 
LYS CD  HD2  sing N N 218 
LYS CD  HD3  sing N N 219 
LYS CE  NZ   sing N N 220 
LYS CE  HE2  sing N N 221 
LYS CE  HE3  sing N N 222 
LYS NZ  HZ1  sing N N 223 
LYS NZ  HZ2  sing N N 224 
LYS NZ  HZ3  sing N N 225 
LYS OXT HXT  sing N N 226 
MET N   CA   sing N N 227 
MET N   H    sing N N 228 
MET N   H2   sing N N 229 
MET CA  C    sing N N 230 
MET CA  CB   sing N N 231 
MET CA  HA   sing N N 232 
MET C   O    doub N N 233 
MET C   OXT  sing N N 234 
MET CB  CG   sing N N 235 
MET CB  HB2  sing N N 236 
MET CB  HB3  sing N N 237 
MET CG  SD   sing N N 238 
MET CG  HG2  sing N N 239 
MET CG  HG3  sing N N 240 
MET SD  CE   sing N N 241 
MET CE  HE1  sing N N 242 
MET CE  HE2  sing N N 243 
MET CE  HE3  sing N N 244 
MET OXT HXT  sing N N 245 
PHE N   CA   sing N N 246 
PHE N   H    sing N N 247 
PHE N   H2   sing N N 248 
PHE CA  C    sing N N 249 
PHE CA  CB   sing N N 250 
PHE CA  HA   sing N N 251 
PHE C   O    doub N N 252 
PHE C   OXT  sing N N 253 
PHE CB  CG   sing N N 254 
PHE CB  HB2  sing N N 255 
PHE CB  HB3  sing N N 256 
PHE CG  CD1  doub Y N 257 
PHE CG  CD2  sing Y N 258 
PHE CD1 CE1  sing Y N 259 
PHE CD1 HD1  sing N N 260 
PHE CD2 CE2  doub Y N 261 
PHE CD2 HD2  sing N N 262 
PHE CE1 CZ   doub Y N 263 
PHE CE1 HE1  sing N N 264 
PHE CE2 CZ   sing Y N 265 
PHE CE2 HE2  sing N N 266 
PHE CZ  HZ   sing N N 267 
PHE OXT HXT  sing N N 268 
PRO N   CA   sing N N 269 
PRO N   CD   sing N N 270 
PRO N   H    sing N N 271 
PRO CA  C    sing N N 272 
PRO CA  CB   sing N N 273 
PRO CA  HA   sing N N 274 
PRO C   O    doub N N 275 
PRO C   OXT  sing N N 276 
PRO CB  CG   sing N N 277 
PRO CB  HB2  sing N N 278 
PRO CB  HB3  sing N N 279 
PRO CG  CD   sing N N 280 
PRO CG  HG2  sing N N 281 
PRO CG  HG3  sing N N 282 
PRO CD  HD2  sing N N 283 
PRO CD  HD3  sing N N 284 
PRO OXT HXT  sing N N 285 
SER N   CA   sing N N 286 
SER N   H    sing N N 287 
SER N   H2   sing N N 288 
SER CA  C    sing N N 289 
SER CA  CB   sing N N 290 
SER CA  HA   sing N N 291 
SER C   O    doub N N 292 
SER C   OXT  sing N N 293 
SER CB  OG   sing N N 294 
SER CB  HB2  sing N N 295 
SER CB  HB3  sing N N 296 
SER OG  HG   sing N N 297 
SER OXT HXT  sing N N 298 
THR N   CA   sing N N 299 
THR N   H    sing N N 300 
THR N   H2   sing N N 301 
THR CA  C    sing N N 302 
THR CA  CB   sing N N 303 
THR CA  HA   sing N N 304 
THR C   O    doub N N 305 
THR C   OXT  sing N N 306 
THR CB  OG1  sing N N 307 
THR CB  CG2  sing N N 308 
THR CB  HB   sing N N 309 
THR OG1 HG1  sing N N 310 
THR CG2 HG21 sing N N 311 
THR CG2 HG22 sing N N 312 
THR CG2 HG23 sing N N 313 
THR OXT HXT  sing N N 314 
TRP N   CA   sing N N 315 
TRP N   H    sing N N 316 
TRP N   H2   sing N N 317 
TRP CA  C    sing N N 318 
TRP CA  CB   sing N N 319 
TRP CA  HA   sing N N 320 
TRP C   O    doub N N 321 
TRP C   OXT  sing N N 322 
TRP CB  CG   sing N N 323 
TRP CB  HB2  sing N N 324 
TRP CB  HB3  sing N N 325 
TRP CG  CD1  doub Y N 326 
TRP CG  CD2  sing Y N 327 
TRP CD1 NE1  sing Y N 328 
TRP CD1 HD1  sing N N 329 
TRP CD2 CE2  doub Y N 330 
TRP CD2 CE3  sing Y N 331 
TRP NE1 CE2  sing Y N 332 
TRP NE1 HE1  sing N N 333 
TRP CE2 CZ2  sing Y N 334 
TRP CE3 CZ3  doub Y N 335 
TRP CE3 HE3  sing N N 336 
TRP CZ2 CH2  doub Y N 337 
TRP CZ2 HZ2  sing N N 338 
TRP CZ3 CH2  sing Y N 339 
TRP CZ3 HZ3  sing N N 340 
TRP CH2 HH2  sing N N 341 
TRP OXT HXT  sing N N 342 
TYR N   CA   sing N N 343 
TYR N   H    sing N N 344 
TYR N   H2   sing N N 345 
TYR CA  C    sing N N 346 
TYR CA  CB   sing N N 347 
TYR CA  HA   sing N N 348 
TYR C   O    doub N N 349 
TYR C   OXT  sing N N 350 
TYR CB  CG   sing N N 351 
TYR CB  HB2  sing N N 352 
TYR CB  HB3  sing N N 353 
TYR CG  CD1  doub Y N 354 
TYR CG  CD2  sing Y N 355 
TYR CD1 CE1  sing Y N 356 
TYR CD1 HD1  sing N N 357 
TYR CD2 CE2  doub Y N 358 
TYR CD2 HD2  sing N N 359 
TYR CE1 CZ   doub Y N 360 
TYR CE1 HE1  sing N N 361 
TYR CE2 CZ   sing Y N 362 
TYR CE2 HE2  sing N N 363 
TYR CZ  OH   sing N N 364 
TYR OH  HH   sing N N 365 
TYR OXT HXT  sing N N 366 
VAL N   CA   sing N N 367 
VAL N   H    sing N N 368 
VAL N   H2   sing N N 369 
VAL CA  C    sing N N 370 
VAL CA  CB   sing N N 371 
VAL CA  HA   sing N N 372 
VAL C   O    doub N N 373 
VAL C   OXT  sing N N 374 
VAL CB  CG1  sing N N 375 
VAL CB  CG2  sing N N 376 
VAL CB  HB   sing N N 377 
VAL CG1 HG11 sing N N 378 
VAL CG1 HG12 sing N N 379 
VAL CG1 HG13 sing N N 380 
VAL CG2 HG21 sing N N 381 
VAL CG2 HG22 sing N N 382 
VAL CG2 HG23 sing N N 383 
VAL OXT HXT  sing N N 384 
# 
_pdbx_audit_support.funding_organization   
'National Institutes of Health/National Institute of General Medical Sciences (NIH/NIGMS)' 
_pdbx_audit_support.country                'United States' 
_pdbx_audit_support.grant_number           F32-GM108189 
_pdbx_audit_support.ordinal                1 
# 
loop_
_pdbx_entity_nonpoly.entity_id 
_pdbx_entity_nonpoly.name 
_pdbx_entity_nonpoly.comp_id 
2 'MAGNESIUM ION' MG  
3 1,2-ETHANEDIOL  EDO 
4 water           HOH 
# 
_pdbx_initial_refinement_model.id               1 
_pdbx_initial_refinement_model.entity_id_list   ? 
_pdbx_initial_refinement_model.type             'experimental model' 
_pdbx_initial_refinement_model.source_name      PDB 
_pdbx_initial_refinement_model.accession_code   2PAR 
_pdbx_initial_refinement_model.details          ? 
# 
